data_7OGT
#
_entry.id   7OGT
#
loop_
_entity.id
_entity.type
_entity.pdbx_description
1 polymer 'Structural maintenance of chromosomes protein 1'
2 polymer 'Structural maintenance of chromosomes protein 3'
#
loop_
_entity_poly.entity_id
_entity_poly.type
_entity_poly.pdbx_seq_one_letter_code
_entity_poly.pdbx_strand_id
1 'polypeptide(L)'
;MGRLVGLELSNFKSYRGVTKVGFGESNFTSIIGPNGSGKSNMMDAISFVLGVRSNHLRSNILKDLIYRGVLNDENSDDYD
NEGAASSNPQSAYVKAFYQKGNKLVELMRIISRNGDTSYKIDGKTVSYKDYSIFLENENILIKAKNFLVFQGDVEQIAAQ
SPVELSRMFEEVSGSIQYKKEYEELKEKIEKLSKSATESIKNRRRIHGELKTYKEGINKNEEYRKQLDKKNELQKFQALW
QLYHLEQQKEELTDKLSALNSEISSLKGKINNEMKSLQRSKSSFVKESAVISKQKSKLDYIFKDKEKLVSDLRLIKVPQQ
AAGKRISHIEKRIESLQKDLQRQKTYVERFETQLKVVTRSKEAFEEEIKQSARNYDKFKLNENDLKTYNCLHEKYLTEGG
SILEEKIAVLNNDKREIQEELERFNKRADISKRRITEELSITGEKLDTQLNDLRVSLNEKNALHTERLHELKKLQSDIES
ANNQEYDLNFKLRETLVKIDDLSANQRETMKERKLRENIAMLKRFFPGVKGLVHDLCHPKKEKYGLAVSTILGKNFDSVI
VENLTVAQECIAFLKKQRAGTASFIPLDTIETELPTLSLPDSQDYILSINAIDYEPEYEKAMQYVCGDSIICNTLNIAKD
LKWKKGIRGKLVTIEGALIHKAGLMTGGISGDANNRWDKEEYQSLMSLKDKLLIQIDELSNGQRSNSIRAREVENSVSLL
NSDIANLRTQVTQQKRSLDENRLEIKYHNDLIEKEIQPKITELKKKLDDLENTKDNLVKEKEALQNNIFKEFTSKIGFTI
KEYENHSGELMRQQSKELQQLQKQILTVENKLQFETDRLSTTQRRYEKAQKDLENAQVEMKSLEEQEYAIEMKIGSIESK
LEEHKNHLDELQKKFVTKQSELNSSEDILEDMNSNLQVLKRERDGIKEDIEKFDLERVTALKNCKISNINIPISSETTID
DLPISSTDNEAITISNSIDINYKGLPKKYKENNTDSARKELEQKIHEVEEILNELQPNARALERYDEAEGRFEVINNETE
QLKAEEKKILNQFLKIKKKRKELFEKTFDYVSDHLDAIYRELTKNPNSNVELAGGNASLTIEDEDEPFNAGIKYHATPPL
KRFKDMEYLSGGEKTVAALALLFAINSYQPSPFFVLDEVDAALDITNVQRIAAYIRRHRNPDLQFIVISLKNTMFEKSDA
LVGVYRQQQENSSKIITLDLSNYAE
;
A
2 'polypeptide(L)'
;MYIKRVIIKGFKTYRNETIIDNFSPHQNVIIGSNGSGKSNFFAAIRFVLSDDYSNLKREERQGLIHQGSGGSVMSASVEI
VFHDPDHSMILPSGVLSRGDDEVTIRRTVGLKKDDYQLNDRNVTKGDIVRMLETAGFSMNNPYNIVPQGKIVALTNAKDK
ERLQLLEDVVGAKSFEVKLKASLKKMEETEQKKIQINKEMGELNSKLSEMEQERKELEKYNELERNRKIYQFTLYDRELN
EVINQMERLDGDYNNTVYSSEQYIQELDKREDMIDQVSKKLSSIEASLKIKNATDLQQAKLRESEISQKLTNVNVKIKDV
QQQIESNEEQRNLDSATLKEIKSIIEQRKQKLSKILPRYQELTKEEAMYKLQLASLQQKQRDLILKKGEYARFKSKDERD
TWIHSEIEELKSSIQNLNELESQLQMDRTSLRKQYSAIDEEIEELIDSINGPDTKGQLEDFDSELIHLKQKLSESLDTRK
ELWRKEQKLQTVLETLLSDVNQNQRNVNETMSRSLANGIINVKEITEKLKISPESVFGTLGELIKVNDKYKTCAEVIGGN
SLFHIVVDTEETATLIMNELYRMKGGRVTFIPLNRLSLDSDVKFPSNTTTQIQFTPLIKKIKYEPRFEKAVKHVFGKTIV
VKDLGQGLKLAKKHKLNAITLDGDRADKRGVLTGGYLDQHKRTRLESLKNLNESRSQHKKILEELDFVRNELNDIDTKID
QVNGNIRKVSNDRESVLTNIEVYRTSLNTKKNEKLILEESLNAIILKLEKLNTNRTFAQEKLNTFENDLLQEFDSELSKE
EKERLESLTKEISAAHNKLNITSDALEGITTTIDSLNAELESKLIPQENDLESKMSEVGDAFIFGLQDELKELQLEKESV
EKQHENAVLELGTVQREIESLIAEETNNKKLLEKANNQQRLLLKKLDNFQKSVEKTMIKKTTLVTRREELQQRIREIGLL
PEDALVNDFSDITSDQLLQRLNDMNTEISGLKNVNKRAFENFKKFNERRKDLAERASELDESKDSIQDLIVKLKQQKVNA
VDSTFQKVSENFEAVFERLVPRGTAKLIIHRKNDNANDHDESIDVDMDAESNESQNGKDSEIMYTGVSISVSFNSKQNEQ
LHVEQLSGGQKTVCAIALILAIQMVDPASFYLFDEIDAALDKQYRTAVATLLKELSKNAQFICTTFRTDMLQVADKFFRV
KYENKISTVIEVNREEAIGFIRGSNKFAEV
;
B
#
# COMPACT_ATOMS: atom_id res chain seq x y z
N GLN A 247 -84.44 9.29 48.56
CA GLN A 247 -83.64 10.40 49.04
C GLN A 247 -82.34 9.91 49.68
N GLN A 248 -82.46 9.25 50.83
CA GLN A 248 -81.30 8.73 51.54
C GLN A 248 -80.67 7.54 50.83
N LYS A 249 -81.37 6.92 49.89
CA LYS A 249 -80.79 5.78 49.18
C LYS A 249 -79.55 6.19 48.41
N GLU A 250 -79.59 7.36 47.76
CA GLU A 250 -78.41 7.85 47.05
C GLU A 250 -77.25 8.06 48.01
N GLU A 251 -77.52 8.61 49.20
CA GLU A 251 -76.46 8.79 50.19
C GLU A 251 -75.87 7.47 50.62
N LEU A 252 -76.71 6.45 50.84
CA LEU A 252 -76.20 5.15 51.23
C LEU A 252 -75.35 4.53 50.13
N THR A 253 -75.80 4.65 48.87
CA THR A 253 -75.01 4.13 47.77
C THR A 253 -73.67 4.84 47.65
N ASP A 254 -73.68 6.17 47.83
CA ASP A 254 -72.43 6.92 47.79
C ASP A 254 -71.50 6.50 48.92
N LYS A 255 -72.04 6.27 50.11
CA LYS A 255 -71.21 5.84 51.23
C LYS A 255 -70.61 4.47 50.95
N LEU A 256 -71.40 3.54 50.41
CA LEU A 256 -70.87 2.21 50.08
C LEU A 256 -69.78 2.31 49.02
N SER A 257 -70.00 3.13 48.00
CA SER A 257 -68.98 3.31 46.97
C SER A 257 -67.71 3.92 47.55
N ALA A 258 -67.87 4.88 48.46
CA ALA A 258 -66.71 5.49 49.09
C ALA A 258 -65.94 4.48 49.94
N LEU A 259 -66.65 3.62 50.67
CA LEU A 259 -65.98 2.58 51.44
C LEU A 259 -65.22 1.62 50.53
N ASN A 260 -65.84 1.20 49.43
CA ASN A 260 -65.15 0.33 48.50
C ASN A 260 -63.92 1.01 47.92
N SER A 261 -64.05 2.28 47.56
CA SER A 261 -62.91 3.03 47.02
C SER A 261 -61.80 3.15 48.05
N GLU A 262 -62.16 3.36 49.32
CA GLU A 262 -61.15 3.45 50.37
C GLU A 262 -60.42 2.12 50.54
N ILE A 263 -61.16 1.01 50.50
CA ILE A 263 -60.51 -0.30 50.60
C ILE A 263 -59.56 -0.51 49.43
N SER A 264 -60.02 -0.17 48.22
CA SER A 264 -59.17 -0.31 47.04
C SER A 264 -57.93 0.58 47.15
N SER A 265 -58.10 1.79 47.68
CA SER A 265 -56.98 2.71 47.83
C SER A 265 -55.98 2.19 48.85
N LEU A 266 -56.47 1.59 49.94
CA LEU A 266 -55.56 1.00 50.92
C LEU A 266 -54.77 -0.15 50.30
N LYS A 267 -55.45 -1.01 49.53
CA LYS A 267 -54.76 -2.10 48.86
C LYS A 267 -53.71 -1.56 47.88
N GLY A 268 -54.07 -0.52 47.12
CA GLY A 268 -53.14 0.06 46.18
C GLY A 268 -51.95 0.71 46.87
N LYS A 269 -52.20 1.33 48.03
CA LYS A 269 -51.10 1.91 48.80
C LYS A 269 -50.15 0.85 49.32
N ILE A 270 -50.70 -0.28 49.79
CA ILE A 270 -49.84 -1.38 50.22
C ILE A 270 -49.01 -1.89 49.05
N ASN A 271 -49.65 -2.07 47.90
CA ASN A 271 -48.93 -2.53 46.71
C ASN A 271 -47.86 -1.53 46.31
N ASN A 272 -48.16 -0.24 46.38
CA ASN A 272 -47.18 0.78 46.02
C ASN A 272 -46.01 0.79 46.98
N GLU A 273 -46.27 0.61 48.29
CA GLU A 273 -45.17 0.52 49.24
C GLU A 273 -44.28 -0.69 48.96
N MET A 274 -44.89 -1.83 48.66
CA MET A 274 -44.11 -3.01 48.30
C MET A 274 -43.28 -2.75 47.04
N LYS A 275 -43.90 -2.10 46.04
CA LYS A 275 -43.19 -1.80 44.80
C LYS A 275 -42.04 -0.83 45.06
N SER A 276 -42.23 0.15 45.93
CA SER A 276 -41.17 1.09 46.26
C SER A 276 -40.02 0.38 46.95
N LEU A 277 -40.32 -0.52 47.88
CA LEU A 277 -39.26 -1.29 48.54
C LEU A 277 -38.50 -2.14 47.52
N GLN A 278 -39.23 -2.79 46.62
CA GLN A 278 -38.58 -3.59 45.58
C GLN A 278 -37.72 -2.72 44.67
N ARG A 279 -38.20 -1.53 44.34
CA ARG A 279 -37.45 -0.61 43.50
C ARG A 279 -36.17 -0.14 44.19
N SER A 280 -36.25 0.13 45.49
CA SER A 280 -35.05 0.51 46.23
C SER A 280 -34.04 -0.64 46.25
N LYS A 281 -34.52 -1.86 46.48
CA LYS A 281 -33.63 -3.02 46.46
C LYS A 281 -32.99 -3.19 45.08
N SER A 282 -33.79 -3.01 44.02
CA SER A 282 -33.26 -3.13 42.66
C SER A 282 -32.26 -2.03 42.37
N SER A 283 -32.49 -0.83 42.88
CA SER A 283 -31.54 0.26 42.68
C SER A 283 -30.22 -0.04 43.38
N PHE A 284 -30.28 -0.58 44.60
CA PHE A 284 -29.05 -0.96 45.29
C PHE A 284 -28.32 -2.07 44.52
N VAL A 285 -29.07 -3.05 44.02
CA VAL A 285 -28.46 -4.14 43.25
C VAL A 285 -27.82 -3.58 41.99
N LYS A 286 -28.48 -2.64 41.33
CA LYS A 286 -27.94 -2.04 40.11
C LYS A 286 -26.69 -1.23 40.42
N GLU A 287 -26.67 -0.52 41.55
CA GLU A 287 -25.47 0.21 41.94
C GLU A 287 -24.30 -0.75 42.15
N SER A 288 -24.54 -1.86 42.86
CA SER A 288 -23.49 -2.85 43.04
C SER A 288 -23.05 -3.43 41.70
N ALA A 289 -24.00 -3.70 40.81
CA ALA A 289 -23.67 -4.29 39.52
C ALA A 289 -22.83 -3.33 38.68
N VAL A 290 -23.17 -2.04 38.67
CA VAL A 290 -22.39 -1.08 37.90
C VAL A 290 -21.01 -0.89 38.51
N ILE A 291 -20.91 -0.94 39.84
CA ILE A 291 -19.59 -0.87 40.47
C ILE A 291 -18.74 -2.05 40.04
N SER A 292 -19.32 -3.26 40.07
CA SER A 292 -18.58 -4.44 39.63
C SER A 292 -18.21 -4.35 38.16
N LYS A 293 -19.13 -3.82 37.33
CA LYS A 293 -18.85 -3.68 35.91
C LYS A 293 -17.72 -2.69 35.67
N GLN A 294 -17.68 -1.60 36.44
CA GLN A 294 -16.59 -0.64 36.31
C GLN A 294 -15.27 -1.27 36.72
N LYS A 295 -15.27 -2.04 37.80
CA LYS A 295 -14.03 -2.73 38.20
C LYS A 295 -13.58 -3.71 37.12
N SER A 296 -14.52 -4.46 36.56
CA SER A 296 -14.18 -5.41 35.49
C SER A 296 -13.67 -4.69 34.26
N LYS A 297 -14.27 -3.54 33.94
CA LYS A 297 -13.81 -2.76 32.78
C LYS A 297 -12.40 -2.23 33.00
N LEU A 298 -12.10 -1.78 34.22
CA LEU A 298 -10.74 -1.33 34.53
C LEU A 298 -9.76 -2.48 34.40
N ASP A 299 -10.12 -3.65 34.93
CA ASP A 299 -9.25 -4.82 34.80
C ASP A 299 -9.03 -5.19 33.33
N TYR A 300 -10.11 -5.15 32.54
CA TYR A 300 -10.00 -5.48 31.12
C TYR A 300 -9.14 -4.44 30.38
N ILE A 301 -9.26 -3.17 30.77
CA ILE A 301 -8.43 -2.14 30.15
C ILE A 301 -6.97 -2.37 30.47
N PHE A 302 -6.66 -2.71 31.73
CA PHE A 302 -5.28 -3.02 32.09
C PHE A 302 -4.77 -4.22 31.31
N LYS A 303 -5.59 -5.27 31.20
CA LYS A 303 -5.18 -6.46 30.46
C LYS A 303 -4.96 -6.13 28.98
N ASP A 304 -5.83 -5.31 28.40
CA ASP A 304 -5.67 -4.92 27.00
C ASP A 304 -4.42 -4.09 26.81
N LYS A 305 -4.11 -3.20 27.74
CA LYS A 305 -2.88 -2.43 27.65
C LYS A 305 -1.65 -3.34 27.73
N GLU A 306 -1.68 -4.31 28.63
CA GLU A 306 -0.57 -5.26 28.72
C GLU A 306 -0.44 -6.07 27.44
N LYS A 307 -1.57 -6.50 26.87
CA LYS A 307 -1.54 -7.27 25.63
C LYS A 307 -1.00 -6.43 24.48
N LEU A 308 -1.39 -5.16 24.42
CA LEU A 308 -0.88 -4.28 23.37
C LEU A 308 0.62 -4.06 23.54
N VAL A 309 1.08 -3.90 24.78
CA VAL A 309 2.51 -3.74 25.03
C VAL A 309 3.25 -5.00 24.58
N SER A 310 2.72 -6.18 24.91
CA SER A 310 3.35 -7.42 24.50
C SER A 310 3.37 -7.56 22.98
N ASP A 311 2.27 -7.17 22.32
CA ASP A 311 2.21 -7.25 20.86
C ASP A 311 3.21 -6.31 20.22
N LEU A 312 3.35 -5.10 20.75
CA LEU A 312 4.35 -4.17 20.23
C LEU A 312 5.76 -4.70 20.45
N ARG A 313 6.01 -5.28 21.62
CA ARG A 313 7.31 -5.87 21.89
C ARG A 313 7.61 -7.01 20.91
N LEU A 314 6.61 -7.84 20.63
CA LEU A 314 6.80 -8.93 19.66
C LEU A 314 7.04 -8.37 18.26
N ILE A 315 6.31 -7.33 17.88
CA ILE A 315 6.47 -6.74 16.55
C ILE A 315 7.87 -6.19 16.39
N LYS A 316 8.36 -5.47 17.40
CA LYS A 316 9.76 -5.06 17.40
C LYS A 316 10.67 -6.28 17.33
N VAL A 317 10.31 -7.34 18.05
CA VAL A 317 11.00 -8.62 17.90
C VAL A 317 10.95 -9.08 16.46
N PRO A 318 9.85 -8.90 15.71
CA PRO A 318 9.91 -9.25 14.28
C PRO A 318 10.98 -8.51 13.52
N GLN A 319 11.18 -7.22 13.81
CA GLN A 319 12.21 -6.45 13.13
C GLN A 319 13.60 -6.92 13.53
N GLN A 320 13.81 -7.16 14.83
CA GLN A 320 15.10 -7.67 15.28
C GLN A 320 15.38 -9.03 14.68
N ALA A 321 14.35 -9.87 14.57
CA ALA A 321 14.52 -11.20 13.97
C ALA A 321 14.84 -11.09 12.48
N ALA A 322 14.20 -10.15 11.78
CA ALA A 322 14.55 -9.93 10.38
C ALA A 322 15.99 -9.47 10.23
N GLY A 323 16.43 -8.55 11.08
CA GLY A 323 17.82 -8.12 11.04
C GLY A 323 18.79 -9.25 11.35
N LYS A 324 18.45 -10.07 12.34
CA LYS A 324 19.29 -11.21 12.68
C LYS A 324 19.32 -12.22 11.54
N ARG A 325 18.19 -12.42 10.86
CA ARG A 325 18.16 -13.32 9.72
C ARG A 325 19.03 -12.79 8.59
N ILE A 326 18.99 -11.48 8.34
CA ILE A 326 19.85 -10.89 7.32
C ILE A 326 21.32 -11.08 7.70
N SER A 327 21.65 -10.83 8.96
CA SER A 327 23.02 -11.01 9.41
C SER A 327 23.46 -12.46 9.27
N HIS A 328 22.58 -13.39 9.61
CA HIS A 328 22.92 -14.81 9.50
C HIS A 328 23.06 -15.23 8.05
N ILE A 329 22.24 -14.67 7.15
CA ILE A 329 22.40 -14.95 5.73
C ILE A 329 23.74 -14.43 5.23
N GLU A 330 24.12 -13.22 5.65
CA GLU A 330 25.42 -12.70 5.28
C GLU A 330 26.55 -13.58 5.83
N LYS A 331 26.40 -14.04 7.07
CA LYS A 331 27.42 -14.91 7.67
C LYS A 331 27.50 -16.24 6.92
N ARG A 332 26.36 -16.79 6.52
CA ARG A 332 26.36 -18.04 5.77
C ARG A 332 26.99 -17.86 4.40
N ILE A 333 26.72 -16.72 3.74
CA ILE A 333 27.37 -16.44 2.46
C ILE A 333 28.88 -16.33 2.65
N GLU A 334 29.30 -15.63 3.71
CA GLU A 334 30.73 -15.51 3.99
C GLU A 334 31.35 -16.88 4.27
N SER A 335 30.63 -17.74 5.00
CA SER A 335 31.15 -19.06 5.30
C SER A 335 31.26 -19.92 4.05
N LEU A 336 30.27 -19.82 3.15
CA LEU A 336 30.35 -20.55 1.89
C LEU A 336 31.51 -20.05 1.04
N GLN A 337 31.70 -18.73 1.00
CA GLN A 337 32.85 -18.18 0.28
C GLN A 337 34.16 -18.65 0.89
N LYS A 338 34.22 -18.70 2.23
CA LYS A 338 35.42 -19.18 2.91
C LYS A 338 35.67 -20.65 2.60
N ASP A 339 34.62 -21.46 2.54
CA ASP A 339 34.80 -22.87 2.21
C ASP A 339 35.29 -23.03 0.77
N LEU A 340 34.71 -22.29 -0.17
CA LEU A 340 35.16 -22.35 -1.55
C LEU A 340 36.61 -21.89 -1.67
N GLN A 341 36.96 -20.82 -0.94
CA GLN A 341 38.34 -20.38 -0.88
C GLN A 341 39.20 -21.53 -0.40
N ARG A 342 38.99 -21.97 0.85
CA ARG A 342 39.74 -23.07 1.42
C ARG A 342 39.96 -24.19 0.41
N GLN A 343 38.91 -24.58 -0.31
CA GLN A 343 39.05 -25.66 -1.29
C GLN A 343 40.02 -25.27 -2.41
N LYS A 344 39.80 -24.12 -3.04
CA LYS A 344 40.65 -23.70 -4.15
C LYS A 344 42.09 -23.47 -3.69
N THR A 345 42.25 -22.86 -2.52
CA THR A 345 43.58 -22.60 -1.96
C THR A 345 44.29 -23.90 -1.63
N TYR A 346 43.57 -24.89 -1.13
CA TYR A 346 44.17 -26.19 -0.86
C TYR A 346 44.60 -26.86 -2.16
N VAL A 347 43.77 -26.79 -3.21
CA VAL A 347 44.17 -27.35 -4.49
C VAL A 347 45.42 -26.66 -5.01
N GLU A 348 45.44 -25.32 -4.94
CA GLU A 348 46.60 -24.57 -5.40
C GLU A 348 47.84 -24.88 -4.57
N ARG A 349 47.67 -25.06 -3.25
CA ARG A 349 48.80 -25.38 -2.39
C ARG A 349 49.34 -26.77 -2.71
N PHE A 350 48.46 -27.73 -2.99
CA PHE A 350 48.93 -29.05 -3.39
C PHE A 350 49.68 -28.98 -4.71
N GLU A 351 49.16 -28.22 -5.67
CA GLU A 351 49.86 -28.06 -6.94
C GLU A 351 51.22 -27.40 -6.74
N THR A 352 51.28 -26.37 -5.90
CA THR A 352 52.53 -25.69 -5.64
C THR A 352 53.52 -26.58 -4.92
N GLN A 353 53.05 -27.41 -3.97
CA GLN A 353 53.95 -28.34 -3.30
C GLN A 353 54.48 -29.38 -4.27
N LEU A 354 53.64 -29.88 -5.16
CA LEU A 354 54.12 -30.82 -6.18
C LEU A 354 55.15 -30.15 -7.09
N LYS A 355 54.89 -28.91 -7.50
CA LYS A 355 55.84 -28.19 -8.34
C LYS A 355 57.16 -27.96 -7.61
N VAL A 356 57.09 -27.63 -6.32
CA VAL A 356 58.30 -27.40 -5.54
C VAL A 356 59.09 -28.69 -5.40
N VAL A 357 58.41 -29.81 -5.17
CA VAL A 357 59.09 -31.09 -5.07
C VAL A 357 59.78 -31.42 -6.39
N THR A 358 59.07 -31.19 -7.50
CA THR A 358 59.66 -31.46 -8.81
C THR A 358 60.86 -30.57 -9.06
N ARG A 359 60.76 -29.29 -8.70
CA ARG A 359 61.88 -28.37 -8.90
C ARG A 359 63.07 -28.76 -8.04
N SER A 360 62.82 -29.18 -6.79
CA SER A 360 63.92 -29.61 -5.94
C SER A 360 64.59 -30.87 -6.49
N LYS A 361 63.79 -31.81 -6.98
CA LYS A 361 64.37 -33.01 -7.59
C LYS A 361 65.19 -32.65 -8.82
N GLU A 362 64.68 -31.73 -9.65
CA GLU A 362 65.43 -31.32 -10.83
C GLU A 362 66.73 -30.64 -10.45
N ALA A 363 66.69 -29.79 -9.42
CA ALA A 363 67.90 -29.12 -8.97
C ALA A 363 68.91 -30.13 -8.44
N PHE A 364 68.45 -31.11 -7.67
CA PHE A 364 69.36 -32.15 -7.18
C PHE A 364 69.97 -32.94 -8.32
N GLU A 365 69.16 -33.29 -9.32
CA GLU A 365 69.68 -34.02 -10.47
C GLU A 365 70.70 -33.19 -11.23
N GLU A 366 70.43 -31.89 -11.41
CA GLU A 366 71.37 -31.03 -12.10
C GLU A 366 72.68 -30.91 -11.32
N GLU A 367 72.59 -30.78 -10.00
CA GLU A 367 73.80 -30.72 -9.18
C GLU A 367 74.60 -32.01 -9.29
N ILE A 368 73.91 -33.15 -9.27
CA ILE A 368 74.60 -34.44 -9.40
C ILE A 368 75.29 -34.54 -10.76
N LYS A 369 74.59 -34.11 -11.83
CA LYS A 369 75.18 -34.15 -13.15
C LYS A 369 76.40 -33.24 -13.24
N GLN A 370 76.31 -32.04 -12.66
CA GLN A 370 77.45 -31.14 -12.66
C GLN A 370 78.63 -31.73 -11.89
N SER A 371 78.37 -32.34 -10.74
CA SER A 371 79.44 -32.97 -9.97
C SER A 371 80.09 -34.10 -10.76
N ALA A 372 79.27 -34.92 -11.42
CA ALA A 372 79.82 -35.99 -12.25
C ALA A 372 80.67 -35.43 -13.38
N ARG A 373 80.19 -34.39 -14.05
CA ARG A 373 80.99 -33.74 -15.09
C ARG A 373 82.22 -33.05 -14.50
N ASN A 374 82.07 -32.41 -13.35
CA ASN A 374 83.18 -31.74 -12.68
C ASN A 374 84.01 -32.75 -11.89
N TYR A 375 84.57 -33.71 -12.62
CA TYR A 375 85.39 -34.76 -12.02
C TYR A 375 86.86 -34.36 -12.04
N LEU A 380 98.94 -32.21 -23.81
CA LEU A 380 98.74 -31.01 -22.95
C LEU A 380 100.07 -30.61 -22.30
N ASN A 381 101.08 -30.22 -23.10
CA ASN A 381 102.43 -29.93 -22.63
C ASN A 381 103.19 -29.14 -23.69
N GLU A 382 104.50 -28.97 -23.49
CA GLU A 382 105.32 -28.24 -24.46
C GLU A 382 105.61 -29.10 -25.68
N ASN A 383 106.28 -30.23 -25.50
CA ASN A 383 106.50 -31.16 -26.60
C ASN A 383 105.18 -31.71 -27.12
N ASP A 384 104.24 -31.97 -26.20
CA ASP A 384 102.91 -32.38 -26.61
C ASP A 384 102.26 -31.34 -27.50
N LEU A 385 102.45 -30.05 -27.18
CA LEU A 385 101.94 -29.00 -28.05
C LEU A 385 102.63 -29.01 -29.41
N LYS A 386 103.95 -29.29 -29.41
CA LYS A 386 104.67 -29.36 -30.68
C LYS A 386 104.09 -30.45 -31.57
N THR A 387 103.82 -31.64 -31.00
CA THR A 387 103.19 -32.70 -31.77
C THR A 387 101.77 -32.32 -32.18
N TYR A 388 101.03 -31.69 -31.27
CA TYR A 388 99.65 -31.33 -31.56
C TYR A 388 99.55 -30.31 -32.69
N ASN A 389 100.59 -29.49 -32.89
CA ASN A 389 100.59 -28.57 -34.03
C ASN A 389 100.40 -29.36 -35.33
N CYS A 390 101.30 -30.31 -35.59
CA CYS A 390 101.20 -31.12 -36.79
C CYS A 390 99.94 -31.98 -36.78
N LEU A 391 99.54 -32.49 -35.61
CA LEU A 391 98.33 -33.30 -35.54
C LEU A 391 97.11 -32.51 -36.01
N HIS A 392 96.96 -31.28 -35.50
CA HIS A 392 95.84 -30.43 -35.90
C HIS A 392 95.96 -30.02 -37.36
N GLU A 393 97.18 -29.76 -37.83
CA GLU A 393 97.35 -29.42 -39.24
C GLU A 393 96.86 -30.56 -40.13
N LYS A 394 97.25 -31.79 -39.81
CA LYS A 394 96.81 -32.94 -40.60
C LYS A 394 95.31 -33.13 -40.48
N TYR A 395 94.76 -32.97 -39.27
CA TYR A 395 93.32 -33.14 -39.08
C TYR A 395 92.55 -32.13 -39.92
N LEU A 396 93.00 -30.87 -39.95
CA LEU A 396 92.35 -29.87 -40.78
C LEU A 396 92.48 -30.22 -42.26
N THR A 397 93.69 -30.54 -42.70
CA THR A 397 93.89 -30.90 -44.11
C THR A 397 93.00 -32.06 -44.52
N GLU A 398 92.70 -32.97 -43.58
CA GLU A 398 91.88 -34.12 -43.92
C GLU A 398 90.39 -33.80 -43.88
N GLY A 399 89.93 -33.06 -42.87
CA GLY A 399 88.51 -32.86 -42.67
C GLY A 399 88.08 -31.41 -42.57
N GLY A 400 88.64 -30.52 -43.40
CA GLY A 400 88.14 -29.17 -43.46
C GLY A 400 86.67 -29.11 -43.81
N SER A 401 86.25 -29.90 -44.81
CA SER A 401 84.85 -29.94 -45.18
C SER A 401 83.98 -30.46 -44.03
N ILE A 402 84.47 -31.49 -43.32
CA ILE A 402 83.71 -32.03 -42.19
C ILE A 402 83.56 -30.97 -41.10
N LEU A 403 84.64 -30.23 -40.82
CA LEU A 403 84.58 -29.19 -39.80
C LEU A 403 83.63 -28.07 -40.22
N GLU A 404 83.65 -27.69 -41.49
CA GLU A 404 82.73 -26.67 -41.98
C GLU A 404 81.28 -27.14 -41.85
N GLU A 405 81.02 -28.40 -42.20
CA GLU A 405 79.67 -28.94 -42.05
C GLU A 405 79.26 -28.97 -40.59
N LYS A 406 80.18 -29.30 -39.69
CA LYS A 406 79.87 -29.31 -38.27
C LYS A 406 79.55 -27.90 -37.77
N ILE A 407 80.31 -26.90 -38.24
CA ILE A 407 80.02 -25.53 -37.84
C ILE A 407 78.66 -25.09 -38.34
N ALA A 408 78.33 -25.44 -39.59
CA ALA A 408 77.01 -25.10 -40.12
C ALA A 408 75.91 -25.79 -39.32
N VAL A 409 76.13 -27.06 -38.96
CA VAL A 409 75.15 -27.80 -38.18
C VAL A 409 74.97 -27.14 -36.81
N LEU A 410 76.07 -26.68 -36.21
CA LEU A 410 76.00 -26.00 -34.93
C LEU A 410 75.21 -24.71 -35.04
N ASN A 411 75.43 -23.95 -36.12
CA ASN A 411 74.68 -22.71 -36.32
C ASN A 411 73.19 -23.00 -36.49
N ASN A 412 72.86 -24.02 -37.29
CA ASN A 412 71.46 -24.38 -37.48
C ASN A 412 70.83 -24.85 -36.17
N ASP A 413 71.60 -25.60 -35.36
CA ASP A 413 71.10 -26.04 -34.07
C ASP A 413 70.85 -24.86 -33.14
N LYS A 414 71.74 -23.86 -33.18
CA LYS A 414 71.53 -22.67 -32.37
C LYS A 414 70.27 -21.93 -32.80
N ARG A 415 70.06 -21.80 -34.10
CA ARG A 415 68.84 -21.15 -34.59
C ARG A 415 67.61 -21.93 -34.17
N GLU A 416 67.65 -23.26 -34.30
CA GLU A 416 66.52 -24.10 -33.91
C GLU A 416 66.27 -24.00 -32.41
N ILE A 417 67.33 -23.90 -31.61
CA ILE A 417 67.17 -23.75 -30.16
C ILE A 417 66.54 -22.41 -29.84
N GLN A 418 66.96 -21.35 -30.53
CA GLN A 418 66.33 -20.05 -30.31
C GLN A 418 64.84 -20.11 -30.63
N GLU A 419 64.50 -20.75 -31.76
CA GLU A 419 63.09 -20.90 -32.11
C GLU A 419 62.34 -21.73 -31.06
N GLU A 420 62.98 -22.78 -30.56
CA GLU A 420 62.35 -23.64 -29.56
C GLU A 420 62.09 -22.89 -28.26
N LEU A 421 63.05 -22.08 -27.81
CA LEU A 421 62.82 -21.27 -26.62
C LEU A 421 61.75 -20.22 -26.86
N GLU A 422 61.70 -19.64 -28.06
CA GLU A 422 60.63 -18.68 -28.36
C GLU A 422 59.27 -19.38 -28.28
N ARG A 423 59.17 -20.56 -28.87
CA ARG A 423 57.91 -21.31 -28.82
C ARG A 423 57.56 -21.71 -27.39
N PHE A 424 58.56 -22.10 -26.60
CA PHE A 424 58.31 -22.48 -25.22
C PHE A 424 57.84 -21.29 -24.40
N ASN A 425 58.42 -20.11 -24.64
CA ASN A 425 57.96 -18.90 -23.96
C ASN A 425 56.52 -18.57 -24.36
N LYS A 426 56.20 -18.70 -25.64
CA LYS A 426 54.82 -18.48 -26.08
C LYS A 426 53.87 -19.46 -25.41
N ARG A 427 54.27 -20.74 -25.34
CA ARG A 427 53.43 -21.74 -24.71
C ARG A 427 53.25 -21.46 -23.23
N ALA A 428 54.31 -21.02 -22.55
CA ALA A 428 54.20 -20.68 -21.14
C ALA A 428 53.27 -19.49 -20.94
N ASP A 429 53.35 -18.50 -21.83
CA ASP A 429 52.43 -17.35 -21.75
C ASP A 429 50.99 -17.81 -21.93
N ILE A 430 50.74 -18.68 -22.91
CA ILE A 430 49.40 -19.20 -23.11
C ILE A 430 48.93 -20.00 -21.90
N SER A 431 49.83 -20.78 -21.29
CA SER A 431 49.47 -21.55 -20.12
C SER A 431 49.13 -20.64 -18.95
N LYS A 432 49.90 -19.58 -18.75
CA LYS A 432 49.59 -18.63 -17.68
C LYS A 432 48.26 -17.94 -17.94
N ARG A 433 48.00 -17.55 -19.19
CA ARG A 433 46.72 -16.96 -19.53
C ARG A 433 45.58 -17.94 -19.27
N ARG A 434 45.79 -19.22 -19.60
CA ARG A 434 44.77 -20.23 -19.35
C ARG A 434 44.53 -20.42 -17.86
N ILE A 435 45.59 -20.39 -17.05
CA ILE A 435 45.43 -20.52 -15.61
C ILE A 435 44.65 -19.34 -15.05
N THR A 436 44.99 -18.12 -15.49
CA THR A 436 44.25 -16.95 -15.04
C THR A 436 42.79 -17.02 -15.48
N GLU A 437 42.54 -17.45 -16.71
CA GLU A 437 41.18 -17.59 -17.19
C GLU A 437 40.43 -18.66 -16.41
N GLU A 438 41.12 -19.74 -16.01
CA GLU A 438 40.48 -20.77 -15.22
C GLU A 438 40.11 -20.25 -13.84
N LEU A 439 41.00 -19.46 -13.22
CA LEU A 439 40.68 -18.85 -11.93
C LEU A 439 39.49 -17.90 -12.07
N SER A 440 39.49 -17.08 -13.11
CA SER A 440 38.37 -16.18 -13.33
C SER A 440 37.08 -16.95 -13.58
N ILE A 441 37.17 -18.06 -14.31
CA ILE A 441 35.98 -18.87 -14.60
C ILE A 441 35.48 -19.54 -13.32
N THR A 442 36.39 -19.97 -12.46
CA THR A 442 35.96 -20.53 -11.17
C THR A 442 35.25 -19.48 -10.33
N GLY A 443 35.79 -18.27 -10.27
CA GLY A 443 35.12 -17.19 -9.56
C GLY A 443 33.76 -16.88 -10.15
N GLU A 444 33.69 -16.81 -11.49
CA GLU A 444 32.42 -16.53 -12.15
C GLU A 444 31.42 -17.66 -11.93
N LYS A 445 31.90 -18.90 -11.87
CA LYS A 445 31.02 -20.04 -11.63
C LYS A 445 30.49 -20.01 -10.21
N LEU A 446 31.33 -19.64 -9.24
CA LEU A 446 30.85 -19.47 -7.88
C LEU A 446 29.80 -18.37 -7.81
N ASP A 447 30.06 -17.24 -8.49
CA ASP A 447 29.09 -16.16 -8.51
C ASP A 447 27.79 -16.59 -9.17
N THR A 448 27.89 -17.36 -10.25
CA THR A 448 26.70 -17.82 -10.96
C THR A 448 25.91 -18.82 -10.14
N GLN A 449 26.61 -19.69 -9.39
CA GLN A 449 25.92 -20.61 -8.49
C GLN A 449 25.20 -19.85 -7.38
N LEU A 450 25.86 -18.83 -6.83
CA LEU A 450 25.19 -17.99 -5.83
C LEU A 450 23.98 -17.29 -6.42
N ASN A 451 24.11 -16.77 -7.64
CA ASN A 451 23.00 -16.10 -8.29
C ASN A 451 21.86 -17.07 -8.57
N ASP A 452 22.19 -18.30 -8.99
CA ASP A 452 21.16 -19.31 -9.24
C ASP A 452 20.44 -19.70 -7.97
N LEU A 453 21.19 -19.86 -6.87
CA LEU A 453 20.55 -20.14 -5.58
C LEU A 453 19.64 -19.00 -5.16
N ARG A 454 20.11 -17.76 -5.34
CA ARG A 454 19.29 -16.60 -5.00
C ARG A 454 18.04 -16.55 -5.88
N VAL A 455 18.18 -16.89 -7.17
CA VAL A 455 17.04 -16.86 -8.07
C VAL A 455 16.04 -17.96 -7.70
N SER A 456 16.53 -19.13 -7.32
CA SER A 456 15.64 -20.19 -6.87
C SER A 456 14.91 -19.78 -5.59
N LEU A 457 15.62 -19.17 -4.65
CA LEU A 457 14.97 -18.69 -3.43
C LEU A 457 13.95 -17.62 -3.75
N ASN A 458 14.27 -16.71 -4.67
CA ASN A 458 13.33 -15.66 -5.05
C ASN A 458 12.10 -16.24 -5.73
N GLU A 459 12.29 -17.26 -6.57
CA GLU A 459 11.16 -17.91 -7.22
C GLU A 459 10.27 -18.63 -6.19
N LYS A 460 10.89 -19.30 -5.22
CA LYS A 460 10.11 -19.93 -4.15
C LYS A 460 9.36 -18.90 -3.34
N ASN A 461 10.00 -17.79 -3.01
CA ASN A 461 9.33 -16.72 -2.28
C ASN A 461 8.19 -16.12 -3.08
N ALA A 462 8.39 -15.95 -4.39
CA ALA A 462 7.34 -15.42 -5.24
C ALA A 462 6.17 -16.39 -5.34
N LEU A 463 6.45 -17.68 -5.42
CA LEU A 463 5.36 -18.67 -5.42
C LEU A 463 4.60 -18.65 -4.10
N HIS A 464 5.33 -18.57 -2.99
CA HIS A 464 4.68 -18.50 -1.69
C HIS A 464 3.83 -17.23 -1.55
N THR A 465 4.35 -16.10 -2.04
CA THR A 465 3.61 -14.85 -1.99
C THR A 465 2.39 -14.90 -2.90
N GLU A 466 2.50 -15.53 -4.06
CA GLU A 466 1.35 -15.69 -4.95
C GLU A 466 0.29 -16.57 -4.29
N ARG A 467 0.70 -17.64 -3.63
CA ARG A 467 -0.25 -18.48 -2.91
C ARG A 467 -0.92 -17.70 -1.79
N LEU A 468 -0.13 -16.90 -1.05
CA LEU A 468 -0.70 -16.11 0.03
C LEU A 468 -1.66 -15.06 -0.52
N HIS A 469 -1.33 -14.45 -1.66
CA HIS A 469 -2.22 -13.46 -2.27
C HIS A 469 -3.50 -14.11 -2.77
N GLU A 470 -3.40 -15.32 -3.33
CA GLU A 470 -4.58 -16.05 -3.76
C GLU A 470 -5.46 -16.39 -2.55
N LEU A 471 -4.84 -16.80 -1.44
CA LEU A 471 -5.59 -17.09 -0.24
C LEU A 471 -6.26 -15.82 0.29
N LYS A 472 -5.55 -14.69 0.26
CA LYS A 472 -6.13 -13.43 0.70
C LYS A 472 -7.28 -13.01 -0.19
N LYS A 473 -7.15 -13.20 -1.51
CA LYS A 473 -8.23 -12.86 -2.43
C LYS A 473 -9.44 -13.75 -2.19
N LEU A 474 -9.21 -15.05 -1.94
CA LEU A 474 -10.31 -15.95 -1.64
C LEU A 474 -10.98 -15.55 -0.33
N GLN A 475 -10.19 -15.16 0.68
CA GLN A 475 -10.77 -14.71 1.93
C GLN A 475 -11.56 -13.43 1.74
N SER A 476 -11.07 -12.52 0.90
CA SER A 476 -11.81 -11.29 0.62
C SER A 476 -13.11 -11.58 -0.12
N ASP A 477 -13.08 -12.51 -1.06
CA ASP A 477 -14.30 -12.89 -1.76
C ASP A 477 -15.30 -13.55 -0.81
N ILE A 478 -14.81 -14.40 0.10
CA ILE A 478 -15.69 -15.02 1.09
C ILE A 478 -16.26 -13.96 2.02
N GLU A 479 -15.45 -12.97 2.40
CA GLU A 479 -15.93 -11.89 3.24
C GLU A 479 -16.98 -11.06 2.51
N SER A 480 -16.79 -10.82 1.22
CA SER A 480 -17.78 -10.08 0.44
C SER A 480 -19.08 -10.87 0.33
N ALA A 481 -18.99 -12.19 0.11
CA ALA A 481 -20.19 -13.01 0.06
C ALA A 481 -20.90 -13.02 1.41
N ASN A 482 -20.15 -13.13 2.50
CA ASN A 482 -20.74 -13.08 3.83
C ASN A 482 -21.35 -11.72 4.10
N ASN A 483 -20.74 -10.65 3.58
CA ASN A 483 -21.29 -9.32 3.73
C ASN A 483 -22.59 -9.18 2.96
N GLN A 484 -22.67 -9.76 1.77
CA GLN A 484 -23.93 -9.74 1.01
C GLN A 484 -25.00 -10.54 1.75
N GLU A 485 -24.64 -11.70 2.28
CA GLU A 485 -25.60 -12.49 3.05
C GLU A 485 -26.06 -11.72 4.29
N TYR A 486 -25.13 -11.06 4.99
CA TYR A 486 -25.48 -10.27 6.15
C TYR A 486 -26.29 -9.04 5.77
N ASP A 487 -26.11 -8.52 4.55
CA ASP A 487 -26.93 -7.41 4.08
C ASP A 487 -28.36 -7.87 3.79
N LEU A 488 -28.50 -9.06 3.21
CA LEU A 488 -29.84 -9.63 3.06
C LEU A 488 -30.48 -9.88 4.43
N ASN A 489 -29.71 -10.42 5.37
CA ASN A 489 -30.22 -10.63 6.72
C ASN A 489 -30.55 -9.31 7.39
N PHE A 490 -29.80 -8.25 7.10
CA PHE A 490 -30.07 -6.93 7.66
C PHE A 490 -31.30 -6.31 7.04
N LYS A 491 -31.55 -6.57 5.75
CA LYS A 491 -32.82 -6.17 5.16
C LYS A 491 -33.98 -6.90 5.83
N LEU A 492 -33.82 -8.19 6.09
CA LEU A 492 -34.84 -8.93 6.82
C LEU A 492 -35.03 -8.37 8.23
N ARG A 493 -33.94 -8.02 8.90
CA ARG A 493 -34.02 -7.43 10.23
C ARG A 493 -34.63 -6.04 10.19
N GLU A 494 -34.41 -5.29 9.11
CA GLU A 494 -35.07 -4.00 8.95
C GLU A 494 -36.56 -4.18 8.73
N THR A 495 -36.98 -5.33 8.18
CA THR A 495 -38.45 -5.59 8.10
C THR A 495 -38.99 -5.75 9.53
N LEU A 496 -38.23 -6.40 10.43
CA LEU A 496 -38.64 -6.52 11.85
C LEU A 496 -38.65 -5.13 12.50
N VAL A 497 -37.67 -4.29 12.16
CA VAL A 497 -37.64 -2.89 12.68
C VAL A 497 -38.88 -2.18 12.14
N LYS A 498 -39.26 -2.47 10.90
CA LYS A 498 -40.49 -1.87 10.29
C LYS A 498 -41.72 -2.32 11.08
N ILE A 499 -41.78 -3.58 11.49
CA ILE A 499 -42.91 -4.09 12.33
C ILE A 499 -42.91 -3.35 13.68
N ASP A 500 -41.72 -3.11 14.24
CA ASP A 500 -41.63 -2.35 15.51
C ASP A 500 -42.16 -0.93 15.30
N ASP A 501 -41.85 -0.32 14.15
CA ASP A 501 -42.36 1.03 13.80
C ASP A 501 -43.89 0.98 13.69
N LEU A 502 -44.44 -0.08 13.11
CA LEU A 502 -45.92 -0.24 13.02
C LEU A 502 -46.51 -0.33 14.43
N SER A 503 -45.84 -1.05 15.35
CA SER A 503 -46.32 -1.11 16.75
C SER A 503 -46.27 0.29 17.37
N ALA A 504 -45.22 1.07 17.08
CA ALA A 504 -45.17 2.47 17.56
C ALA A 504 -46.30 3.26 16.92
N ASN A 505 -46.66 2.93 15.67
CA ASN A 505 -47.81 3.59 15.00
C ASN A 505 -49.09 3.25 15.77
N GLN A 506 -49.21 2.01 16.25
CA GLN A 506 -50.40 1.62 17.06
C GLN A 506 -50.41 2.45 18.36
N ARG A 507 -49.25 2.68 18.96
CA ARG A 507 -49.16 3.51 20.19
C ARG A 507 -49.61 4.93 19.84
N GLU A 508 -49.22 5.43 18.66
CA GLU A 508 -49.63 6.78 18.21
C GLU A 508 -51.15 6.83 18.04
N THR A 509 -51.75 5.76 17.49
CA THR A 509 -53.23 5.69 17.36
C THR A 509 -53.87 5.70 18.74
N MET A 510 -53.27 4.99 19.71
CA MET A 510 -53.79 4.99 21.10
C MET A 510 -53.72 6.42 21.65
N LYS A 511 -52.64 7.15 21.36
CA LYS A 511 -52.52 8.56 21.80
C LYS A 511 -53.65 9.37 21.17
N GLU A 512 -54.02 9.07 19.92
CA GLU A 512 -55.16 9.76 19.26
C GLU A 512 -56.45 9.40 20.00
N ARG A 513 -56.58 8.14 20.42
CA ARG A 513 -57.78 7.71 21.20
C ARG A 513 -57.83 8.50 22.50
N LYS A 514 -56.67 8.73 23.13
CA LYS A 514 -56.62 9.44 24.43
C LYS A 514 -57.18 10.87 24.27
N LEU A 515 -56.83 11.55 23.18
CA LEU A 515 -57.28 12.95 22.98
C LEU A 515 -58.82 13.00 22.96
N ARG A 516 -59.48 11.91 22.58
CA ARG A 516 -60.94 11.88 22.47
C ARG A 516 -61.66 11.69 23.80
N GLU A 517 -61.15 10.87 24.74
CA GLU A 517 -61.84 10.91 26.03
C GLU A 517 -61.51 12.20 26.76
N ASN A 518 -60.42 12.88 26.40
CA ASN A 518 -60.21 14.22 26.93
C ASN A 518 -61.28 15.18 26.42
N ILE A 519 -61.62 15.07 25.13
CA ILE A 519 -62.74 15.84 24.60
C ILE A 519 -64.03 15.46 25.31
N ALA A 520 -64.22 14.18 25.62
CA ALA A 520 -65.43 13.77 26.33
C ALA A 520 -65.46 14.33 27.74
N MET A 521 -64.30 14.42 28.38
CA MET A 521 -64.19 15.13 29.65
C MET A 521 -64.62 16.59 29.50
N LEU A 522 -64.19 17.23 28.42
CA LEU A 522 -64.66 18.58 28.14
C LEU A 522 -66.18 18.60 27.98
N LYS A 523 -66.73 17.59 27.32
CA LYS A 523 -68.18 17.49 27.16
C LYS A 523 -68.86 17.43 28.52
N ARG A 524 -68.32 16.62 29.43
CA ARG A 524 -68.91 16.56 30.76
C ARG A 524 -68.74 17.90 31.46
N PHE A 525 -67.75 18.69 31.02
CA PHE A 525 -67.48 20.00 31.59
C PHE A 525 -68.07 21.14 30.76
N PHE A 526 -68.43 20.89 29.50
CA PHE A 526 -69.03 21.90 28.65
C PHE A 526 -70.36 21.40 28.08
N PRO A 527 -71.30 22.31 27.78
CA PRO A 527 -72.64 21.88 27.42
C PRO A 527 -72.85 21.61 25.94
N GLY A 528 -73.69 20.60 25.68
CA GLY A 528 -74.23 20.38 24.34
C GLY A 528 -73.23 19.99 23.28
N VAL A 529 -72.19 19.25 23.64
CA VAL A 529 -71.20 18.80 22.68
C VAL A 529 -71.63 17.44 22.14
N LYS A 530 -71.29 17.18 20.86
CA LYS A 530 -71.70 15.95 20.21
C LYS A 530 -70.65 14.85 20.31
N GLY A 531 -69.43 15.12 19.85
CA GLY A 531 -68.39 14.12 19.86
C GLY A 531 -67.78 13.90 18.49
N LEU A 532 -67.14 12.75 18.30
CA LEU A 532 -66.51 12.45 17.01
C LEU A 532 -67.55 11.97 16.01
N VAL A 533 -67.21 12.07 14.73
CA VAL A 533 -68.14 11.75 13.66
C VAL A 533 -68.09 10.30 13.22
N HIS A 534 -67.17 9.50 13.76
CA HIS A 534 -67.03 8.12 13.29
C HIS A 534 -68.32 7.34 13.52
N ASP A 535 -68.92 7.48 14.69
CA ASP A 535 -70.14 6.77 15.04
C ASP A 535 -71.40 7.50 14.58
N LEU A 536 -71.26 8.66 13.94
CA LEU A 536 -72.38 9.44 13.45
C LEU A 536 -72.62 9.21 11.96
N CYS A 537 -72.23 8.04 11.46
CA CYS A 537 -72.35 7.72 10.05
C CYS A 537 -72.86 6.30 9.90
N HIS A 538 -73.53 6.03 8.78
CA HIS A 538 -74.07 4.72 8.48
C HIS A 538 -73.07 3.94 7.65
N PRO A 539 -72.43 2.85 8.16
CA PRO A 539 -71.50 2.02 7.37
C PRO A 539 -72.05 0.66 6.94
N LYS A 540 -73.34 0.40 7.14
CA LYS A 540 -73.97 -0.92 6.82
C LYS A 540 -74.12 -1.11 5.32
N LYS A 541 -74.27 -2.36 4.84
CA LYS A 541 -74.44 -2.69 3.40
C LYS A 541 -73.09 -3.05 2.77
N GLU A 542 -71.96 -2.73 3.42
CA GLU A 542 -70.60 -3.11 2.96
C GLU A 542 -70.39 -2.62 1.52
N LYS A 543 -70.91 -1.43 1.17
CA LYS A 543 -70.75 -0.83 -0.18
C LYS A 543 -70.23 0.61 0.00
N TYR A 544 -69.23 1.03 -0.75
CA TYR A 544 -68.61 2.40 -0.64
C TYR A 544 -68.60 2.78 0.84
N GLY A 545 -68.25 1.84 1.73
CA GLY A 545 -68.28 2.07 3.19
C GLY A 545 -67.07 2.90 3.59
N LEU A 546 -65.86 2.41 3.32
CA LEU A 546 -64.63 3.18 3.52
C LEU A 546 -64.63 4.44 2.69
N ALA A 547 -65.22 4.39 1.50
CA ALA A 547 -65.13 5.48 0.53
C ALA A 547 -65.36 6.84 1.19
N VAL A 548 -66.54 7.04 1.78
CA VAL A 548 -66.89 8.33 2.36
C VAL A 548 -65.81 8.73 3.37
N SER A 549 -65.45 7.81 4.25
CA SER A 549 -64.45 8.12 5.27
C SER A 549 -63.19 8.71 4.63
N THR A 550 -62.74 8.10 3.53
CA THR A 550 -61.55 8.60 2.84
C THR A 550 -61.73 10.07 2.45
N ILE A 551 -62.83 10.38 1.76
CA ILE A 551 -63.06 11.75 1.34
C ILE A 551 -63.35 12.63 2.55
N LEU A 552 -64.00 12.06 3.56
CA LEU A 552 -64.41 12.95 4.66
C LEU A 552 -63.33 12.92 5.71
N GLY A 553 -62.11 12.44 5.41
CA GLY A 553 -61.08 12.21 6.46
C GLY A 553 -60.73 13.42 7.30
N LYS A 554 -60.68 14.63 6.71
CA LYS A 554 -60.25 15.83 7.46
C LYS A 554 -61.19 16.10 8.64
N ASN A 555 -62.50 15.99 8.43
CA ASN A 555 -63.50 16.17 9.53
C ASN A 555 -63.85 14.82 10.15
N PHE A 556 -63.44 13.71 9.54
CA PHE A 556 -63.79 12.34 10.01
C PHE A 556 -63.12 12.12 11.35
N ASP A 557 -62.12 12.94 11.64
CA ASP A 557 -61.60 12.88 12.99
C ASP A 557 -61.81 14.18 13.76
N SER A 558 -62.77 15.00 13.35
CA SER A 558 -63.06 16.26 14.00
C SER A 558 -64.25 16.11 14.95
N VAL A 559 -64.56 17.18 15.67
CA VAL A 559 -65.57 17.17 16.72
C VAL A 559 -66.55 18.31 16.50
N ILE A 560 -67.81 18.07 16.84
CA ILE A 560 -68.87 19.08 16.74
C ILE A 560 -69.12 19.66 18.12
N VAL A 561 -69.20 20.99 18.20
CA VAL A 561 -69.39 21.71 19.45
C VAL A 561 -70.49 22.76 19.25
N GLU A 562 -70.94 23.34 20.36
CA GLU A 562 -72.07 24.27 20.31
C GLU A 562 -71.66 25.60 19.68
N ASN A 563 -70.73 26.31 20.30
CA ASN A 563 -70.45 27.70 19.97
C ASN A 563 -68.98 27.87 19.62
N LEU A 564 -68.72 28.79 18.68
CA LEU A 564 -67.34 29.11 18.34
C LEU A 564 -66.60 29.64 19.56
N THR A 565 -67.29 30.39 20.42
CA THR A 565 -66.70 30.81 21.68
C THR A 565 -66.36 29.59 22.53
N VAL A 566 -67.23 28.59 22.53
CA VAL A 566 -66.92 27.34 23.22
C VAL A 566 -65.70 26.68 22.58
N ALA A 567 -65.56 26.77 21.27
CA ALA A 567 -64.37 26.24 20.61
C ALA A 567 -63.11 26.94 21.10
N GLN A 568 -63.16 28.28 21.18
CA GLN A 568 -62.00 29.03 21.65
C GLN A 568 -61.67 28.70 23.10
N GLU A 569 -62.68 28.59 23.95
CA GLU A 569 -62.40 28.27 25.36
C GLU A 569 -61.88 26.84 25.50
N CYS A 570 -62.35 25.92 24.66
CA CYS A 570 -61.79 24.58 24.66
C CYS A 570 -60.33 24.60 24.22
N ILE A 571 -60.00 25.41 23.22
CA ILE A 571 -58.61 25.53 22.79
C ILE A 571 -57.76 26.11 23.92
N ALA A 572 -58.29 27.11 24.63
CA ALA A 572 -57.56 27.65 25.77
C ALA A 572 -57.34 26.60 26.84
N PHE A 573 -58.36 25.77 27.08
CA PHE A 573 -58.22 24.65 28.02
C PHE A 573 -57.12 23.69 27.56
N LEU A 574 -57.07 23.42 26.25
CA LEU A 574 -56.04 22.57 25.70
C LEU A 574 -54.66 23.15 25.97
N LYS A 575 -54.50 24.46 25.77
CA LYS A 575 -53.23 25.11 26.10
C LYS A 575 -52.91 24.97 27.58
N LYS A 576 -53.90 25.22 28.44
CA LYS A 576 -53.65 25.24 29.88
C LYS A 576 -53.19 23.87 30.37
N GLN A 577 -53.91 22.81 29.98
CA GLN A 577 -53.64 21.47 30.47
C GLN A 577 -52.94 20.57 29.44
N ARG A 578 -52.38 21.14 28.38
CA ARG A 578 -51.46 20.41 27.50
C ARG A 578 -52.08 19.12 26.98
N ALA A 579 -53.32 19.20 26.51
CA ALA A 579 -54.05 18.00 26.10
C ALA A 579 -53.67 17.56 24.69
N GLY A 580 -53.91 18.40 23.70
CA GLY A 580 -53.61 18.02 22.33
C GLY A 580 -54.22 18.97 21.32
N THR A 581 -54.38 18.48 20.09
CA THR A 581 -54.88 19.28 18.98
C THR A 581 -55.93 18.51 18.21
N ALA A 582 -56.98 19.22 17.78
CA ALA A 582 -58.08 18.62 17.04
C ALA A 582 -58.78 19.72 16.24
N SER A 583 -59.89 19.38 15.62
CA SER A 583 -60.68 20.30 14.81
C SER A 583 -62.08 20.40 15.37
N PHE A 584 -62.63 21.61 15.39
CA PHE A 584 -63.93 21.89 15.98
C PHE A 584 -64.85 22.53 14.96
N ILE A 585 -66.11 22.08 14.93
CA ILE A 585 -67.15 22.71 14.12
C ILE A 585 -68.25 23.18 15.07
N PRO A 586 -68.42 24.49 15.26
CA PRO A 586 -69.49 24.96 16.16
C PRO A 586 -70.82 25.13 15.43
N LEU A 587 -71.90 24.81 16.15
CA LEU A 587 -73.23 24.90 15.54
C LEU A 587 -73.62 26.34 15.23
N ASP A 588 -72.93 27.33 15.80
CA ASP A 588 -73.28 28.71 15.54
C ASP A 588 -72.63 29.25 14.27
N THR A 589 -71.79 28.47 13.59
CA THR A 589 -71.19 28.88 12.34
C THR A 589 -71.61 28.01 11.16
N ILE A 590 -72.26 26.88 11.40
CA ILE A 590 -72.66 26.00 10.30
C ILE A 590 -73.69 26.67 9.40
N GLU A 591 -74.40 27.69 9.91
CA GLU A 591 -75.48 28.32 9.15
C GLU A 591 -75.05 28.77 7.76
N THR A 592 -73.74 28.81 7.48
CA THR A 592 -73.26 29.37 6.22
C THR A 592 -73.87 28.68 5.00
N GLU A 593 -73.87 27.35 4.98
CA GLU A 593 -74.18 26.61 3.75
C GLU A 593 -75.17 25.47 4.02
N LEU A 594 -76.17 25.73 4.86
CA LEU A 594 -77.27 24.78 5.03
C LEU A 594 -78.14 24.61 3.79
N PRO A 595 -78.57 25.70 3.13
CA PRO A 595 -79.63 25.57 2.11
C PRO A 595 -79.24 24.74 0.89
N THR A 596 -78.04 24.18 0.83
CA THR A 596 -77.64 23.32 -0.28
C THR A 596 -78.20 21.91 -0.06
N LEU A 597 -79.49 21.77 -0.38
CA LEU A 597 -80.21 20.51 -0.24
C LEU A 597 -80.81 20.09 -1.57
N SER A 598 -80.11 20.37 -2.66
CA SER A 598 -80.61 20.05 -3.99
C SER A 598 -80.46 18.55 -4.26
N LEU A 599 -81.35 18.04 -5.11
CA LEU A 599 -81.34 16.65 -5.53
C LEU A 599 -81.42 16.62 -7.06
N PRO A 600 -80.38 17.06 -7.74
CA PRO A 600 -80.41 17.10 -9.21
C PRO A 600 -80.22 15.72 -9.82
N ASP A 601 -80.13 15.66 -11.14
CA ASP A 601 -79.90 14.39 -11.82
C ASP A 601 -78.62 13.74 -11.29
N SER A 602 -78.72 12.47 -10.91
CA SER A 602 -77.59 11.73 -10.38
C SER A 602 -77.07 10.68 -11.34
N GLN A 603 -77.63 10.57 -12.54
CA GLN A 603 -77.21 9.57 -13.52
C GLN A 603 -77.32 8.16 -12.94
N ASP A 604 -78.37 7.91 -12.15
CA ASP A 604 -78.60 6.61 -11.54
C ASP A 604 -77.40 6.19 -10.69
N TYR A 605 -76.92 7.11 -9.85
CA TYR A 605 -75.80 6.85 -8.97
C TYR A 605 -76.12 7.37 -7.58
N ILE A 606 -75.49 6.74 -6.58
CA ILE A 606 -75.78 7.05 -5.18
C ILE A 606 -75.11 8.35 -4.80
N LEU A 607 -75.79 9.16 -3.99
CA LEU A 607 -75.26 10.40 -3.47
C LEU A 607 -74.88 10.20 -2.00
N SER A 608 -73.89 10.97 -1.53
CA SER A 608 -73.30 10.71 -0.23
C SER A 608 -74.35 10.71 0.88
N ILE A 609 -75.14 11.78 0.98
CA ILE A 609 -76.09 11.91 2.07
C ILE A 609 -77.06 10.75 2.09
N ASN A 610 -77.32 10.14 0.93
CA ASN A 610 -78.27 9.04 0.87
C ASN A 610 -77.82 7.87 1.73
N ALA A 611 -76.52 7.70 1.94
CA ALA A 611 -75.96 6.54 2.61
C ALA A 611 -75.40 6.89 3.99
N ILE A 612 -76.10 7.76 4.73
CA ILE A 612 -75.66 8.13 6.07
C ILE A 612 -76.88 8.23 6.99
N ASP A 613 -76.69 7.80 8.23
CA ASP A 613 -77.70 7.91 9.27
C ASP A 613 -77.53 9.25 9.98
N TYR A 614 -78.64 9.80 10.46
CA TYR A 614 -78.60 11.20 10.87
C TYR A 614 -79.79 11.57 11.75
N GLU A 615 -79.65 12.74 12.37
CA GLU A 615 -80.71 13.58 12.92
C GLU A 615 -80.43 15.02 12.49
N PRO A 616 -81.45 15.91 12.53
CA PRO A 616 -81.38 17.14 11.71
C PRO A 616 -80.04 17.90 11.72
N GLU A 617 -79.49 18.25 12.88
CA GLU A 617 -78.27 19.05 12.85
C GLU A 617 -77.04 18.24 12.44
N TYR A 618 -77.00 16.94 12.72
CA TYR A 618 -75.92 16.12 12.16
C TYR A 618 -76.03 16.01 10.64
N GLU A 619 -77.24 15.85 10.10
CA GLU A 619 -77.36 15.84 8.63
C GLU A 619 -76.99 17.20 8.03
N LYS A 620 -77.35 18.31 8.69
CA LYS A 620 -76.79 19.60 8.30
C LYS A 620 -75.25 19.56 8.26
N ALA A 621 -74.62 19.07 9.34
CA ALA A 621 -73.17 19.12 9.41
C ALA A 621 -72.53 18.28 8.31
N MET A 622 -73.05 17.07 8.10
CA MET A 622 -72.45 16.18 7.11
C MET A 622 -72.70 16.66 5.68
N GLN A 623 -73.88 17.19 5.38
CA GLN A 623 -74.09 17.73 4.04
C GLN A 623 -73.24 18.99 3.82
N TYR A 624 -72.95 19.73 4.89
CA TYR A 624 -72.05 20.87 4.77
C TYR A 624 -70.63 20.41 4.45
N VAL A 625 -70.11 19.47 5.22
CA VAL A 625 -68.72 19.05 5.03
C VAL A 625 -68.55 18.31 3.71
N CYS A 626 -69.49 17.44 3.36
CA CYS A 626 -69.35 16.64 2.15
C CYS A 626 -69.32 17.52 0.91
N GLY A 627 -70.18 18.53 0.85
CA GLY A 627 -70.26 19.39 -0.33
C GLY A 627 -70.86 18.68 -1.52
N ASP A 628 -70.09 18.53 -2.59
CA ASP A 628 -70.53 17.88 -3.82
C ASP A 628 -69.94 16.48 -3.96
N SER A 629 -69.79 15.76 -2.86
CA SER A 629 -69.18 14.44 -2.89
C SER A 629 -70.11 13.45 -3.60
N ILE A 630 -69.55 12.72 -4.58
CA ILE A 630 -70.28 11.70 -5.31
C ILE A 630 -69.41 10.45 -5.39
N ILE A 631 -70.06 9.30 -5.57
CA ILE A 631 -69.39 8.01 -5.63
C ILE A 631 -69.77 7.30 -6.92
N CYS A 632 -68.79 6.67 -7.54
CA CYS A 632 -68.98 5.92 -8.77
C CYS A 632 -68.52 4.48 -8.55
N ASN A 633 -68.75 3.65 -9.58
CA ASN A 633 -68.52 2.22 -9.44
C ASN A 633 -67.09 1.83 -9.82
N THR A 634 -66.61 2.25 -10.99
CA THR A 634 -65.32 1.83 -11.50
C THR A 634 -64.53 3.02 -11.99
N LEU A 635 -63.23 2.80 -12.19
CA LEU A 635 -62.35 3.86 -12.67
C LEU A 635 -62.79 4.34 -14.04
N ASN A 636 -63.12 3.41 -14.94
CA ASN A 636 -63.56 3.80 -16.27
C ASN A 636 -64.85 4.59 -16.20
N ILE A 637 -65.79 4.15 -15.37
CA ILE A 637 -67.04 4.88 -15.21
C ILE A 637 -66.79 6.28 -14.64
N ALA A 638 -65.90 6.37 -13.65
CA ALA A 638 -65.59 7.67 -13.07
C ALA A 638 -64.99 8.60 -14.10
N LYS A 639 -64.05 8.10 -14.90
CA LYS A 639 -63.43 8.92 -15.94
C LYS A 639 -64.45 9.36 -16.97
N ASP A 640 -65.35 8.46 -17.38
CA ASP A 640 -66.37 8.83 -18.35
C ASP A 640 -67.31 9.89 -17.79
N LEU A 641 -67.69 9.77 -16.52
CA LEU A 641 -68.61 10.71 -15.89
C LEU A 641 -67.93 12.00 -15.45
N LYS A 642 -66.59 12.05 -15.47
CA LYS A 642 -65.86 13.22 -14.98
C LYS A 642 -65.13 13.95 -16.10
N TRP A 643 -64.26 13.26 -16.85
CA TRP A 643 -63.47 13.94 -17.87
C TRP A 643 -64.35 14.44 -19.01
N LYS A 644 -65.34 13.63 -19.42
CA LYS A 644 -66.19 14.02 -20.53
C LYS A 644 -67.05 15.24 -20.20
N LYS A 645 -67.19 15.57 -18.92
CA LYS A 645 -68.03 16.67 -18.48
C LYS A 645 -67.17 17.88 -18.10
N GLY A 646 -67.76 19.06 -18.19
CA GLY A 646 -67.09 20.31 -17.88
C GLY A 646 -67.19 20.75 -16.43
N ILE A 647 -67.69 19.89 -15.55
CA ILE A 647 -67.84 20.21 -14.14
C ILE A 647 -66.77 19.45 -13.36
N ARG A 648 -66.05 20.17 -12.51
CA ARG A 648 -64.99 19.60 -11.70
C ARG A 648 -65.40 19.61 -10.23
N GLY A 649 -65.26 18.46 -9.57
CA GLY A 649 -65.66 18.34 -8.18
C GLY A 649 -64.98 17.14 -7.54
N LYS A 650 -65.32 16.91 -6.27
CA LYS A 650 -64.75 15.80 -5.51
C LYS A 650 -65.61 14.57 -5.72
N LEU A 651 -65.24 13.78 -6.72
CA LEU A 651 -65.93 12.52 -7.05
C LEU A 651 -64.94 11.38 -6.83
N VAL A 652 -65.38 10.35 -6.12
CA VAL A 652 -64.53 9.23 -5.74
C VAL A 652 -65.11 7.95 -6.32
N THR A 653 -64.25 6.95 -6.49
CA THR A 653 -64.70 5.64 -6.92
C THR A 653 -65.12 4.81 -5.71
N ILE A 654 -65.69 3.63 -5.98
CA ILE A 654 -66.13 2.76 -4.91
C ILE A 654 -64.93 2.23 -4.13
N GLU A 655 -63.81 1.97 -4.82
CA GLU A 655 -62.64 1.39 -4.18
C GLU A 655 -61.72 2.43 -3.55
N GLY A 656 -61.89 3.71 -3.87
CA GLY A 656 -61.11 4.76 -3.23
C GLY A 656 -60.54 5.80 -4.16
N ALA A 657 -60.35 5.48 -5.44
CA ALA A 657 -59.77 6.45 -6.37
C ALA A 657 -60.64 7.70 -6.43
N LEU A 658 -60.00 8.86 -6.29
CA LEU A 658 -60.70 10.13 -6.16
C LEU A 658 -60.07 11.18 -7.05
N ILE A 659 -60.87 12.17 -7.46
CA ILE A 659 -60.41 13.36 -8.16
C ILE A 659 -60.85 14.57 -7.34
N HIS A 660 -59.89 15.43 -7.01
CA HIS A 660 -60.17 16.56 -6.14
C HIS A 660 -60.87 17.68 -6.90
N LYS A 661 -61.44 18.62 -6.14
CA LYS A 661 -62.12 19.76 -6.73
C LYS A 661 -61.20 20.54 -7.66
N ALA A 662 -59.89 20.44 -7.46
CA ALA A 662 -58.92 21.11 -8.31
C ALA A 662 -58.31 20.17 -9.35
N GLY A 663 -58.79 18.93 -9.43
CA GLY A 663 -58.32 18.01 -10.45
C GLY A 663 -57.17 17.11 -10.04
N LEU A 664 -56.99 16.86 -8.74
CA LEU A 664 -55.94 15.96 -8.29
C LEU A 664 -56.43 14.53 -8.35
N MET A 665 -55.96 13.77 -9.35
CA MET A 665 -56.32 12.37 -9.48
C MET A 665 -55.46 11.53 -8.55
N THR A 666 -56.11 10.69 -7.76
CA THR A 666 -55.46 10.00 -6.65
C THR A 666 -56.01 8.59 -6.54
N GLY A 667 -55.16 7.68 -6.09
CA GLY A 667 -55.55 6.30 -5.87
C GLY A 667 -54.67 5.59 -4.85
N GLY A 668 -55.22 4.57 -4.19
CA GLY A 668 -54.46 3.84 -3.18
C GLY A 668 -55.34 2.99 -2.28
N ILE A 669 -54.91 1.77 -1.98
CA ILE A 669 -55.63 0.89 -1.06
C ILE A 669 -54.61 0.00 -0.34
N SER A 670 -54.78 -0.14 0.98
CA SER A 670 -53.85 -0.85 1.83
C SER A 670 -54.52 -2.06 2.46
N GLY A 671 -53.79 -3.17 2.51
CA GLY A 671 -54.24 -4.34 3.26
C GLY A 671 -53.70 -4.32 4.68
N ASP A 672 -54.55 -3.91 5.63
CA ASP A 672 -54.12 -3.75 7.01
C ASP A 672 -53.83 -5.10 7.66
N ALA A 673 -52.85 -5.10 8.55
CA ALA A 673 -52.48 -6.29 9.34
C ALA A 673 -52.39 -5.83 10.80
N ASN A 674 -53.50 -5.94 11.54
CA ASN A 674 -53.48 -5.58 12.98
C ASN A 674 -52.46 -6.47 13.72
N ASN A 675 -51.44 -5.87 14.35
CA ASN A 675 -50.37 -6.66 15.02
C ASN A 675 -50.02 -6.06 16.39
N ARG A 676 -49.57 -6.89 17.33
CA ARG A 676 -49.16 -6.40 18.67
C ARG A 676 -47.73 -6.88 18.99
N TRP A 677 -47.57 -7.61 20.09
CA TRP A 677 -46.29 -8.29 20.45
C TRP A 677 -45.14 -7.30 20.57
N ASP A 678 -45.36 -6.12 21.17
CA ASP A 678 -44.28 -5.13 21.38
C ASP A 678 -43.23 -5.71 22.33
N LYS A 679 -43.66 -6.45 23.36
CA LYS A 679 -42.71 -7.10 24.30
C LYS A 679 -41.84 -8.09 23.52
N GLU A 680 -42.45 -8.88 22.62
CA GLU A 680 -41.67 -9.81 21.77
C GLU A 680 -40.75 -8.98 20.86
N GLU A 681 -41.26 -7.84 20.35
CA GLU A 681 -40.46 -6.96 19.47
C GLU A 681 -39.27 -6.41 20.25
N TYR A 682 -39.46 -6.05 21.53
CA TYR A 682 -38.32 -5.57 22.37
C TYR A 682 -37.17 -6.57 22.26
N GLN A 683 -37.48 -7.87 22.28
CA GLN A 683 -36.45 -8.90 22.15
C GLN A 683 -35.97 -8.99 20.70
N SER A 684 -36.90 -8.93 19.74
CA SER A 684 -36.50 -8.96 18.34
C SER A 684 -35.64 -7.75 17.98
N LEU A 685 -36.00 -6.58 18.49
CA LEU A 685 -35.18 -5.39 18.24
C LEU A 685 -33.79 -5.54 18.82
N MET A 686 -33.69 -6.08 20.04
CA MET A 686 -32.38 -6.29 20.65
C MET A 686 -31.55 -7.28 19.83
N SER A 687 -32.19 -8.36 19.37
CA SER A 687 -31.47 -9.33 18.54
C SER A 687 -31.00 -8.69 17.24
N LEU A 688 -31.84 -7.86 16.63
CA LEU A 688 -31.46 -7.18 15.41
C LEU A 688 -30.28 -6.23 15.65
N LYS A 689 -30.30 -5.52 16.78
CA LYS A 689 -29.19 -4.63 17.12
C LYS A 689 -27.90 -5.42 17.31
N ASP A 690 -27.98 -6.56 18.00
CA ASP A 690 -26.80 -7.39 18.18
C ASP A 690 -26.27 -7.90 16.84
N LYS A 691 -27.17 -8.33 15.95
CA LYS A 691 -26.76 -8.78 14.63
C LYS A 691 -26.11 -7.65 13.84
N LEU A 692 -26.66 -6.44 13.95
CA LEU A 692 -26.06 -5.29 13.27
C LEU A 692 -24.68 -4.99 13.80
N LEU A 693 -24.50 -5.08 15.12
CA LEU A 693 -23.16 -4.88 15.69
C LEU A 693 -22.18 -5.93 15.20
N ILE A 694 -22.63 -7.19 15.13
CA ILE A 694 -21.77 -8.26 14.62
C ILE A 694 -21.40 -7.99 13.17
N GLN A 695 -22.38 -7.54 12.38
CA GLN A 695 -22.11 -7.24 10.98
C GLN A 695 -21.12 -6.10 10.84
N ILE A 696 -21.25 -5.08 11.70
CA ILE A 696 -20.31 -3.96 11.65
C ILE A 696 -18.90 -4.43 12.00
N ASP A 697 -18.78 -5.28 13.02
CA ASP A 697 -17.47 -5.83 13.36
C ASP A 697 -16.90 -6.64 12.20
N GLU A 698 -17.74 -7.44 11.54
CA GLU A 698 -17.28 -8.21 10.39
C GLU A 698 -16.84 -7.30 9.26
N LEU A 699 -17.56 -6.20 9.04
CA LEU A 699 -17.18 -5.25 8.00
C LEU A 699 -15.83 -4.60 8.32
N SER A 700 -15.62 -4.24 9.59
CA SER A 700 -14.33 -3.69 9.98
C SER A 700 -13.21 -4.70 9.76
N ASN A 701 -13.45 -5.96 10.13
CA ASN A 701 -12.46 -7.00 9.89
C ASN A 701 -12.17 -7.15 8.40
N GLY A 702 -13.22 -7.09 7.57
CA GLY A 702 -13.02 -7.20 6.14
C GLY A 702 -12.24 -6.02 5.58
N GLN A 703 -12.48 -4.83 6.10
CA GLN A 703 -11.69 -3.67 5.68
C GLN A 703 -10.23 -3.83 6.05
N ARG A 704 -9.96 -4.32 7.26
CA ARG A 704 -8.58 -4.59 7.65
C ARG A 704 -7.95 -5.64 6.75
N SER A 705 -8.70 -6.69 6.42
CA SER A 705 -8.19 -7.71 5.52
C SER A 705 -7.90 -7.14 4.13
N ASN A 706 -8.75 -6.23 3.65
CA ASN A 706 -8.52 -5.59 2.36
C ASN A 706 -7.26 -4.74 2.40
N SER A 707 -7.03 -4.01 3.49
CA SER A 707 -5.80 -3.24 3.62
C SER A 707 -4.59 -4.17 3.62
N ILE A 708 -4.67 -5.29 4.34
CA ILE A 708 -3.57 -6.25 4.35
C ILE A 708 -3.34 -6.81 2.95
N ARG A 709 -4.42 -7.06 2.21
CA ARG A 709 -4.29 -7.57 0.85
C ARG A 709 -3.63 -6.55 -0.07
N ALA A 710 -3.98 -5.27 0.10
CA ALA A 710 -3.33 -4.23 -0.69
C ALA A 710 -1.83 -4.17 -0.37
N ARG A 711 -1.48 -4.27 0.91
CA ARG A 711 -0.08 -4.29 1.28
C ARG A 711 0.63 -5.49 0.66
N GLU A 712 -0.03 -6.65 0.69
CA GLU A 712 0.55 -7.86 0.09
C GLU A 712 0.72 -7.70 -1.41
N VAL A 713 -0.22 -7.03 -2.07
CA VAL A 713 -0.12 -6.79 -3.51
C VAL A 713 1.08 -5.88 -3.80
N GLU A 714 1.26 -4.83 -3.00
CA GLU A 714 2.42 -3.98 -3.16
C GLU A 714 3.72 -4.76 -2.97
N ASN A 715 3.75 -5.62 -1.95
CA ASN A 715 4.93 -6.44 -1.72
C ASN A 715 5.18 -7.38 -2.88
N SER A 716 4.11 -7.94 -3.47
CA SER A 716 4.25 -8.82 -4.62
C SER A 716 4.79 -8.06 -5.83
N VAL A 717 4.34 -6.82 -6.02
CA VAL A 717 4.87 -6.01 -7.12
C VAL A 717 6.36 -5.75 -6.91
N SER A 718 6.75 -5.42 -5.67
CA SER A 718 8.16 -5.22 -5.39
C SER A 718 8.96 -6.49 -5.63
N LEU A 719 8.41 -7.64 -5.24
CA LEU A 719 9.08 -8.91 -5.46
C LEU A 719 9.22 -9.21 -6.96
N LEU A 720 8.20 -8.87 -7.75
CA LEU A 720 8.28 -9.05 -9.19
C LEU A 720 9.37 -8.18 -9.79
N ASN A 721 9.47 -6.93 -9.33
CA ASN A 721 10.55 -6.07 -9.81
C ASN A 721 11.91 -6.64 -9.44
N SER A 722 12.05 -7.14 -8.21
CA SER A 722 13.31 -7.74 -7.79
C SER A 722 13.62 -8.97 -8.64
N ASP A 723 12.61 -9.77 -8.95
CA ASP A 723 12.82 -10.96 -9.79
C ASP A 723 13.26 -10.56 -11.19
N ILE A 724 12.68 -9.48 -11.74
CA ILE A 724 13.10 -9.01 -13.05
C ILE A 724 14.56 -8.57 -13.01
N ALA A 725 14.94 -7.84 -11.96
CA ALA A 725 16.34 -7.42 -11.82
C ALA A 725 17.25 -8.63 -11.71
N ASN A 726 16.84 -9.64 -10.94
CA ASN A 726 17.64 -10.85 -10.80
C ASN A 726 17.78 -11.59 -12.13
N LEU A 727 16.70 -11.62 -12.91
CA LEU A 727 16.76 -12.25 -14.22
C LEU A 727 17.72 -11.53 -15.14
N ARG A 728 17.70 -10.19 -15.11
CA ARG A 728 18.65 -9.42 -15.90
C ARG A 728 20.08 -9.71 -15.47
N THR A 729 20.32 -9.77 -14.15
CA THR A 729 21.66 -10.08 -13.65
C THR A 729 22.10 -11.47 -14.09
N GLN A 730 21.18 -12.44 -14.05
CA GLN A 730 21.50 -13.80 -14.47
C GLN A 730 21.82 -13.84 -15.96
N VAL A 731 21.09 -13.07 -16.77
CA VAL A 731 21.38 -13.01 -18.20
C VAL A 731 22.76 -12.43 -18.43
N THR A 732 23.10 -11.36 -17.71
CA THR A 732 24.44 -10.78 -17.84
C THR A 732 25.51 -11.78 -17.44
N GLN A 733 25.29 -12.50 -16.34
CA GLN A 733 26.26 -13.50 -15.89
C GLN A 733 26.42 -14.61 -16.91
N GLN A 734 25.31 -15.05 -17.52
CA GLN A 734 25.39 -16.09 -18.54
C GLN A 734 26.15 -15.59 -19.76
N LYS A 735 25.93 -14.34 -20.16
CA LYS A 735 26.69 -13.78 -21.27
C LYS A 735 28.18 -13.73 -20.95
N ARG A 736 28.52 -13.31 -19.72
CA ARG A 736 29.93 -13.28 -19.33
C ARG A 736 30.53 -14.68 -19.34
N SER A 737 29.79 -15.66 -18.84
CA SER A 737 30.29 -17.04 -18.83
C SER A 737 30.50 -17.54 -20.26
N LEU A 738 29.58 -17.23 -21.16
CA LEU A 738 29.73 -17.64 -22.55
C LEU A 738 30.96 -16.99 -23.18
N ASP A 739 31.17 -15.70 -22.91
CA ASP A 739 32.36 -15.03 -23.42
C ASP A 739 33.63 -15.68 -22.88
N GLU A 740 33.65 -15.99 -21.59
CA GLU A 740 34.82 -16.63 -20.99
C GLU A 740 35.07 -18.00 -21.62
N ASN A 741 34.00 -18.76 -21.85
CA ASN A 741 34.15 -20.07 -22.47
C ASN A 741 34.70 -19.96 -23.88
N ARG A 742 34.20 -18.97 -24.65
CA ARG A 742 34.72 -18.76 -26.00
C ARG A 742 36.19 -18.38 -25.97
N LEU A 743 36.57 -17.50 -25.05
CA LEU A 743 37.97 -17.11 -24.92
C LEU A 743 38.84 -18.31 -24.56
N GLU A 744 38.36 -19.15 -23.65
CA GLU A 744 39.11 -20.35 -23.27
C GLU A 744 39.26 -21.30 -24.45
N ILE A 745 38.21 -21.46 -25.24
CA ILE A 745 38.27 -22.33 -26.41
C ILE A 745 39.29 -21.80 -27.40
N LYS A 746 39.27 -20.48 -27.64
CA LYS A 746 40.24 -19.89 -28.57
C LYS A 746 41.66 -20.08 -28.06
N TYR A 747 41.88 -19.88 -26.76
CA TYR A 747 43.21 -20.06 -26.19
C TYR A 747 43.65 -21.52 -26.33
N HIS A 748 42.74 -22.46 -26.09
CA HIS A 748 43.08 -23.87 -26.22
C HIS A 748 43.46 -24.21 -27.66
N ASN A 749 42.70 -23.68 -28.63
CA ASN A 749 43.02 -23.93 -30.03
C ASN A 749 44.39 -23.35 -30.39
N ASP A 750 44.68 -22.13 -29.92
CA ASP A 750 45.97 -21.53 -30.19
C ASP A 750 47.09 -22.35 -29.56
N LEU A 751 46.89 -22.83 -28.35
CA LEU A 751 47.90 -23.66 -27.69
C LEU A 751 48.11 -24.97 -28.45
N ILE A 752 47.03 -25.57 -28.94
CA ILE A 752 47.15 -26.80 -29.72
C ILE A 752 47.95 -26.55 -30.99
N GLU A 753 47.66 -25.44 -31.68
CA GLU A 753 48.42 -25.12 -32.88
C GLU A 753 49.90 -24.89 -32.56
N LYS A 754 50.18 -24.18 -31.47
CA LYS A 754 51.57 -23.94 -31.09
C LYS A 754 52.28 -25.24 -30.75
N GLU A 755 51.61 -26.14 -30.04
CA GLU A 755 52.21 -27.43 -29.71
C GLU A 755 52.47 -28.24 -30.98
N ILE A 756 51.53 -28.22 -31.93
CA ILE A 756 51.74 -28.91 -33.20
C ILE A 756 52.99 -28.37 -33.88
N GLN A 757 53.10 -27.04 -33.95
CA GLN A 757 54.36 -26.44 -34.41
C GLN A 757 55.52 -26.85 -33.51
N PRO A 758 55.40 -26.83 -32.18
CA PRO A 758 56.51 -27.30 -31.35
C PRO A 758 56.91 -28.74 -31.61
N LYS A 759 55.96 -29.59 -32.01
CA LYS A 759 56.33 -30.96 -32.36
C LYS A 759 57.25 -30.98 -33.57
N ILE A 760 56.95 -30.17 -34.59
CA ILE A 760 57.82 -30.10 -35.76
C ILE A 760 59.18 -29.54 -35.37
N THR A 761 59.18 -28.52 -34.51
CA THR A 761 60.45 -27.96 -34.05
C THR A 761 61.29 -29.01 -33.33
N GLU A 762 60.65 -29.80 -32.46
CA GLU A 762 61.37 -30.85 -31.75
C GLU A 762 61.89 -31.92 -32.70
N LEU A 763 61.10 -32.28 -33.71
CA LEU A 763 61.57 -33.25 -34.69
C LEU A 763 62.79 -32.73 -35.44
N LYS A 764 62.75 -31.45 -35.85
CA LYS A 764 63.90 -30.86 -36.52
C LYS A 764 65.11 -30.83 -35.60
N LYS A 765 64.90 -30.51 -34.33
CA LYS A 765 66.01 -30.51 -33.37
C LYS A 765 66.60 -31.92 -33.22
N LYS A 766 65.74 -32.94 -33.19
CA LYS A 766 66.23 -34.31 -33.08
C LYS A 766 67.04 -34.69 -34.32
N LEU A 767 66.56 -34.30 -35.51
CA LEU A 767 67.32 -34.58 -36.72
C LEU A 767 68.67 -33.88 -36.70
N ASP A 768 68.70 -32.62 -36.26
CA ASP A 768 69.96 -31.90 -36.15
C ASP A 768 70.89 -32.57 -35.15
N ASP A 769 70.33 -33.07 -34.03
CA ASP A 769 71.14 -33.76 -33.04
C ASP A 769 71.72 -35.05 -33.62
N LEU A 770 70.94 -35.77 -34.42
CA LEU A 770 71.46 -36.97 -35.07
C LEU A 770 72.59 -36.64 -36.03
N GLU A 771 72.42 -35.56 -36.81
CA GLU A 771 73.49 -35.14 -37.70
C GLU A 771 74.74 -34.75 -36.92
N ASN A 772 74.56 -34.04 -35.81
CA ASN A 772 75.70 -33.66 -34.97
C ASN A 772 76.38 -34.89 -34.38
N THR A 773 75.60 -35.91 -34.01
CA THR A 773 76.18 -37.14 -33.49
C THR A 773 77.00 -37.85 -34.57
N LYS A 774 76.49 -37.85 -35.81
CA LYS A 774 77.28 -38.43 -36.91
C LYS A 774 78.58 -37.66 -37.12
N ASP A 775 78.50 -36.32 -37.07
CA ASP A 775 79.71 -35.51 -37.22
C ASP A 775 80.69 -35.78 -36.08
N ASN A 776 80.18 -35.94 -34.86
CA ASN A 776 81.04 -36.26 -33.73
C ASN A 776 81.69 -37.63 -33.88
N LEU A 777 80.95 -38.61 -34.43
CA LEU A 777 81.54 -39.91 -34.71
C LEU A 777 82.66 -39.80 -35.73
N VAL A 778 82.45 -38.98 -36.77
CA VAL A 778 83.50 -38.76 -37.77
C VAL A 778 84.72 -38.12 -37.12
N LYS A 779 84.49 -37.13 -36.25
CA LYS A 779 85.60 -36.47 -35.56
C LYS A 779 86.34 -37.45 -34.67
N GLU A 780 85.61 -38.34 -33.98
CA GLU A 780 86.25 -39.34 -33.15
C GLU A 780 87.07 -40.30 -33.99
N LYS A 781 86.57 -40.68 -35.17
CA LYS A 781 87.36 -41.51 -36.07
C LYS A 781 88.65 -40.80 -36.48
N GLU A 782 88.55 -39.51 -36.80
CA GLU A 782 89.74 -38.76 -37.16
C GLU A 782 90.73 -38.69 -36.01
N ALA A 783 90.23 -38.47 -34.80
CA ALA A 783 91.11 -38.42 -33.63
C ALA A 783 91.78 -39.76 -33.40
N LEU A 784 91.04 -40.86 -33.55
CA LEU A 784 91.63 -42.18 -33.40
C LEU A 784 92.71 -42.42 -34.45
N GLN A 785 92.44 -42.02 -35.70
CA GLN A 785 93.45 -42.17 -36.74
C GLN A 785 94.71 -41.37 -36.40
N ASN A 786 94.52 -40.13 -35.90
CA ASN A 786 95.68 -39.34 -35.47
C ASN A 786 96.36 -39.97 -34.27
N ASN A 787 95.65 -40.82 -33.52
CA ASN A 787 96.23 -41.44 -32.34
C ASN A 787 97.36 -42.40 -32.69
N ILE A 788 97.52 -42.76 -33.96
CA ILE A 788 98.59 -43.65 -34.36
C ILE A 788 99.95 -43.06 -33.97
N PHE A 789 100.05 -41.73 -33.95
CA PHE A 789 101.26 -41.05 -33.53
C PHE A 789 101.12 -40.37 -32.17
N LYS A 790 99.91 -40.27 -31.63
CA LYS A 790 99.70 -39.66 -30.33
C LYS A 790 99.83 -40.71 -29.23
N GLU A 791 99.70 -40.27 -27.98
CA GLU A 791 99.80 -41.16 -26.84
C GLU A 791 99.06 -40.59 -25.64
N GLY A 797 92.15 -35.73 -23.78
CA GLY A 797 93.29 -34.93 -24.20
C GLY A 797 92.88 -33.74 -25.04
N PHE A 798 92.68 -33.96 -26.33
CA PHE A 798 92.26 -32.87 -27.21
C PHE A 798 90.92 -32.31 -26.79
N THR A 799 89.97 -33.19 -26.43
CA THR A 799 88.68 -32.71 -25.95
C THR A 799 88.85 -31.87 -24.69
N ILE A 800 89.82 -32.21 -23.85
CA ILE A 800 90.06 -31.44 -22.63
C ILE A 800 91.00 -30.26 -22.90
N LYS A 801 91.91 -30.40 -23.87
CA LYS A 801 92.85 -29.32 -24.15
C LYS A 801 92.12 -28.06 -24.59
N GLU A 802 91.10 -28.21 -25.45
CA GLU A 802 90.24 -27.10 -25.86
C GLU A 802 89.03 -26.95 -24.95
N TYR A 803 89.18 -27.43 -23.70
CA TYR A 803 88.27 -27.11 -22.58
C TYR A 803 88.36 -25.61 -22.33
N GLU A 804 89.30 -24.94 -22.97
CA GLU A 804 89.28 -23.46 -22.91
C GLU A 804 87.98 -23.10 -23.63
N ASN A 805 87.63 -23.86 -24.67
CA ASN A 805 86.42 -23.63 -25.49
C ASN A 805 85.33 -24.71 -25.36
N HIS A 806 85.62 -26.04 -25.34
CA HIS A 806 84.51 -27.00 -25.38
C HIS A 806 83.92 -27.22 -23.99
N SER A 807 84.72 -27.73 -23.06
CA SER A 807 84.22 -27.96 -21.71
C SER A 807 84.00 -26.64 -20.97
N GLY A 808 84.72 -25.58 -21.33
CA GLY A 808 84.39 -24.28 -20.75
C GLY A 808 83.01 -23.80 -21.14
N GLU A 809 82.65 -23.95 -22.43
CA GLU A 809 81.30 -23.62 -22.86
C GLU A 809 80.28 -24.55 -22.21
N LEU A 810 80.63 -25.82 -22.07
CA LEU A 810 79.73 -26.76 -21.41
C LEU A 810 79.50 -26.36 -19.95
N MET A 811 80.55 -25.94 -19.26
CA MET A 811 80.41 -25.50 -17.87
C MET A 811 79.63 -24.20 -17.79
N ARG A 812 79.80 -23.30 -18.75
CA ARG A 812 78.98 -22.09 -18.78
C ARG A 812 77.52 -22.43 -18.97
N GLN A 813 77.21 -23.37 -19.86
CA GLN A 813 75.83 -23.80 -20.06
C GLN A 813 75.28 -24.47 -18.80
N GLN A 814 76.11 -25.27 -18.13
CA GLN A 814 75.69 -25.90 -16.89
C GLN A 814 75.42 -24.86 -15.80
N SER A 815 76.25 -23.83 -15.73
CA SER A 815 76.01 -22.74 -14.78
C SER A 815 74.73 -22.00 -15.11
N LYS A 816 74.45 -21.78 -16.40
CA LYS A 816 73.20 -21.15 -16.80
C LYS A 816 72.01 -22.03 -16.40
N GLU A 817 72.13 -23.34 -16.61
CA GLU A 817 71.06 -24.25 -16.21
C GLU A 817 70.87 -24.25 -14.70
N LEU A 818 71.97 -24.19 -13.94
CA LEU A 818 71.87 -24.10 -12.49
C LEU A 818 71.22 -22.80 -12.05
N GLN A 819 71.54 -21.70 -12.74
CA GLN A 819 70.88 -20.43 -12.44
C GLN A 819 69.39 -20.50 -12.74
N GLN A 820 69.02 -21.17 -13.85
CA GLN A 820 67.61 -21.35 -14.16
C GLN A 820 66.92 -22.21 -13.10
N LEU A 821 67.61 -23.25 -12.63
CA LEU A 821 67.05 -24.09 -11.57
C LEU A 821 66.89 -23.30 -10.28
N GLN A 822 67.86 -22.44 -9.97
CA GLN A 822 67.74 -21.58 -8.80
C GLN A 822 66.59 -20.59 -8.95
N LYS A 823 66.39 -20.06 -10.15
CA LYS A 823 65.25 -19.19 -10.40
C LYS A 823 63.94 -19.94 -10.24
N GLN A 824 63.89 -21.19 -10.70
CA GLN A 824 62.69 -22.01 -10.49
C GLN A 824 62.48 -22.28 -9.01
N ILE A 825 63.54 -22.53 -8.26
CA ILE A 825 63.41 -22.74 -6.82
C ILE A 825 62.92 -21.47 -6.15
N LEU A 826 63.40 -20.31 -6.58
CA LEU A 826 62.92 -19.05 -6.05
C LEU A 826 61.46 -18.82 -6.40
N THR A 827 61.04 -19.21 -7.60
CA THR A 827 59.64 -19.10 -7.97
C THR A 827 58.78 -20.03 -7.13
N VAL A 828 59.30 -21.23 -6.82
CA VAL A 828 58.57 -22.15 -5.95
C VAL A 828 58.49 -21.57 -4.54
N GLU A 829 59.56 -20.92 -4.09
CA GLU A 829 59.53 -20.25 -2.79
C GLU A 829 58.52 -19.12 -2.77
N ASN A 830 58.44 -18.36 -3.87
CA ASN A 830 57.45 -17.30 -3.98
C ASN A 830 56.03 -17.87 -3.99
N LYS A 831 55.83 -18.99 -4.67
CA LYS A 831 54.52 -19.66 -4.63
C LYS A 831 54.20 -20.15 -3.24
N LEU A 832 55.19 -20.67 -2.51
CA LEU A 832 54.98 -21.08 -1.13
C LEU A 832 54.64 -19.89 -0.25
N GLN A 833 55.29 -18.75 -0.50
CA GLN A 833 54.97 -17.53 0.24
C GLN A 833 53.56 -17.06 -0.08
N PHE A 834 53.15 -17.16 -1.34
CA PHE A 834 51.77 -16.84 -1.71
C PHE A 834 50.79 -17.77 -1.01
N GLU A 835 51.12 -19.06 -0.94
CA GLU A 835 50.27 -20.01 -0.24
C GLU A 835 50.21 -19.68 1.25
N THR A 836 51.34 -19.29 1.83
CA THR A 836 51.36 -18.91 3.24
C THR A 836 50.54 -17.65 3.50
N ASP A 837 50.61 -16.68 2.59
CA ASP A 837 49.80 -15.47 2.72
C ASP A 837 48.33 -15.80 2.57
N ARG A 838 47.98 -16.69 1.64
CA ARG A 838 46.60 -17.12 1.49
C ARG A 838 46.14 -17.87 2.73
N LEU A 839 47.01 -18.68 3.33
CA LEU A 839 46.66 -19.37 4.56
C LEU A 839 46.49 -18.41 5.73
N SER A 840 47.32 -17.36 5.79
CA SER A 840 47.13 -16.35 6.82
C SER A 840 45.82 -15.59 6.63
N THR A 841 45.49 -15.26 5.38
CA THR A 841 44.21 -14.64 5.10
C THR A 841 43.05 -15.57 5.46
N THR A 842 43.21 -16.86 5.18
CA THR A 842 42.19 -17.83 5.53
C THR A 842 42.06 -18.00 7.03
N GLN A 843 43.17 -17.90 7.76
CA GLN A 843 43.11 -17.97 9.22
C GLN A 843 42.46 -16.73 9.80
N ARG A 844 42.73 -15.56 9.23
CA ARG A 844 42.02 -14.35 9.64
C ARG A 844 40.54 -14.47 9.34
N ARG A 845 40.21 -15.05 8.18
CA ARG A 845 38.81 -15.29 7.84
C ARG A 845 38.18 -16.29 8.80
N TYR A 846 38.93 -17.31 9.21
CA TYR A 846 38.42 -18.27 10.18
C TYR A 846 38.16 -17.60 11.53
N GLU A 847 39.06 -16.72 11.97
CA GLU A 847 38.84 -15.99 13.21
C GLU A 847 37.63 -15.08 13.09
N LYS A 848 37.51 -14.38 11.97
CA LYS A 848 36.35 -13.51 11.76
C LYS A 848 35.06 -14.31 11.72
N ALA A 849 35.09 -15.48 11.07
CA ALA A 849 33.90 -16.32 11.00
C ALA A 849 33.56 -16.93 12.36
N GLN A 850 34.56 -17.27 13.17
CA GLN A 850 34.29 -17.73 14.52
C GLN A 850 33.67 -16.61 15.36
N LYS A 851 34.20 -15.40 15.24
CA LYS A 851 33.61 -14.27 15.96
C LYS A 851 32.19 -14.01 15.49
N ASP A 852 31.96 -14.08 14.18
CA ASP A 852 30.62 -13.87 13.64
C ASP A 852 29.67 -14.98 14.06
N LEU A 853 30.14 -16.22 14.12
CA LEU A 853 29.31 -17.32 14.57
C LEU A 853 28.98 -17.19 16.05
N GLU A 854 29.94 -16.75 16.86
CA GLU A 854 29.66 -16.50 18.27
C GLU A 854 28.64 -15.37 18.42
N ASN A 855 28.80 -14.30 17.65
CA ASN A 855 27.84 -13.20 17.70
C ASN A 855 26.47 -13.64 17.25
N ALA A 856 26.39 -14.45 16.19
CA ALA A 856 25.12 -14.95 15.71
C ALA A 856 24.47 -15.88 16.71
N GLN A 857 25.26 -16.73 17.37
CA GLN A 857 24.73 -17.60 18.41
C GLN A 857 24.21 -16.78 19.59
N VAL A 858 24.95 -15.74 19.98
CA VAL A 858 24.48 -14.89 21.07
C VAL A 858 23.19 -14.17 20.68
N GLU A 859 23.13 -13.66 19.46
CA GLU A 859 21.92 -12.98 19.00
C GLU A 859 20.75 -13.95 18.92
N MET A 860 20.99 -15.16 18.44
CA MET A 860 19.92 -16.16 18.36
C MET A 860 19.46 -16.57 19.75
N LYS A 861 20.39 -16.70 20.70
CA LYS A 861 20.02 -17.03 22.07
C LYS A 861 19.20 -15.90 22.69
N SER A 862 19.60 -14.66 22.46
CA SER A 862 18.86 -13.51 22.96
C SER A 862 17.47 -13.46 22.34
N LEU A 863 17.39 -13.71 21.03
CA LEU A 863 16.09 -13.71 20.36
C LEU A 863 15.21 -14.83 20.87
N GLU A 864 15.78 -16.01 21.10
CA GLU A 864 15.00 -17.12 21.62
C GLU A 864 14.52 -16.84 23.04
N GLU A 865 15.37 -16.25 23.87
CA GLU A 865 14.95 -15.89 25.22
C GLU A 865 13.86 -14.84 25.19
N GLN A 866 14.00 -13.84 24.33
CA GLN A 866 12.97 -12.81 24.22
C GLN A 866 11.67 -13.40 23.71
N GLU A 867 11.74 -14.30 22.72
CA GLU A 867 10.54 -14.94 22.20
C GLU A 867 9.88 -15.81 23.26
N TYR A 868 10.67 -16.55 24.05
CA TYR A 868 10.10 -17.36 25.11
C TYR A 868 9.45 -16.51 26.17
N ALA A 869 10.10 -15.41 26.56
CA ALA A 869 9.50 -14.51 27.54
C ALA A 869 8.21 -13.88 27.00
N ILE A 870 8.23 -13.49 25.73
CA ILE A 870 7.04 -12.89 25.12
C ILE A 870 5.92 -13.93 25.05
N GLU A 871 6.25 -15.17 24.69
CA GLU A 871 5.23 -16.21 24.61
C GLU A 871 4.66 -16.51 25.99
N MET A 872 5.51 -16.57 27.02
CA MET A 872 5.02 -16.81 28.38
C MET A 872 4.13 -15.66 28.84
N LYS A 873 4.55 -14.42 28.59
CA LYS A 873 3.73 -13.28 28.96
C LYS A 873 2.41 -13.27 28.20
N ILE A 874 2.45 -13.62 26.91
CA ILE A 874 1.24 -13.66 26.11
C ILE A 874 0.29 -14.75 26.61
N GLY A 875 0.84 -15.92 26.97
CA GLY A 875 -0.01 -16.97 27.50
C GLY A 875 -0.62 -16.60 28.83
N SER A 876 0.17 -16.00 29.73
CA SER A 876 -0.37 -15.56 31.01
C SER A 876 -1.44 -14.50 30.81
N ILE A 877 -1.19 -13.54 29.91
CA ILE A 877 -2.16 -12.49 29.65
C ILE A 877 -3.42 -13.07 29.02
N GLU A 878 -3.26 -14.07 28.14
CA GLU A 878 -4.42 -14.71 27.52
C GLU A 878 -5.24 -15.46 28.55
N SER A 879 -4.59 -16.16 29.47
CA SER A 879 -5.33 -16.85 30.53
C SER A 879 -6.06 -15.86 31.42
N LYS A 880 -5.37 -14.79 31.84
CA LYS A 880 -6.00 -13.78 32.65
C LYS A 880 -7.16 -13.10 31.94
N LEU A 881 -7.00 -12.79 30.65
CA LEU A 881 -8.05 -12.18 29.85
C LEU A 881 -9.21 -13.12 29.62
N GLU A 882 -8.96 -14.43 29.44
CA GLU A 882 -10.06 -15.37 29.33
C GLU A 882 -10.83 -15.46 30.63
N GLU A 883 -10.14 -15.50 31.77
CA GLU A 883 -10.83 -15.51 33.06
C GLU A 883 -11.62 -14.23 33.25
N HIS A 884 -11.03 -13.09 32.92
CA HIS A 884 -11.73 -11.81 33.05
C HIS A 884 -12.91 -11.73 32.11
N LYS A 885 -12.78 -12.30 30.91
CA LYS A 885 -13.89 -12.29 29.96
C LYS A 885 -15.03 -13.18 30.42
N ASN A 886 -14.70 -14.34 31.00
CA ASN A 886 -15.76 -15.18 31.57
C ASN A 886 -16.45 -14.47 32.71
N HIS A 887 -15.68 -13.82 33.59
CA HIS A 887 -16.28 -13.07 34.69
C HIS A 887 -17.14 -11.93 34.16
N LEU A 888 -16.68 -11.24 33.12
CA LEU A 888 -17.43 -10.14 32.55
C LEU A 888 -18.69 -10.63 31.86
N ASP A 889 -18.63 -11.80 31.22
CA ASP A 889 -19.83 -12.37 30.62
C ASP A 889 -20.85 -12.74 31.68
N GLU A 890 -20.39 -13.34 32.78
CA GLU A 890 -21.30 -13.63 33.88
C GLU A 890 -21.90 -12.36 34.46
N LEU A 891 -21.07 -11.32 34.64
CA LEU A 891 -21.56 -10.05 35.16
C LEU A 891 -22.54 -9.40 34.20
N GLN A 892 -22.30 -9.53 32.89
CA GLN A 892 -23.20 -8.96 31.90
C GLN A 892 -24.53 -9.70 31.88
N LYS A 893 -24.50 -11.03 32.03
CA LYS A 893 -25.74 -11.77 32.14
C LYS A 893 -26.51 -11.37 33.38
N LYS A 894 -25.81 -11.21 34.51
CA LYS A 894 -26.46 -10.77 35.73
C LYS A 894 -27.04 -9.38 35.56
N PHE A 895 -26.32 -8.49 34.88
CA PHE A 895 -26.80 -7.13 34.66
C PHE A 895 -27.99 -7.11 33.73
N VAL A 896 -28.01 -7.99 32.72
CA VAL A 896 -29.16 -8.09 31.84
C VAL A 896 -30.37 -8.58 32.62
N THR A 897 -30.18 -9.58 33.48
CA THR A 897 -31.28 -10.04 34.32
C THR A 897 -31.78 -8.93 35.24
N LYS A 898 -30.84 -8.18 35.82
CA LYS A 898 -31.22 -7.07 36.70
C LYS A 898 -31.97 -5.99 35.93
N GLN A 899 -31.54 -5.70 34.70
CA GLN A 899 -32.23 -4.71 33.88
C GLN A 899 -33.63 -5.18 33.51
N SER A 900 -33.78 -6.46 33.19
CA SER A 900 -35.12 -7.00 32.91
C SER A 900 -36.01 -6.91 34.16
N GLU A 901 -35.46 -7.24 35.32
CA GLU A 901 -36.22 -7.12 36.55
C GLU A 901 -36.60 -5.68 36.84
N LEU A 902 -35.68 -4.75 36.58
CA LEU A 902 -35.96 -3.34 36.78
C LEU A 902 -37.04 -2.85 35.82
N ASN A 903 -37.02 -3.32 34.57
CA ASN A 903 -38.05 -2.95 33.62
C ASN A 903 -39.40 -3.50 34.05
N SER A 904 -39.44 -4.74 34.53
CA SER A 904 -40.69 -5.30 35.02
C SER A 904 -41.20 -4.53 36.23
N SER A 905 -40.30 -4.15 37.14
CA SER A 905 -40.69 -3.38 38.30
C SER A 905 -41.20 -2.00 37.90
N GLU A 906 -40.57 -1.39 36.90
CA GLU A 906 -41.02 -0.09 36.41
C GLU A 906 -42.41 -0.21 35.79
N ASP A 907 -42.65 -1.27 35.02
CA ASP A 907 -43.98 -1.47 34.44
C ASP A 907 -45.02 -1.68 35.54
N ILE A 908 -44.68 -2.47 36.56
CA ILE A 908 -45.60 -2.69 37.66
C ILE A 908 -45.89 -1.39 38.40
N LEU A 909 -44.84 -0.57 38.61
CA LEU A 909 -45.01 0.71 39.28
C LEU A 909 -45.88 1.65 38.45
N GLU A 910 -45.69 1.65 37.13
CA GLU A 910 -46.52 2.48 36.26
C GLU A 910 -47.98 2.04 36.33
N ASP A 911 -48.22 0.73 36.30
CA ASP A 911 -49.60 0.24 36.41
C ASP A 911 -50.21 0.62 37.76
N MET A 912 -49.44 0.49 38.83
CA MET A 912 -49.93 0.86 40.16
C MET A 912 -50.22 2.35 40.24
N ASN A 913 -49.35 3.17 39.65
CA ASN A 913 -49.58 4.61 39.64
C ASN A 913 -50.82 4.96 38.84
N SER A 914 -51.04 4.30 37.70
CA SER A 914 -52.25 4.55 36.93
C SER A 914 -53.49 4.16 37.72
N ASN A 915 -53.44 3.01 38.40
CA ASN A 915 -54.58 2.60 39.22
C ASN A 915 -54.83 3.58 40.35
N LEU A 916 -53.76 4.05 41.00
CA LEU A 916 -53.90 5.01 42.08
C LEU A 916 -54.48 6.33 41.58
N GLN A 917 -54.03 6.78 40.40
CA GLN A 917 -54.58 8.00 39.82
C GLN A 917 -56.06 7.83 39.49
N VAL A 918 -56.43 6.68 38.95
CA VAL A 918 -57.84 6.42 38.64
C VAL A 918 -58.67 6.44 39.93
N LEU A 919 -58.16 5.79 40.98
CA LEU A 919 -58.88 5.77 42.25
C LEU A 919 -59.00 7.18 42.84
N LYS A 920 -57.93 7.98 42.75
CA LYS A 920 -57.98 9.34 43.27
C LYS A 920 -58.98 10.19 42.49
N ARG A 921 -59.00 10.03 41.16
CA ARG A 921 -59.98 10.75 40.35
C ARG A 921 -61.40 10.34 40.71
N GLU A 922 -61.63 9.05 40.91
CA GLU A 922 -62.95 8.58 41.31
C GLU A 922 -63.35 9.17 42.66
N ARG A 923 -62.42 9.19 43.62
CA ARG A 923 -62.71 9.78 44.92
C ARG A 923 -63.04 11.26 44.77
N ASP A 924 -62.27 11.98 43.94
CA ASP A 924 -62.60 13.37 43.64
C ASP A 924 -63.95 13.46 42.96
N GLY A 925 -64.25 12.52 42.05
CA GLY A 925 -65.55 12.47 41.43
C GLY A 925 -66.62 11.77 42.25
N ILE A 926 -66.23 11.13 43.36
CA ILE A 926 -67.16 10.45 44.25
C ILE A 926 -67.25 11.16 45.59
N LYS A 927 -66.11 11.36 46.26
CA LYS A 927 -66.12 12.05 47.54
C LYS A 927 -66.65 13.47 47.37
N GLU A 928 -66.21 14.18 46.33
CA GLU A 928 -66.78 15.49 46.04
C GLU A 928 -68.25 15.36 45.66
N ASP A 929 -68.62 14.30 44.94
CA ASP A 929 -70.02 14.05 44.64
C ASP A 929 -70.82 13.83 45.92
N ILE A 930 -70.26 13.09 46.86
CA ILE A 930 -70.94 12.87 48.14
C ILE A 930 -71.10 14.18 48.89
N GLU A 931 -70.06 15.03 48.88
CA GLU A 931 -70.16 16.32 49.53
C GLU A 931 -71.22 17.19 48.88
N LYS A 932 -71.29 17.18 47.55
CA LYS A 932 -72.31 17.95 46.85
C LYS A 932 -73.71 17.44 47.19
N PHE A 933 -73.88 16.12 47.25
CA PHE A 933 -75.18 15.56 47.63
C PHE A 933 -75.55 15.97 49.05
N ASP A 934 -74.59 15.95 49.97
CA ASP A 934 -74.87 16.37 51.35
C ASP A 934 -75.24 17.84 51.40
N LEU A 935 -74.55 18.68 50.63
CA LEU A 935 -74.89 20.10 50.58
C LEU A 935 -76.28 20.32 50.02
N GLU A 936 -76.64 19.58 48.97
CA GLU A 936 -77.98 19.69 48.40
C GLU A 936 -79.03 19.26 49.41
N ARG A 937 -78.78 18.18 50.15
CA ARG A 937 -79.72 17.73 51.16
C ARG A 937 -79.88 18.79 52.26
N VAL A 938 -78.76 19.39 52.68
CA VAL A 938 -78.83 20.43 53.70
C VAL A 938 -79.64 21.62 53.20
N THR A 939 -79.40 22.03 51.95
CA THR A 939 -80.15 23.14 51.38
C THR A 939 -81.65 22.81 51.32
N ALA A 940 -81.97 21.59 50.93
CA ALA A 940 -83.38 21.18 50.90
C ALA A 940 -83.99 21.23 52.30
N LEU A 941 -83.24 20.80 53.30
CA LEU A 941 -83.73 20.85 54.68
C LEU A 941 -84.00 22.28 55.13
N LYS A 942 -83.38 23.27 54.48
CA LYS A 942 -83.62 24.66 54.86
C LYS A 942 -85.08 25.05 54.68
N ASN A 943 -85.78 24.43 53.73
CA ASN A 943 -87.18 24.72 53.48
C ASN A 943 -88.02 24.38 54.71
N ASP B 236 -87.02 37.11 51.73
CA ASP B 236 -86.13 35.98 51.50
C ASP B 236 -85.00 36.36 50.55
N ARG B 237 -83.92 36.91 51.12
CA ARG B 237 -82.76 37.33 50.34
C ARG B 237 -81.50 36.56 50.69
N GLU B 238 -81.56 35.60 51.62
CA GLU B 238 -80.38 34.81 51.95
C GLU B 238 -79.89 34.03 50.74
N LEU B 239 -80.78 33.65 49.84
CA LEU B 239 -80.36 32.97 48.62
C LEU B 239 -79.49 33.88 47.77
N ASN B 240 -79.84 35.16 47.66
CA ASN B 240 -79.02 36.10 46.93
C ASN B 240 -77.64 36.25 47.58
N GLU B 241 -77.60 36.31 48.91
CA GLU B 241 -76.32 36.40 49.60
C GLU B 241 -75.47 35.16 49.35
N VAL B 242 -76.09 33.98 49.35
CA VAL B 242 -75.35 32.75 49.07
C VAL B 242 -74.83 32.77 47.63
N ILE B 243 -75.64 33.27 46.70
CA ILE B 243 -75.21 33.34 45.30
C ILE B 243 -74.02 34.28 45.16
N ASN B 244 -74.07 35.42 45.83
CA ASN B 244 -72.96 36.37 45.78
C ASN B 244 -71.71 35.77 46.42
N GLN B 245 -71.87 35.04 47.52
CA GLN B 245 -70.74 34.37 48.14
C GLN B 245 -70.13 33.33 47.20
N MET B 246 -70.98 32.58 46.49
CA MET B 246 -70.48 31.61 45.52
C MET B 246 -69.76 32.31 44.38
N GLU B 247 -70.26 33.46 43.93
CA GLU B 247 -69.58 34.22 42.89
C GLU B 247 -68.22 34.71 43.36
N ARG B 248 -68.15 35.17 44.61
CA ARG B 248 -66.87 35.59 45.18
C ARG B 248 -65.90 34.42 45.28
N LEU B 249 -66.40 33.25 45.68
CA LEU B 249 -65.57 32.06 45.72
C LEU B 249 -65.07 31.69 44.33
N ASP B 250 -65.93 31.82 43.33
CA ASP B 250 -65.51 31.54 41.95
C ASP B 250 -64.44 32.53 41.50
N GLY B 251 -64.59 33.80 41.87
CA GLY B 251 -63.56 34.78 41.54
C GLY B 251 -62.24 34.48 42.22
N ASP B 252 -62.30 34.07 43.49
CA ASP B 252 -61.07 33.67 44.19
C ASP B 252 -60.45 32.45 43.54
N TYR B 253 -61.27 31.50 43.11
CA TYR B 253 -60.75 30.32 42.41
C TYR B 253 -60.11 30.72 41.09
N ASN B 254 -60.71 31.68 40.39
CA ASN B 254 -60.13 32.17 39.14
C ASN B 254 -58.79 32.86 39.39
N ASN B 255 -58.69 33.64 40.47
CA ASN B 255 -57.42 34.26 40.81
C ASN B 255 -56.36 33.22 41.15
N THR B 256 -56.75 32.19 41.91
CA THR B 256 -55.82 31.11 42.21
C THR B 256 -55.40 30.37 40.95
N VAL B 257 -56.34 30.19 40.01
CA VAL B 257 -56.02 29.55 38.75
C VAL B 257 -55.05 30.41 37.95
N TYR B 258 -55.23 31.72 38.00
CA TYR B 258 -54.30 32.62 37.31
C TYR B 258 -52.91 32.54 37.93
N SER B 259 -52.83 32.51 39.26
CA SER B 259 -51.53 32.37 39.91
C SER B 259 -50.88 31.04 39.55
N SER B 260 -51.66 29.96 39.57
CA SER B 260 -51.13 28.65 39.17
C SER B 260 -50.74 28.64 37.71
N GLU B 261 -51.44 29.39 36.87
CA GLU B 261 -51.08 29.47 35.46
C GLU B 261 -49.78 30.24 35.26
N GLN B 262 -49.55 31.28 36.06
CA GLN B 262 -48.27 31.97 36.02
C GLN B 262 -47.14 31.05 36.47
N TYR B 263 -47.38 30.30 37.56
CA TYR B 263 -46.37 29.35 38.02
C TYR B 263 -46.11 28.28 36.96
N ILE B 264 -47.17 27.78 36.33
CA ILE B 264 -47.02 26.78 35.28
C ILE B 264 -46.35 27.36 34.05
N GLN B 265 -46.55 28.64 33.76
CA GLN B 265 -45.86 29.27 32.64
C GLN B 265 -44.37 29.40 32.92
N GLU B 266 -44.01 29.77 34.15
CA GLU B 266 -42.59 29.78 34.51
C GLU B 266 -42.00 28.37 34.42
N LEU B 267 -42.72 27.38 34.94
CA LEU B 267 -42.24 26.01 34.87
C LEU B 267 -42.16 25.53 33.43
N ASP B 268 -43.06 26.01 32.58
CA ASP B 268 -43.07 25.59 31.18
C ASP B 268 -41.93 26.25 30.41
N LYS B 269 -41.60 27.50 30.74
CA LYS B 269 -40.41 28.12 30.18
C LYS B 269 -39.15 27.36 30.60
N ARG B 270 -39.09 26.99 31.88
CA ARG B 270 -37.95 26.20 32.35
C ARG B 270 -37.90 24.85 31.64
N GLU B 271 -39.05 24.21 31.46
CA GLU B 271 -39.09 22.90 30.80
C GLU B 271 -38.77 23.02 29.32
N ASP B 272 -39.17 24.10 28.66
CA ASP B 272 -38.81 24.31 27.26
C ASP B 272 -37.31 24.54 27.12
N MET B 273 -36.72 25.31 28.03
CA MET B 273 -35.26 25.46 28.02
C MET B 273 -34.58 24.12 28.25
N ILE B 274 -35.09 23.33 29.20
CA ILE B 274 -34.51 22.03 29.49
C ILE B 274 -34.65 21.09 28.30
N ASP B 275 -35.80 21.16 27.60
CA ASP B 275 -36.02 20.29 26.45
C ASP B 275 -35.15 20.70 25.28
N GLN B 276 -34.96 22.00 25.06
CA GLN B 276 -34.04 22.45 24.03
C GLN B 276 -32.62 22.01 24.35
N VAL B 277 -32.21 22.14 25.62
CA VAL B 277 -30.87 21.70 26.02
C VAL B 277 -30.75 20.20 25.85
N SER B 278 -31.81 19.45 26.15
CA SER B 278 -31.77 18.00 26.02
C SER B 278 -31.70 17.57 24.57
N LYS B 279 -32.43 18.25 23.69
CA LYS B 279 -32.34 17.96 22.26
C LYS B 279 -30.95 18.29 21.73
N LYS B 280 -30.39 19.43 22.14
CA LYS B 280 -29.04 19.78 21.73
C LYS B 280 -28.03 18.76 22.24
N LEU B 281 -28.20 18.32 23.49
CA LEU B 281 -27.29 17.33 24.05
C LEU B 281 -27.45 15.96 23.39
N SER B 282 -28.68 15.59 23.02
CA SER B 282 -28.88 14.33 22.30
C SER B 282 -28.25 14.38 20.92
N SER B 283 -28.40 15.50 20.21
CA SER B 283 -27.73 15.65 18.92
C SER B 283 -26.22 15.62 19.09
N ILE B 284 -25.72 16.30 20.13
CA ILE B 284 -24.28 16.33 20.38
C ILE B 284 -23.76 14.94 20.73
N GLU B 285 -24.56 14.16 21.46
CA GLU B 285 -24.16 12.82 21.84
C GLU B 285 -24.22 11.85 20.67
N ALA B 286 -25.22 11.98 19.80
CA ALA B 286 -25.24 11.19 18.58
C ALA B 286 -24.04 11.52 17.70
N SER B 287 -23.73 12.81 17.56
CA SER B 287 -22.55 13.22 16.81
C SER B 287 -21.29 12.71 17.48
N LEU B 288 -21.24 12.72 18.81
CA LEU B 288 -20.08 12.24 19.54
C LEU B 288 -19.89 10.74 19.36
N LYS B 289 -20.97 9.97 19.34
CA LYS B 289 -20.86 8.53 19.11
C LYS B 289 -20.46 8.23 17.67
N ILE B 290 -21.03 8.96 16.71
CA ILE B 290 -20.65 8.77 15.32
C ILE B 290 -19.18 9.13 15.14
N LYS B 291 -18.74 10.23 15.75
CA LYS B 291 -17.33 10.58 15.72
C LYS B 291 -16.49 9.52 16.41
N ASN B 292 -16.95 9.02 17.54
CA ASN B 292 -16.21 7.96 18.22
C ASN B 292 -15.94 6.81 17.27
N ALA B 293 -16.99 6.29 16.65
CA ALA B 293 -16.82 5.15 15.74
C ALA B 293 -15.94 5.52 14.54
N THR B 294 -16.29 6.58 13.83
CA THR B 294 -15.63 6.90 12.58
C THR B 294 -14.19 7.36 12.82
N ASP B 295 -14.01 8.40 13.63
CA ASP B 295 -12.68 8.87 13.98
C ASP B 295 -11.90 7.85 14.80
N LEU B 296 -12.54 6.83 15.37
CA LEU B 296 -11.79 5.78 16.03
C LEU B 296 -11.23 4.80 15.02
N GLN B 297 -12.00 4.47 13.99
CA GLN B 297 -11.42 3.75 12.86
C GLN B 297 -10.30 4.56 12.22
N GLN B 298 -10.53 5.88 12.09
CA GLN B 298 -9.52 6.75 11.50
C GLN B 298 -8.27 6.82 12.38
N ALA B 299 -8.45 6.84 13.70
CA ALA B 299 -7.30 6.90 14.61
C ALA B 299 -6.59 5.56 14.67
N LYS B 300 -7.32 4.45 14.52
CA LYS B 300 -6.66 3.16 14.39
C LYS B 300 -5.82 3.13 13.12
N LEU B 301 -6.36 3.65 12.02
CA LEU B 301 -5.59 3.72 10.78
C LEU B 301 -4.39 4.65 10.94
N ARG B 302 -4.56 5.78 11.64
CA ARG B 302 -3.47 6.71 11.85
C ARG B 302 -2.40 6.11 12.74
N GLU B 303 -2.80 5.36 13.77
CA GLU B 303 -1.83 4.68 14.63
C GLU B 303 -1.13 3.56 13.87
N SER B 304 -1.83 2.87 12.98
CA SER B 304 -1.18 1.88 12.13
C SER B 304 -0.17 2.54 11.20
N GLU B 305 -0.53 3.70 10.65
CA GLU B 305 0.41 4.44 9.80
C GLU B 305 1.61 4.93 10.60
N ILE B 306 1.38 5.39 11.84
CA ILE B 306 2.46 5.85 12.69
C ILE B 306 3.37 4.68 13.06
N SER B 307 2.79 3.52 13.34
CA SER B 307 3.59 2.33 13.63
C SER B 307 4.35 1.87 12.40
N GLN B 308 3.76 1.99 11.22
CA GLN B 308 4.47 1.66 9.99
C GLN B 308 5.63 2.62 9.75
N LYS B 309 5.41 3.91 10.03
CA LYS B 309 6.49 4.88 9.91
C LYS B 309 7.58 4.60 10.93
N LEU B 310 7.20 4.22 12.15
CA LEU B 310 8.19 3.87 13.17
C LEU B 310 8.96 2.62 12.77
N THR B 311 8.29 1.64 12.18
CA THR B 311 8.97 0.44 11.70
C THR B 311 9.89 0.77 10.54
N ASN B 312 9.47 1.67 9.65
CA ASN B 312 10.34 2.11 8.56
C ASN B 312 11.56 2.85 9.11
N VAL B 313 11.36 3.67 10.14
CA VAL B 313 12.49 4.37 10.76
C VAL B 313 13.41 3.38 11.46
N ASN B 314 12.84 2.35 12.08
CA ASN B 314 13.66 1.31 12.71
C ASN B 314 14.44 0.52 11.67
N VAL B 315 13.82 0.24 10.53
CA VAL B 315 14.52 -0.46 9.45
C VAL B 315 15.61 0.43 8.87
N LYS B 316 15.34 1.74 8.76
CA LYS B 316 16.37 2.67 8.30
C LYS B 316 17.52 2.75 9.31
N ILE B 317 17.21 2.72 10.60
CA ILE B 317 18.25 2.73 11.62
C ILE B 317 19.04 1.44 11.58
N LYS B 318 18.37 0.31 11.34
CA LYS B 318 19.07 -0.96 11.21
C LYS B 318 19.97 -0.96 9.98
N ASP B 319 19.49 -0.40 8.87
CA ASP B 319 20.33 -0.28 7.68
C ASP B 319 21.49 0.68 7.90
N VAL B 320 21.27 1.74 8.66
CA VAL B 320 22.36 2.66 8.99
C VAL B 320 23.38 1.98 9.89
N GLN B 321 22.92 1.16 10.83
CA GLN B 321 23.84 0.41 11.67
C GLN B 321 24.61 -0.63 10.85
N GLN B 322 23.94 -1.28 9.90
CA GLN B 322 24.62 -2.22 9.02
C GLN B 322 25.65 -1.51 8.16
N GLN B 323 25.32 -0.32 7.65
CA GLN B 323 26.27 0.45 6.88
C GLN B 323 27.43 0.93 7.75
N ILE B 324 27.15 1.28 9.00
CA ILE B 324 28.22 1.69 9.91
C ILE B 324 29.13 0.52 10.23
N GLU B 325 28.56 -0.67 10.42
CA GLU B 325 29.37 -1.87 10.62
C GLU B 325 30.19 -2.19 9.37
N SER B 326 29.59 -2.04 8.19
CA SER B 326 30.32 -2.26 6.96
C SER B 326 31.46 -1.26 6.80
N ASN B 327 31.21 0.00 7.16
CA ASN B 327 32.26 1.02 7.10
C ASN B 327 33.35 0.76 8.14
N GLU B 328 32.97 0.28 9.32
CA GLU B 328 33.98 -0.07 10.33
C GLU B 328 34.82 -1.24 9.87
N GLU B 329 34.19 -2.25 9.26
CA GLU B 329 34.95 -3.36 8.70
C GLU B 329 35.84 -2.90 7.56
N GLN B 330 35.34 -2.00 6.73
CA GLN B 330 36.14 -1.47 5.64
C GLN B 330 37.33 -0.67 6.16
N ARG B 331 37.13 0.09 7.24
CA ARG B 331 38.23 0.85 7.83
C ARG B 331 39.23 -0.07 8.52
N ASN B 332 38.77 -1.12 9.19
CA ASN B 332 39.68 -2.08 9.79
C ASN B 332 40.49 -2.80 8.71
N LEU B 333 39.84 -3.20 7.63
CA LEU B 333 40.55 -3.79 6.50
C LEU B 333 41.52 -2.80 5.90
N ASP B 334 41.11 -1.54 5.78
CA ASP B 334 42.00 -0.51 5.27
C ASP B 334 43.25 -0.42 6.14
N SER B 335 43.07 -0.34 7.45
CA SER B 335 44.22 -0.22 8.35
C SER B 335 45.11 -1.45 8.27
N ALA B 336 44.52 -2.64 8.32
CA ALA B 336 45.32 -3.86 8.33
C ALA B 336 46.04 -4.07 7.00
N THR B 337 45.29 -4.08 5.90
CA THR B 337 45.88 -4.21 4.58
C THR B 337 46.79 -3.05 4.23
N LEU B 338 46.62 -1.88 4.84
CA LEU B 338 47.52 -0.77 4.61
C LEU B 338 48.83 -0.92 5.37
N LYS B 339 48.79 -1.44 6.59
CA LYS B 339 50.04 -1.81 7.26
C LYS B 339 50.75 -2.90 6.48
N GLU B 340 49.99 -3.89 5.99
CA GLU B 340 50.59 -4.94 5.17
C GLU B 340 51.17 -4.37 3.88
N ILE B 341 50.45 -3.45 3.24
CA ILE B 341 50.92 -2.84 2.01
C ILE B 341 52.14 -1.97 2.26
N LYS B 342 52.17 -1.28 3.40
CA LYS B 342 53.35 -0.48 3.75
C LYS B 342 54.56 -1.39 3.96
N SER B 343 54.38 -2.51 4.66
CA SER B 343 55.48 -3.44 4.85
C SER B 343 55.94 -4.02 3.51
N ILE B 344 54.99 -4.40 2.66
CA ILE B 344 55.34 -4.98 1.36
C ILE B 344 56.03 -3.94 0.49
N ILE B 345 55.58 -2.69 0.55
CA ILE B 345 56.17 -1.62 -0.24
C ILE B 345 57.58 -1.32 0.27
N GLU B 346 57.77 -1.37 1.59
CA GLU B 346 59.10 -1.17 2.15
C GLU B 346 60.04 -2.28 1.69
N GLN B 347 59.57 -3.53 1.73
CA GLN B 347 60.39 -4.64 1.26
C GLN B 347 60.71 -4.51 -0.22
N ARG B 348 59.69 -4.18 -1.02
CA ARG B 348 59.89 -4.02 -2.46
C ARG B 348 60.81 -2.86 -2.79
N LYS B 349 60.72 -1.76 -2.03
CA LYS B 349 61.60 -0.62 -2.25
C LYS B 349 63.02 -0.93 -1.83
N GLN B 350 63.21 -1.68 -0.74
CA GLN B 350 64.55 -2.13 -0.39
C GLN B 350 65.13 -3.03 -1.47
N LYS B 351 64.32 -3.95 -1.98
CA LYS B 351 64.77 -4.81 -3.06
C LYS B 351 65.10 -4.00 -4.31
N LEU B 352 64.26 -3.02 -4.64
CA LEU B 352 64.51 -2.20 -5.82
C LEU B 352 65.76 -1.34 -5.64
N SER B 353 65.98 -0.81 -4.44
CA SER B 353 67.19 -0.03 -4.19
C SER B 353 68.43 -0.91 -4.29
N LYS B 354 68.38 -2.12 -3.73
CA LYS B 354 69.49 -3.04 -3.88
C LYS B 354 69.73 -3.36 -5.35
N ILE B 355 68.62 -3.56 -6.07
CA ILE B 355 68.67 -3.86 -7.53
C ILE B 355 69.11 -2.60 -8.28
N LEU B 356 68.86 -1.39 -7.77
CA LEU B 356 69.43 -0.20 -8.46
C LEU B 356 70.95 -0.30 -8.31
N PRO B 357 71.45 -0.63 -7.09
CA PRO B 357 72.87 -0.85 -6.89
C PRO B 357 73.27 -2.07 -7.74
N ARG B 358 72.38 -3.06 -7.85
CA ARG B 358 72.73 -4.30 -8.61
C ARG B 358 72.98 -3.91 -10.06
N TYR B 359 72.18 -3.00 -10.62
CA TYR B 359 72.36 -2.49 -12.00
C TYR B 359 73.65 -1.69 -12.09
N GLN B 360 73.92 -0.83 -11.10
CA GLN B 360 75.24 -0.12 -11.11
C GLN B 360 76.30 -1.20 -11.24
N GLU B 361 75.95 -2.44 -10.88
CA GLU B 361 76.86 -3.58 -10.95
C GLU B 361 76.55 -4.45 -12.16
N LEU B 362 75.27 -4.70 -12.41
CA LEU B 362 74.87 -5.53 -13.54
C LEU B 362 75.16 -4.85 -14.87
N THR B 363 75.01 -3.52 -14.94
CA THR B 363 75.38 -2.81 -16.16
C THR B 363 76.87 -2.87 -16.40
N LYS B 364 77.67 -2.72 -15.33
CA LYS B 364 79.11 -2.84 -15.49
C LYS B 364 79.51 -4.23 -15.94
N GLU B 365 78.90 -5.26 -15.36
CA GLU B 365 79.17 -6.62 -15.80
C GLU B 365 78.71 -6.83 -17.24
N GLU B 366 77.54 -6.28 -17.59
CA GLU B 366 77.01 -6.44 -18.93
C GLU B 366 77.98 -5.85 -19.95
N ALA B 367 78.22 -4.53 -19.87
CA ALA B 367 79.14 -3.90 -20.82
C ALA B 367 80.33 -4.79 -21.13
N MET B 368 81.00 -5.31 -20.09
CA MET B 368 82.16 -6.17 -20.29
C MET B 368 81.78 -7.47 -20.97
N TYR B 369 80.68 -8.10 -20.55
CA TYR B 369 80.30 -9.39 -21.13
C TYR B 369 79.92 -9.24 -22.61
N LYS B 370 79.18 -8.18 -22.94
CA LYS B 370 78.83 -7.90 -24.33
C LYS B 370 80.07 -7.62 -25.16
N LEU B 371 81.03 -6.85 -24.61
CA LEU B 371 82.26 -6.61 -25.33
C LEU B 371 83.01 -7.91 -25.59
N GLN B 372 83.08 -8.78 -24.58
CA GLN B 372 83.77 -10.06 -24.74
C GLN B 372 83.06 -10.93 -25.77
N LEU B 373 81.73 -10.95 -25.74
CA LEU B 373 80.98 -11.73 -26.71
C LEU B 373 81.19 -11.21 -28.12
N ALA B 374 81.20 -9.89 -28.28
CA ALA B 374 81.47 -9.30 -29.59
C ALA B 374 82.86 -9.67 -30.08
N SER B 375 83.86 -9.61 -29.19
CA SER B 375 85.21 -10.00 -29.56
C SER B 375 85.26 -11.47 -29.97
N LEU B 376 84.58 -12.33 -29.21
CA LEU B 376 84.55 -13.75 -29.56
C LEU B 376 83.90 -13.98 -30.91
N GLN B 377 82.79 -13.28 -31.18
CA GLN B 377 82.20 -13.32 -32.51
C GLN B 377 83.18 -12.76 -33.54
N GLN B 378 83.90 -11.71 -33.19
CA GLN B 378 84.93 -11.15 -34.05
C GLN B 378 86.25 -11.88 -33.93
N LYS B 379 86.38 -12.83 -33.00
CA LYS B 379 87.58 -13.64 -32.86
C LYS B 379 87.31 -15.12 -33.13
N GLN B 380 86.36 -15.72 -32.40
CA GLN B 380 86.05 -17.13 -32.63
C GLN B 380 85.51 -17.35 -34.04
N ARG B 381 84.53 -16.56 -34.45
CA ARG B 381 84.06 -16.62 -35.83
C ARG B 381 85.17 -16.20 -36.78
N ASP B 382 85.94 -15.18 -36.41
CA ASP B 382 87.09 -14.80 -37.21
C ASP B 382 88.12 -15.93 -37.28
N LEU B 383 88.32 -16.64 -36.17
CA LEU B 383 89.24 -17.77 -36.19
C LEU B 383 88.76 -18.86 -37.13
N ILE B 384 87.46 -19.16 -37.11
CA ILE B 384 86.92 -20.16 -38.01
C ILE B 384 87.07 -19.73 -39.46
N LEU B 385 86.80 -18.45 -39.73
CA LEU B 385 86.95 -17.94 -41.09
C LEU B 385 88.39 -18.02 -41.55
N LYS B 386 89.34 -17.69 -40.67
CA LYS B 386 90.74 -17.79 -41.03
C LYS B 386 91.15 -19.23 -41.28
N LYS B 387 90.66 -20.16 -40.47
CA LYS B 387 90.96 -21.57 -40.70
C LYS B 387 90.42 -22.03 -42.05
N GLY B 388 89.19 -21.62 -42.38
CA GLY B 388 88.62 -21.97 -43.67
C GLY B 388 89.41 -21.37 -44.83
N GLU B 389 89.83 -20.11 -44.68
CA GLU B 389 90.62 -19.48 -45.73
C GLU B 389 91.96 -20.19 -45.91
N TYR B 390 92.60 -20.57 -44.81
CA TYR B 390 93.85 -21.31 -44.91
C TYR B 390 93.64 -22.65 -45.59
N ALA B 391 92.56 -23.36 -45.24
CA ALA B 391 92.27 -24.63 -45.89
C ALA B 391 92.05 -24.43 -47.39
N ARG B 392 91.30 -23.40 -47.78
CA ARG B 392 91.08 -23.13 -49.19
C ARG B 392 92.38 -22.81 -49.91
N PHE B 393 93.24 -22.00 -49.28
CA PHE B 393 94.53 -21.66 -49.89
C PHE B 393 95.45 -22.87 -49.96
N LYS B 394 95.20 -23.88 -49.11
CA LYS B 394 96.05 -25.07 -49.14
C LYS B 394 96.00 -25.75 -50.50
N SER B 395 94.80 -25.86 -51.09
CA SER B 395 94.69 -26.42 -52.43
C SER B 395 95.43 -25.53 -53.43
N LYS B 396 96.17 -26.16 -54.33
CA LYS B 396 96.96 -25.43 -55.32
C LYS B 396 96.93 -26.19 -56.63
N ASP B 397 96.67 -25.48 -57.73
CA ASP B 397 96.67 -26.04 -59.07
C ASP B 397 97.45 -25.10 -59.98
N GLU B 398 98.60 -25.58 -60.49
CA GLU B 398 99.42 -24.75 -61.34
C GLU B 398 98.68 -24.33 -62.61
N ARG B 399 97.96 -25.26 -63.23
CA ARG B 399 97.22 -24.96 -64.45
C ARG B 399 95.97 -24.13 -64.13
N TRP B 402 91.05 -20.70 -63.44
CA TRP B 402 91.13 -21.62 -62.31
C TRP B 402 89.75 -21.86 -61.71
N ILE B 403 89.72 -22.55 -60.56
CA ILE B 403 88.46 -22.84 -59.89
C ILE B 403 87.78 -21.59 -59.37
N HIS B 404 88.51 -20.49 -59.22
CA HIS B 404 87.91 -19.25 -58.71
C HIS B 404 86.70 -18.85 -59.54
N SER B 405 86.80 -18.99 -60.87
CA SER B 405 85.66 -18.69 -61.72
C SER B 405 84.42 -19.44 -61.27
N GLU B 406 84.56 -20.74 -61.01
CA GLU B 406 83.44 -21.51 -60.49
C GLU B 406 82.95 -20.90 -59.17
N ILE B 407 83.88 -20.57 -58.27
CA ILE B 407 83.51 -19.87 -57.05
C ILE B 407 82.77 -18.58 -57.38
N GLU B 408 83.25 -17.86 -58.40
CA GLU B 408 82.55 -16.66 -58.85
C GLU B 408 81.10 -16.97 -59.17
N GLU B 409 80.85 -18.11 -59.82
CA GLU B 409 79.46 -18.52 -60.06
C GLU B 409 78.71 -18.63 -58.76
N LEU B 410 79.29 -19.31 -57.76
CA LEU B 410 78.69 -19.33 -56.44
C LEU B 410 78.57 -17.93 -55.87
N LYS B 411 79.57 -17.09 -56.11
CA LYS B 411 79.49 -15.69 -55.69
C LYS B 411 78.38 -14.96 -56.43
N SER B 412 78.08 -15.39 -57.66
CA SER B 412 77.06 -14.72 -58.46
C SER B 412 75.70 -15.40 -58.35
N SER B 413 75.62 -16.69 -58.67
CA SER B 413 74.34 -17.39 -58.62
C SER B 413 73.79 -17.45 -57.20
N ILE B 414 74.60 -17.92 -56.26
CA ILE B 414 74.14 -18.02 -54.88
C ILE B 414 73.74 -16.64 -54.36
N GLN B 415 74.60 -15.64 -54.60
CA GLN B 415 74.23 -14.27 -54.25
C GLN B 415 72.95 -13.86 -54.98
N ASN B 416 72.84 -14.22 -56.26
CA ASN B 416 71.59 -14.00 -56.98
C ASN B 416 70.45 -14.69 -56.26
N LEU B 417 70.66 -15.94 -55.83
CA LEU B 417 69.67 -16.61 -54.99
C LEU B 417 69.42 -15.81 -53.72
N ASN B 418 70.49 -15.32 -53.09
CA ASN B 418 70.32 -14.40 -51.96
C ASN B 418 69.50 -13.20 -52.38
N GLU B 419 69.78 -12.66 -53.58
CA GLU B 419 68.95 -11.58 -54.11
C GLU B 419 67.49 -12.04 -54.21
N LEU B 420 67.28 -13.26 -54.70
CA LEU B 420 65.93 -13.82 -54.68
C LEU B 420 65.41 -13.89 -53.24
N GLU B 421 66.25 -14.33 -52.31
CA GLU B 421 65.89 -14.24 -50.90
C GLU B 421 65.61 -12.80 -50.50
N SER B 422 66.44 -11.88 -50.99
CA SER B 422 66.14 -10.46 -50.79
C SER B 422 64.78 -10.12 -51.39
N GLN B 423 64.48 -10.67 -52.57
CA GLN B 423 63.14 -10.52 -53.13
C GLN B 423 62.09 -11.07 -52.17
N LEU B 424 62.37 -12.25 -51.59
CA LEU B 424 61.51 -12.76 -50.53
C LEU B 424 61.43 -11.77 -49.38
N GLN B 425 62.56 -11.16 -49.02
CA GLN B 425 62.54 -10.07 -48.06
C GLN B 425 61.74 -8.89 -48.59
N MET B 426 61.89 -8.57 -49.88
CA MET B 426 61.08 -7.51 -50.47
C MET B 426 59.61 -7.86 -50.44
N ASP B 427 59.27 -9.12 -50.75
CA ASP B 427 57.89 -9.58 -50.69
C ASP B 427 57.42 -9.85 -49.26
N ARG B 428 58.35 -9.97 -48.31
CA ARG B 428 58.01 -10.17 -46.91
C ARG B 428 58.06 -8.86 -46.12
N THR B 429 59.12 -8.07 -46.31
CA THR B 429 59.19 -6.77 -45.65
C THR B 429 58.06 -5.87 -46.11
N SER B 430 57.78 -5.85 -47.41
CA SER B 430 56.62 -5.11 -47.91
C SER B 430 55.32 -5.72 -47.39
N LEU B 431 55.22 -7.04 -47.40
CA LEU B 431 54.04 -7.69 -46.84
C LEU B 431 53.93 -7.42 -45.35
N ARG B 432 55.06 -7.42 -44.64
CA ARG B 432 55.04 -7.10 -43.22
C ARG B 432 54.55 -5.68 -42.98
N LYS B 433 55.01 -4.73 -43.80
CA LYS B 433 54.56 -3.35 -43.65
C LYS B 433 53.06 -3.23 -43.93
N GLN B 434 52.58 -3.93 -44.96
CA GLN B 434 51.15 -3.89 -45.26
C GLN B 434 50.34 -4.47 -44.11
N TYR B 435 50.80 -5.59 -43.55
CA TYR B 435 50.11 -6.19 -42.42
C TYR B 435 50.12 -5.26 -41.21
N SER B 436 51.25 -4.58 -40.98
CA SER B 436 51.32 -3.64 -39.87
C SER B 436 50.35 -2.48 -40.07
N ALA B 437 50.26 -1.97 -41.29
CA ALA B 437 49.31 -0.89 -41.57
C ALA B 437 47.87 -1.36 -41.35
N ILE B 438 47.56 -2.57 -41.81
CA ILE B 438 46.21 -3.10 -41.60
C ILE B 438 45.92 -3.25 -40.11
N ASP B 439 46.89 -3.75 -39.35
CA ASP B 439 46.71 -3.91 -37.91
C ASP B 439 46.52 -2.56 -37.23
N GLU B 440 47.28 -1.55 -37.65
CA GLU B 440 47.12 -0.22 -37.08
C GLU B 440 45.74 0.34 -37.37
N GLU B 441 45.26 0.16 -38.60
CA GLU B 441 43.91 0.63 -38.94
C GLU B 441 42.86 -0.10 -38.11
N ILE B 442 43.02 -1.41 -37.95
CA ILE B 442 42.06 -2.18 -37.14
C ILE B 442 42.08 -1.71 -35.69
N GLU B 443 43.28 -1.46 -35.16
CA GLU B 443 43.39 -0.98 -33.78
C GLU B 443 42.74 0.38 -33.62
N GLU B 444 42.93 1.28 -34.59
CA GLU B 444 42.29 2.59 -34.53
C GLU B 444 40.77 2.44 -34.56
N LEU B 445 40.26 1.58 -35.43
CA LEU B 445 38.82 1.36 -35.50
C LEU B 445 38.29 0.80 -34.18
N ILE B 446 39.01 -0.15 -33.58
CA ILE B 446 38.57 -0.73 -32.33
C ILE B 446 38.58 0.30 -31.21
N ASP B 447 39.64 1.12 -31.15
CA ASP B 447 39.70 2.16 -30.14
C ASP B 447 38.58 3.18 -30.32
N SER B 448 38.20 3.45 -31.56
CA SER B 448 37.09 4.37 -31.80
C SER B 448 35.80 3.85 -31.16
N ILE B 449 35.52 2.56 -31.31
CA ILE B 449 34.33 1.98 -30.69
C ILE B 449 34.50 1.90 -29.18
N ASN B 450 35.73 1.70 -28.70
CA ASN B 450 35.95 1.57 -27.26
C ASN B 450 35.47 2.79 -26.50
N GLY B 451 35.53 3.97 -27.11
CA GLY B 451 35.08 5.18 -26.46
C GLY B 451 33.60 5.14 -26.10
N GLY B 456 30.04 7.19 -22.85
CA GLY B 456 29.28 8.30 -23.41
C GLY B 456 27.79 7.99 -23.50
N GLN B 457 27.41 7.30 -24.58
CA GLN B 457 26.00 6.96 -24.76
C GLN B 457 25.51 6.04 -23.63
N LEU B 458 26.34 5.07 -23.23
CA LEU B 458 25.95 4.16 -22.16
C LEU B 458 25.72 4.92 -20.86
N GLU B 459 26.59 5.88 -20.54
CA GLU B 459 26.41 6.65 -19.32
C GLU B 459 25.11 7.47 -19.36
N ASP B 460 24.81 8.07 -20.51
CA ASP B 460 23.57 8.82 -20.63
C ASP B 460 22.36 7.91 -20.48
N PHE B 461 22.40 6.73 -21.09
CA PHE B 461 21.31 5.79 -20.95
C PHE B 461 21.12 5.35 -19.49
N ASP B 462 22.23 5.09 -18.79
CA ASP B 462 22.15 4.71 -17.39
C ASP B 462 21.56 5.84 -16.55
N SER B 463 21.97 7.08 -16.82
CA SER B 463 21.42 8.21 -16.08
C SER B 463 19.92 8.35 -16.34
N GLU B 464 19.51 8.20 -17.61
CA GLU B 464 18.09 8.27 -17.93
C GLU B 464 17.31 7.17 -17.23
N LEU B 465 17.87 5.96 -17.18
CA LEU B 465 17.21 4.86 -16.49
C LEU B 465 17.08 5.14 -15.00
N ILE B 466 18.12 5.71 -14.40
CA ILE B 466 18.07 6.04 -12.97
C ILE B 466 17.01 7.10 -12.72
N HIS B 467 16.94 8.11 -13.58
CA HIS B 467 15.92 9.15 -13.41
C HIS B 467 14.53 8.57 -13.56
N LEU B 468 14.34 7.66 -14.53
CA LEU B 468 13.04 7.03 -14.71
C LEU B 468 12.67 6.19 -13.49
N LYS B 469 13.64 5.47 -12.92
CA LYS B 469 13.37 4.68 -11.72
C LYS B 469 12.98 5.57 -10.55
N GLN B 470 13.67 6.71 -10.40
CA GLN B 470 13.31 7.64 -9.33
C GLN B 470 11.90 8.18 -9.53
N LYS B 471 11.56 8.54 -10.77
CA LYS B 471 10.22 9.02 -11.06
C LYS B 471 9.17 7.94 -10.76
N LEU B 472 9.48 6.70 -11.11
CA LEU B 472 8.55 5.60 -10.84
C LEU B 472 8.37 5.41 -9.34
N SER B 473 9.46 5.51 -8.57
CA SER B 473 9.34 5.39 -7.12
C SER B 473 8.49 6.52 -6.54
N GLU B 474 8.69 7.75 -7.02
CA GLU B 474 7.86 8.86 -6.56
C GLU B 474 6.40 8.64 -6.91
N SER B 475 6.14 8.15 -8.12
CA SER B 475 4.77 7.86 -8.53
C SER B 475 4.15 6.78 -7.66
N LEU B 476 4.93 5.75 -7.31
CA LEU B 476 4.43 4.71 -6.44
C LEU B 476 4.09 5.24 -5.06
N ASP B 477 4.95 6.12 -4.51
CA ASP B 477 4.65 6.73 -3.23
C ASP B 477 3.37 7.57 -3.29
N THR B 478 3.22 8.34 -4.37
CA THR B 478 2.01 9.14 -4.54
C THR B 478 0.79 8.23 -4.66
N ARG B 479 0.92 7.10 -5.36
CA ARG B 479 -0.18 6.16 -5.49
C ARG B 479 -0.56 5.56 -4.14
N LYS B 480 0.44 5.23 -3.31
CA LYS B 480 0.14 4.72 -1.98
C LYS B 480 -0.58 5.76 -1.14
N GLU B 481 -0.13 7.02 -1.21
CA GLU B 481 -0.82 8.08 -0.48
C GLU B 481 -2.25 8.24 -0.96
N LEU B 482 -2.46 8.19 -2.28
CA LEU B 482 -3.81 8.27 -2.82
C LEU B 482 -4.65 7.09 -2.38
N TRP B 483 -4.05 5.90 -2.31
CA TRP B 483 -4.78 4.72 -1.83
C TRP B 483 -5.25 4.91 -0.40
N ARG B 484 -4.37 5.42 0.47
CA ARG B 484 -4.75 5.68 1.86
C ARG B 484 -5.87 6.71 1.92
N LYS B 485 -5.74 7.79 1.15
CA LYS B 485 -6.76 8.83 1.16
C LYS B 485 -8.09 8.28 0.67
N GLU B 486 -8.06 7.45 -0.37
CA GLU B 486 -9.30 6.86 -0.90
C GLU B 486 -9.92 5.91 0.10
N GLN B 487 -9.11 5.14 0.82
CA GLN B 487 -9.65 4.25 1.84
C GLN B 487 -10.34 5.05 2.94
N LYS B 488 -9.70 6.12 3.39
CA LYS B 488 -10.33 6.97 4.41
C LYS B 488 -11.62 7.59 3.88
N LEU B 489 -11.60 8.06 2.64
CA LEU B 489 -12.79 8.64 2.04
C LEU B 489 -13.93 7.63 1.96
N GLN B 490 -13.61 6.40 1.57
CA GLN B 490 -14.62 5.36 1.48
C GLN B 490 -15.20 5.04 2.86
N THR B 491 -14.34 4.97 3.88
CA THR B 491 -14.83 4.69 5.22
C THR B 491 -15.78 5.78 5.69
N VAL B 492 -15.38 7.05 5.51
CA VAL B 492 -16.24 8.15 5.96
C VAL B 492 -17.53 8.19 5.13
N LEU B 493 -17.44 7.87 3.84
CA LEU B 493 -18.64 7.84 3.01
C LEU B 493 -19.60 6.74 3.46
N GLU B 494 -19.07 5.58 3.83
CA GLU B 494 -19.92 4.52 4.36
C GLU B 494 -20.58 4.95 5.65
N THR B 495 -19.83 5.61 6.54
CA THR B 495 -20.41 6.11 7.78
C THR B 495 -21.52 7.12 7.48
N LEU B 496 -21.28 8.02 6.52
CA LEU B 496 -22.29 9.02 6.17
C LEU B 496 -23.53 8.35 5.58
N LEU B 497 -23.34 7.32 4.76
CA LEU B 497 -24.48 6.61 4.19
C LEU B 497 -25.29 5.92 5.29
N SER B 498 -24.61 5.31 6.26
CA SER B 498 -25.33 4.72 7.39
C SER B 498 -26.11 5.77 8.16
N ASP B 499 -25.50 6.93 8.40
CA ASP B 499 -26.21 8.00 9.09
C ASP B 499 -27.41 8.48 8.30
N VAL B 500 -27.27 8.58 6.97
CA VAL B 500 -28.38 9.01 6.13
C VAL B 500 -29.51 7.99 6.18
N ASN B 501 -29.18 6.69 6.16
CA ASN B 501 -30.20 5.67 6.28
C ASN B 501 -30.92 5.76 7.62
N GLN B 502 -30.16 5.98 8.70
CA GLN B 502 -30.78 6.14 10.01
C GLN B 502 -31.72 7.35 10.04
N ASN B 503 -31.29 8.46 9.45
CA ASN B 503 -32.14 9.65 9.41
C ASN B 503 -33.40 9.40 8.60
N GLN B 504 -33.28 8.70 7.47
CA GLN B 504 -34.44 8.38 6.66
C GLN B 504 -35.42 7.49 7.43
N ARG B 505 -34.90 6.51 8.17
CA ARG B 505 -35.76 5.67 9.00
C ARG B 505 -36.45 6.50 10.07
N ASN B 506 -35.72 7.40 10.71
CA ASN B 506 -36.34 8.26 11.73
C ASN B 506 -37.44 9.10 11.13
N VAL B 507 -37.21 9.67 9.94
CA VAL B 507 -38.23 10.48 9.28
C VAL B 507 -39.46 9.63 8.96
N ASN B 508 -39.24 8.44 8.40
CA ASN B 508 -40.36 7.56 8.06
C ASN B 508 -41.12 7.10 9.29
N GLU B 509 -40.47 7.08 10.46
CA GLU B 509 -41.15 6.63 11.67
C GLU B 509 -42.35 7.53 12.01
N THR B 510 -42.40 8.74 11.46
CA THR B 510 -43.43 9.71 11.81
C THR B 510 -44.68 9.60 10.95
N MET B 511 -44.52 9.47 9.64
CA MET B 511 -45.68 9.49 8.75
C MET B 511 -46.58 8.28 8.99
N SER B 512 -47.87 8.47 8.73
CA SER B 512 -48.80 7.35 8.77
C SER B 512 -48.42 6.35 7.70
N ARG B 513 -48.52 5.06 8.04
CA ARG B 513 -48.03 4.04 7.13
C ARG B 513 -48.91 3.93 5.89
N SER B 514 -50.18 4.38 6.00
CA SER B 514 -51.05 4.40 4.83
C SER B 514 -50.36 5.13 3.67
N LEU B 515 -49.68 6.24 3.95
CA LEU B 515 -48.95 6.97 2.92
C LEU B 515 -47.47 6.62 2.89
N ALA B 516 -46.92 6.03 3.95
CA ALA B 516 -45.53 5.57 3.89
C ALA B 516 -45.39 4.44 2.87
N ASN B 517 -46.29 3.46 2.93
CA ASN B 517 -46.29 2.39 1.94
C ASN B 517 -46.57 2.94 0.55
N GLY B 518 -47.40 3.99 0.46
CA GLY B 518 -47.61 4.63 -0.83
C GLY B 518 -46.34 5.24 -1.40
N ILE B 519 -45.58 5.94 -0.56
CA ILE B 519 -44.29 6.48 -0.99
C ILE B 519 -43.39 5.36 -1.47
N ILE B 520 -43.32 4.27 -0.68
CA ILE B 520 -42.45 3.16 -1.05
C ILE B 520 -42.84 2.60 -2.41
N ASN B 521 -44.14 2.30 -2.59
CA ASN B 521 -44.59 1.69 -3.83
C ASN B 521 -44.38 2.62 -5.02
N VAL B 522 -44.73 3.90 -4.88
CA VAL B 522 -44.51 4.82 -5.99
C VAL B 522 -43.03 4.85 -6.33
N LYS B 523 -42.17 4.71 -5.33
CA LYS B 523 -40.74 4.66 -5.61
C LYS B 523 -40.39 3.45 -6.47
N GLU B 524 -40.60 2.23 -5.96
CA GLU B 524 -40.06 1.10 -6.73
C GLU B 524 -40.74 1.01 -8.09
N ILE B 525 -41.97 1.51 -8.21
CA ILE B 525 -42.59 1.61 -9.53
C ILE B 525 -41.85 2.63 -10.38
N THR B 526 -41.40 3.74 -9.77
CA THR B 526 -40.67 4.75 -10.53
C THR B 526 -39.38 4.19 -11.10
N GLU B 527 -38.63 3.45 -10.27
CA GLU B 527 -37.41 2.80 -10.78
C GLU B 527 -37.69 1.50 -11.53
N LYS B 528 -38.95 1.07 -11.62
CA LYS B 528 -39.28 -0.08 -12.45
C LYS B 528 -39.66 0.34 -13.87
N LEU B 529 -40.70 1.15 -14.01
CA LEU B 529 -41.27 1.48 -15.30
C LEU B 529 -40.56 2.70 -15.90
N LYS B 530 -40.98 3.05 -17.12
CA LYS B 530 -40.35 4.13 -17.87
C LYS B 530 -40.59 5.47 -17.18
N ILE B 531 -39.54 6.01 -16.57
CA ILE B 531 -39.59 7.35 -15.98
C ILE B 531 -38.42 8.15 -16.56
N SER B 532 -38.05 7.83 -17.79
CA SER B 532 -36.92 8.51 -18.43
C SER B 532 -37.05 10.03 -18.46
N PRO B 533 -38.23 10.63 -18.72
CA PRO B 533 -38.31 12.10 -18.76
C PRO B 533 -38.20 12.74 -17.38
N GLU B 534 -37.91 11.95 -16.34
CA GLU B 534 -37.85 12.45 -14.97
C GLU B 534 -39.14 13.19 -14.61
N SER B 535 -40.28 12.63 -15.00
CA SER B 535 -41.56 13.25 -14.71
C SER B 535 -41.80 13.34 -13.21
N VAL B 536 -41.31 12.37 -12.44
CA VAL B 536 -41.48 12.38 -10.99
C VAL B 536 -40.68 13.54 -10.42
N PHE B 537 -41.34 14.36 -9.58
CA PHE B 537 -40.69 15.48 -8.92
C PHE B 537 -40.66 15.34 -7.40
N GLY B 538 -41.01 14.16 -6.88
CA GLY B 538 -40.93 13.93 -5.45
C GLY B 538 -42.02 14.66 -4.68
N THR B 539 -41.85 14.66 -3.36
CA THR B 539 -42.81 15.27 -2.47
C THR B 539 -42.72 16.79 -2.54
N LEU B 540 -43.72 17.45 -1.95
CA LEU B 540 -43.78 18.91 -1.99
C LEU B 540 -42.66 19.54 -1.17
N GLY B 541 -42.27 18.89 -0.07
CA GLY B 541 -41.36 19.53 0.86
C GLY B 541 -40.02 19.89 0.24
N GLU B 542 -39.41 18.94 -0.47
CA GLU B 542 -38.09 19.19 -1.03
C GLU B 542 -38.10 20.22 -2.16
N LEU B 543 -39.26 20.52 -2.73
CA LEU B 543 -39.36 21.48 -3.82
C LEU B 543 -39.58 22.91 -3.35
N ILE B 544 -39.79 23.13 -2.06
CA ILE B 544 -39.99 24.47 -1.52
C ILE B 544 -39.28 24.56 -0.18
N LYS B 545 -38.77 25.75 0.12
CA LYS B 545 -38.28 26.09 1.46
C LYS B 545 -39.04 27.31 1.95
N VAL B 546 -39.12 27.46 3.26
CA VAL B 546 -39.87 28.56 3.87
C VAL B 546 -39.03 29.18 4.97
N ASN B 547 -39.21 30.47 5.16
CA ASN B 547 -38.54 31.18 6.25
C ASN B 547 -38.86 30.51 7.58
N ASP B 548 -37.81 30.25 8.36
CA ASP B 548 -37.99 29.55 9.63
C ASP B 548 -38.93 30.27 10.59
N LYS B 549 -39.01 31.60 10.52
CA LYS B 549 -39.78 32.35 11.50
C LYS B 549 -41.22 31.86 11.58
N TYR B 550 -41.79 31.42 10.46
CA TYR B 550 -43.16 30.91 10.41
C TYR B 550 -43.21 29.45 9.98
N LYS B 551 -42.08 28.73 10.02
CA LYS B 551 -42.05 27.38 9.49
C LYS B 551 -43.18 26.54 10.07
N THR B 552 -43.34 26.57 11.39
CA THR B 552 -44.40 25.83 12.05
C THR B 552 -45.72 26.01 11.30
N CYS B 553 -46.13 27.25 11.11
CA CYS B 553 -47.36 27.55 10.39
C CYS B 553 -47.47 26.70 9.12
N ALA B 554 -46.47 26.84 8.24
CA ALA B 554 -46.47 26.07 7.00
C ALA B 554 -46.84 24.62 7.28
N GLU B 555 -46.08 23.97 8.16
CA GLU B 555 -46.30 22.55 8.43
C GLU B 555 -47.75 22.29 8.84
N VAL B 556 -48.27 23.07 9.79
CA VAL B 556 -49.63 22.80 10.26
C VAL B 556 -50.63 23.05 9.14
N ILE B 557 -50.37 24.03 8.28
CA ILE B 557 -51.24 24.22 7.12
C ILE B 557 -50.85 23.29 5.98
N GLY B 558 -49.65 22.74 6.00
CA GLY B 558 -49.24 21.80 4.99
C GLY B 558 -49.84 20.42 5.20
N GLY B 559 -49.47 19.76 6.29
CA GLY B 559 -50.00 18.44 6.59
C GLY B 559 -49.71 17.48 5.45
N ASN B 560 -50.74 16.72 5.05
CA ASN B 560 -50.57 15.77 3.97
C ASN B 560 -50.08 16.42 2.69
N SER B 561 -50.33 17.72 2.52
CA SER B 561 -49.89 18.41 1.32
C SER B 561 -48.38 18.44 1.18
N LEU B 562 -47.64 18.21 2.27
CA LEU B 562 -46.19 18.10 2.14
C LEU B 562 -45.79 16.98 1.20
N PHE B 563 -46.66 15.99 1.01
CA PHE B 563 -46.34 14.80 0.24
C PHE B 563 -47.03 14.78 -1.12
N HIS B 564 -47.39 15.94 -1.66
CA HIS B 564 -47.90 15.99 -3.02
C HIS B 564 -46.80 15.66 -4.03
N ILE B 565 -47.15 14.88 -5.04
CA ILE B 565 -46.25 14.50 -6.11
C ILE B 565 -46.72 15.19 -7.37
N VAL B 566 -45.78 15.79 -8.10
CA VAL B 566 -46.07 16.47 -9.36
C VAL B 566 -45.48 15.65 -10.50
N VAL B 567 -46.27 15.43 -11.55
CA VAL B 567 -45.88 14.63 -12.69
C VAL B 567 -46.17 15.43 -13.95
N ASP B 568 -45.38 15.15 -15.00
CA ASP B 568 -45.52 15.90 -16.24
C ASP B 568 -46.87 15.64 -16.90
N THR B 569 -47.24 14.37 -17.03
CA THR B 569 -48.44 13.97 -17.77
C THR B 569 -49.40 13.20 -16.87
N GLU B 570 -50.70 13.45 -17.07
CA GLU B 570 -51.72 12.72 -16.34
C GLU B 570 -51.72 11.24 -16.70
N GLU B 571 -51.51 10.92 -17.99
CA GLU B 571 -51.53 9.54 -18.42
C GLU B 571 -50.51 8.71 -17.65
N THR B 572 -49.33 9.30 -17.39
CA THR B 572 -48.30 8.60 -16.62
C THR B 572 -48.81 8.28 -15.22
N ALA B 573 -49.46 9.23 -14.58
CA ALA B 573 -50.00 8.99 -13.24
C ALA B 573 -51.04 7.89 -13.26
N THR B 574 -51.92 7.90 -14.26
CA THR B 574 -52.95 6.86 -14.36
C THR B 574 -52.31 5.50 -14.57
N LEU B 575 -51.30 5.42 -15.43
CA LEU B 575 -50.63 4.15 -15.68
C LEU B 575 -49.93 3.64 -14.43
N ILE B 576 -49.28 4.54 -13.69
CA ILE B 576 -48.62 4.13 -12.45
C ILE B 576 -49.64 3.60 -11.46
N MET B 577 -50.76 4.32 -11.31
CA MET B 577 -51.78 3.90 -10.36
C MET B 577 -52.35 2.54 -10.73
N ASN B 578 -52.59 2.31 -12.03
CA ASN B 578 -53.02 0.98 -12.46
C ASN B 578 -51.97 -0.07 -12.18
N GLU B 579 -50.70 0.25 -12.41
CA GLU B 579 -49.63 -0.71 -12.13
C GLU B 579 -49.53 -1.04 -10.65
N LEU B 580 -50.14 -0.24 -9.78
CA LEU B 580 -50.36 -0.68 -8.38
C LEU B 580 -51.58 -1.60 -8.57
N TYR B 581 -51.40 -2.82 -9.10
CA TYR B 581 -52.50 -3.77 -9.46
C TYR B 581 -52.66 -4.90 -8.44
N ARG B 582 -51.66 -5.07 -7.58
CA ARG B 582 -51.75 -5.74 -6.26
C ARG B 582 -51.30 -4.67 -5.29
N MET B 583 -52.13 -3.65 -5.11
CA MET B 583 -51.81 -2.50 -4.24
C MET B 583 -51.45 -2.99 -2.84
N LYS B 584 -50.21 -2.77 -2.38
CA LYS B 584 -49.82 -3.07 -1.01
C LYS B 584 -49.58 -1.80 -0.20
N GLY B 585 -49.79 -0.63 -0.79
CA GLY B 585 -49.63 0.62 -0.08
C GLY B 585 -50.90 1.47 -0.18
N GLY B 586 -50.93 2.53 0.61
CA GLY B 586 -52.12 3.34 0.79
C GLY B 586 -52.07 4.62 -0.01
N ARG B 587 -52.28 5.74 0.69
CA ARG B 587 -52.67 6.98 0.05
C ARG B 587 -51.49 7.45 -0.79
N VAL B 588 -51.77 7.94 -2.00
CA VAL B 588 -50.72 8.54 -2.83
C VAL B 588 -51.38 9.42 -3.90
N THR B 589 -50.92 10.66 -4.01
CA THR B 589 -51.54 11.64 -4.91
C THR B 589 -50.57 12.10 -5.98
N PHE B 590 -51.13 12.47 -7.13
CA PHE B 590 -50.38 12.97 -8.28
C PHE B 590 -51.07 14.20 -8.85
N ILE B 591 -50.29 15.20 -9.28
CA ILE B 591 -50.83 16.48 -9.85
C ILE B 591 -50.24 16.66 -11.25
N PRO B 592 -50.95 16.31 -12.34
CA PRO B 592 -50.38 16.40 -13.68
C PRO B 592 -50.05 17.83 -14.09
N LEU B 593 -48.91 18.06 -14.78
CA LEU B 593 -48.51 19.39 -15.27
C LEU B 593 -49.09 19.58 -16.68
N ASN B 594 -49.34 18.49 -17.41
CA ASN B 594 -49.86 18.59 -18.77
C ASN B 594 -51.25 19.23 -18.78
N ARG B 595 -52.10 18.88 -17.82
CA ARG B 595 -53.44 19.45 -17.71
C ARG B 595 -53.61 20.22 -16.40
N LEU B 596 -52.52 20.72 -15.83
CA LEU B 596 -52.59 21.51 -14.61
C LEU B 596 -53.48 22.73 -14.85
N SER B 597 -54.65 22.79 -14.21
CA SER B 597 -55.64 23.88 -14.39
C SER B 597 -56.53 24.00 -13.15
N LEU B 598 -57.51 24.90 -13.23
CA LEU B 598 -58.40 25.30 -12.11
C LEU B 598 -57.63 26.11 -11.07
N ASP B 599 -56.44 26.62 -11.40
CA ASP B 599 -55.64 27.49 -10.50
C ASP B 599 -56.12 28.91 -10.78
N SER B 600 -57.29 29.28 -10.25
CA SER B 600 -57.92 30.60 -10.50
C SER B 600 -56.96 31.70 -10.03
N ASP B 601 -56.93 32.85 -10.72
CA ASP B 601 -56.12 33.99 -10.29
C ASP B 601 -56.57 34.47 -8.92
N VAL B 602 -55.62 34.89 -8.10
CA VAL B 602 -55.87 35.35 -6.74
C VAL B 602 -55.22 36.72 -6.58
N LYS B 603 -55.98 37.68 -6.08
CA LYS B 603 -55.49 39.03 -5.83
C LYS B 603 -55.48 39.28 -4.33
N PHE B 604 -54.35 39.73 -3.81
CA PHE B 604 -54.19 39.95 -2.37
C PHE B 604 -54.58 41.40 -2.03
N PRO B 605 -55.50 41.62 -1.06
CA PRO B 605 -55.89 43.00 -0.74
C PRO B 605 -54.86 43.75 0.10
N SER B 606 -53.64 43.23 0.18
CA SER B 606 -52.61 43.86 1.00
C SER B 606 -52.32 45.31 0.60
N ASN B 607 -52.83 45.77 -0.54
CA ASN B 607 -52.54 47.13 -0.98
C ASN B 607 -53.05 48.16 0.02
N THR B 608 -54.25 47.94 0.55
CA THR B 608 -54.86 48.90 1.46
C THR B 608 -54.14 48.86 2.81
N THR B 609 -54.66 49.61 3.78
CA THR B 609 -54.10 49.66 5.11
C THR B 609 -54.81 48.68 6.04
N THR B 610 -54.24 48.50 7.23
CA THR B 610 -54.76 47.59 8.25
C THR B 610 -54.49 46.13 7.92
N GLN B 611 -53.51 45.87 7.04
CA GLN B 611 -53.07 44.52 6.75
C GLN B 611 -51.62 44.28 7.20
N ILE B 612 -51.08 45.15 8.06
CA ILE B 612 -49.75 44.89 8.61
C ILE B 612 -49.75 43.60 9.41
N GLN B 613 -50.80 43.41 10.23
CA GLN B 613 -50.96 42.13 10.93
C GLN B 613 -51.06 40.96 9.98
N PHE B 614 -51.50 41.19 8.74
CA PHE B 614 -51.66 40.15 7.74
C PHE B 614 -50.39 40.05 6.91
N THR B 615 -49.91 38.82 6.74
CA THR B 615 -48.67 38.58 6.00
C THR B 615 -48.89 37.47 4.98
N PRO B 616 -48.94 37.77 3.68
CA PRO B 616 -49.05 36.70 2.69
C PRO B 616 -47.90 35.71 2.83
N LEU B 617 -48.23 34.43 2.76
CA LEU B 617 -47.22 33.40 2.96
C LEU B 617 -46.31 33.24 1.74
N ILE B 618 -46.83 33.55 0.55
CA ILE B 618 -46.02 33.41 -0.66
C ILE B 618 -44.77 34.28 -0.58
N LYS B 619 -44.80 35.33 0.24
CA LYS B 619 -43.66 36.22 0.38
C LYS B 619 -42.50 35.59 1.15
N LYS B 620 -42.71 34.43 1.78
CA LYS B 620 -41.69 33.81 2.63
C LYS B 620 -41.21 32.47 2.10
N ILE B 621 -41.52 32.13 0.84
CA ILE B 621 -41.21 30.82 0.29
C ILE B 621 -40.22 30.96 -0.86
N LYS B 622 -39.20 30.11 -0.84
CA LYS B 622 -38.26 29.95 -1.95
C LYS B 622 -38.65 28.69 -2.71
N TYR B 623 -38.90 28.84 -4.00
CA TYR B 623 -39.42 27.73 -4.80
C TYR B 623 -39.05 27.95 -6.25
N GLU B 624 -39.23 26.89 -7.05
CA GLU B 624 -39.03 27.00 -8.48
C GLU B 624 -40.24 27.69 -9.10
N PRO B 625 -40.07 28.82 -9.77
CA PRO B 625 -41.25 29.54 -10.29
C PRO B 625 -42.15 28.68 -11.16
N ARG B 626 -41.60 27.70 -11.87
CA ARG B 626 -42.36 26.99 -12.91
C ARG B 626 -43.63 26.35 -12.35
N PHE B 627 -43.65 26.03 -11.05
CA PHE B 627 -44.78 25.32 -10.45
C PHE B 627 -45.74 26.26 -9.71
N GLU B 628 -45.67 27.57 -9.96
CA GLU B 628 -46.31 28.52 -9.06
C GLU B 628 -47.76 28.12 -8.81
N LYS B 629 -48.48 27.77 -9.87
CA LYS B 629 -49.91 27.46 -9.77
C LYS B 629 -50.13 26.41 -8.69
N ALA B 630 -49.48 25.26 -8.81
CA ALA B 630 -49.63 24.21 -7.81
C ALA B 630 -49.30 24.75 -6.43
N VAL B 631 -48.17 25.44 -6.31
CA VAL B 631 -47.79 26.01 -5.02
C VAL B 631 -48.90 26.93 -4.52
N LYS B 632 -49.43 27.76 -5.41
CA LYS B 632 -50.52 28.65 -5.02
C LYS B 632 -51.71 27.84 -4.54
N HIS B 633 -52.04 26.76 -5.24
CA HIS B 633 -53.11 25.89 -4.79
C HIS B 633 -52.88 25.43 -3.35
N VAL B 634 -51.62 25.15 -3.01
CA VAL B 634 -51.31 24.65 -1.64
C VAL B 634 -51.21 25.83 -0.66
N PHE B 635 -50.13 26.60 -0.70
CA PHE B 635 -49.91 27.67 0.33
C PHE B 635 -50.46 29.04 -0.07
N GLY B 636 -50.91 29.21 -1.32
CA GLY B 636 -51.58 30.48 -1.69
C GLY B 636 -52.98 30.46 -1.10
N LYS B 637 -53.47 31.59 -0.59
CA LYS B 637 -54.81 31.68 0.08
C LYS B 637 -54.68 31.25 1.54
N THR B 638 -53.50 30.77 1.96
CA THR B 638 -53.27 30.46 3.39
C THR B 638 -52.70 31.75 3.96
N ILE B 639 -53.45 32.46 4.82
CA ILE B 639 -53.00 33.82 5.23
C ILE B 639 -52.52 33.74 6.69
N VAL B 640 -51.76 34.74 7.13
CA VAL B 640 -51.26 34.73 8.50
C VAL B 640 -51.81 35.95 9.23
N VAL B 641 -52.36 35.73 10.42
CA VAL B 641 -53.04 36.78 11.17
C VAL B 641 -52.47 36.84 12.58
N LYS B 642 -52.65 37.99 13.22
CA LYS B 642 -52.21 38.19 14.60
C LYS B 642 -53.30 37.84 15.60
N ASP B 643 -54.57 38.01 15.24
CA ASP B 643 -55.68 37.72 16.13
C ASP B 643 -56.66 36.79 15.43
N LEU B 644 -57.15 35.79 16.16
CA LEU B 644 -58.08 34.84 15.58
C LEU B 644 -59.39 35.51 15.18
N GLY B 645 -59.88 36.45 15.99
CA GLY B 645 -61.11 37.14 15.64
C GLY B 645 -60.97 37.94 14.36
N GLN B 646 -59.86 38.66 14.21
CA GLN B 646 -59.60 39.39 12.97
C GLN B 646 -59.47 38.43 11.80
N GLY B 647 -58.84 37.27 12.03
CA GLY B 647 -58.74 36.28 10.97
C GLY B 647 -60.10 35.80 10.50
N LEU B 648 -61.00 35.53 11.46
CA LEU B 648 -62.35 35.11 11.10
C LEU B 648 -63.09 36.22 10.37
N LYS B 649 -62.91 37.47 10.81
CA LYS B 649 -63.57 38.60 10.16
C LYS B 649 -63.13 38.71 8.70
N LEU B 650 -61.83 38.58 8.45
CA LEU B 650 -61.33 38.69 7.08
C LEU B 650 -61.69 37.45 6.26
N ALA B 651 -61.77 36.28 6.90
CA ALA B 651 -62.23 35.09 6.20
C ALA B 651 -63.66 35.28 5.72
N LYS B 652 -64.52 35.85 6.58
CA LYS B 652 -65.88 36.17 6.14
C LYS B 652 -65.85 37.22 5.04
N LYS B 653 -65.02 38.25 5.18
CA LYS B 653 -64.91 39.27 4.14
C LYS B 653 -64.36 38.68 2.84
N HIS B 654 -63.30 37.89 2.95
CA HIS B 654 -62.66 37.27 1.79
C HIS B 654 -62.39 35.80 2.10
N LYS B 655 -62.60 34.95 1.10
CA LYS B 655 -62.55 33.49 1.30
C LYS B 655 -61.09 33.05 1.24
N LEU B 656 -60.43 33.08 2.40
CA LEU B 656 -59.05 32.60 2.51
C LEU B 656 -58.88 31.91 3.85
N ASN B 657 -58.00 30.92 3.85
CA ASN B 657 -57.68 30.16 5.06
C ASN B 657 -56.77 30.99 5.95
N ALA B 658 -57.12 31.08 7.23
CA ALA B 658 -56.42 31.92 8.18
C ALA B 658 -55.71 31.07 9.23
N ILE B 659 -54.59 31.60 9.72
CA ILE B 659 -53.80 30.94 10.75
C ILE B 659 -52.96 31.99 11.46
N THR B 660 -52.58 31.70 12.70
CA THR B 660 -51.77 32.60 13.50
C THR B 660 -50.32 32.13 13.52
N LEU B 661 -49.43 33.05 13.91
CA LEU B 661 -48.02 32.71 14.00
C LEU B 661 -47.77 31.60 15.01
N ASP B 662 -48.60 31.52 16.05
CA ASP B 662 -48.49 30.48 17.07
C ASP B 662 -49.27 29.23 16.72
N GLY B 663 -49.94 29.18 15.57
CA GLY B 663 -50.60 27.98 15.13
C GLY B 663 -52.04 27.83 15.56
N ASP B 664 -52.87 28.82 15.25
CA ASP B 664 -54.32 28.72 15.40
C ASP B 664 -54.92 28.69 13.99
N ARG B 665 -55.02 27.48 13.44
CA ARG B 665 -55.43 27.31 12.04
C ARG B 665 -56.94 27.40 11.92
N ALA B 666 -57.41 28.31 11.08
CA ALA B 666 -58.83 28.50 10.82
C ALA B 666 -59.16 28.12 9.38
N ASP B 667 -60.43 27.81 9.16
CA ASP B 667 -60.92 27.37 7.85
C ASP B 667 -61.78 28.45 7.23
N LYS B 668 -61.58 28.69 5.93
CA LYS B 668 -62.37 29.68 5.22
C LYS B 668 -63.84 29.26 5.14
N ARG B 669 -64.12 27.97 5.17
CA ARG B 669 -65.47 27.46 4.99
C ARG B 669 -66.29 27.48 6.29
N GLY B 670 -65.69 27.93 7.39
CA GLY B 670 -66.39 28.05 8.66
C GLY B 670 -65.86 27.14 9.75
N VAL B 671 -64.98 26.19 9.43
CA VAL B 671 -64.42 25.32 10.44
C VAL B 671 -63.30 26.05 11.19
N LEU B 672 -63.02 25.57 12.40
CA LEU B 672 -61.94 26.11 13.21
C LEU B 672 -61.06 24.96 13.69
N THR B 673 -59.76 25.22 13.72
CA THR B 673 -58.78 24.24 14.15
C THR B 673 -57.77 24.90 15.07
N GLY B 674 -57.15 24.09 15.92
CA GLY B 674 -56.16 24.59 16.84
C GLY B 674 -55.88 23.57 17.92
N GLY B 675 -54.76 23.80 18.61
CA GLY B 675 -54.36 22.90 19.68
C GLY B 675 -52.90 23.12 20.04
N TYR B 676 -52.54 22.58 21.20
CA TYR B 676 -51.17 22.68 21.66
C TYR B 676 -50.25 21.85 20.78
N LEU B 677 -49.05 22.37 20.54
CA LEU B 677 -48.05 21.71 19.72
C LEU B 677 -46.75 21.60 20.49
N ASP B 678 -46.19 20.40 20.52
CA ASP B 678 -44.92 20.15 21.20
C ASP B 678 -43.77 20.52 20.28
N GLN B 679 -42.54 20.20 20.66
CA GLN B 679 -41.39 20.47 19.83
C GLN B 679 -41.34 19.58 18.58
N HIS B 680 -42.01 18.44 18.59
CA HIS B 680 -42.07 17.60 17.41
C HIS B 680 -42.93 18.27 16.34
N LYS B 681 -42.50 18.14 15.09
CA LYS B 681 -43.19 18.76 13.97
C LYS B 681 -42.91 17.94 12.71
N ARG B 682 -43.25 18.50 11.56
CA ARG B 682 -43.01 17.83 10.28
C ARG B 682 -41.51 17.85 10.01
N THR B 683 -40.83 16.86 10.60
CA THR B 683 -39.38 16.75 10.49
C THR B 683 -38.91 16.38 9.09
N ARG B 684 -39.83 16.01 8.20
CA ARG B 684 -39.43 15.70 6.83
C ARG B 684 -38.77 16.89 6.16
N LEU B 685 -39.36 18.08 6.34
CA LEU B 685 -38.73 19.29 5.81
C LEU B 685 -37.37 19.52 6.46
N GLU B 686 -37.29 19.37 7.79
CA GLU B 686 -36.00 19.42 8.46
C GLU B 686 -35.10 18.29 8.00
N SER B 687 -35.67 17.09 7.85
CA SER B 687 -34.93 15.94 7.34
C SER B 687 -34.70 16.02 5.83
N LEU B 688 -35.43 16.89 5.13
CA LEU B 688 -35.14 17.08 3.71
C LEU B 688 -33.74 17.64 3.51
N LYS B 689 -33.33 18.59 4.36
CA LYS B 689 -31.98 19.11 4.28
C LYS B 689 -30.95 18.03 4.56
N ASN B 690 -31.23 17.17 5.55
CA ASN B 690 -30.31 16.07 5.85
C ASN B 690 -30.21 15.11 4.67
N LEU B 691 -31.34 14.81 4.03
CA LEU B 691 -31.32 13.93 2.87
C LEU B 691 -30.53 14.57 1.72
N ASN B 692 -30.72 15.87 1.49
CA ASN B 692 -29.95 16.56 0.45
C ASN B 692 -28.46 16.53 0.76
N GLU B 693 -28.09 16.74 2.02
CA GLU B 693 -26.68 16.67 2.41
C GLU B 693 -26.13 15.27 2.19
N SER B 694 -26.92 14.25 2.53
CA SER B 694 -26.49 12.87 2.31
C SER B 694 -26.30 12.59 0.83
N ARG B 695 -27.20 13.08 -0.01
CA ARG B 695 -27.06 12.90 -1.46
C ARG B 695 -25.82 13.60 -1.97
N SER B 696 -25.56 14.82 -1.49
CA SER B 696 -24.34 15.53 -1.89
C SER B 696 -23.09 14.78 -1.46
N GLN B 697 -23.11 14.23 -0.24
CA GLN B 697 -21.97 13.46 0.23
C GLN B 697 -21.78 12.19 -0.61
N HIS B 698 -22.88 11.55 -0.99
CA HIS B 698 -22.78 10.36 -1.85
C HIS B 698 -22.20 10.74 -3.22
N LYS B 699 -22.63 11.86 -3.77
CA LYS B 699 -22.07 12.31 -5.05
C LYS B 699 -20.59 12.62 -4.92
N LYS B 700 -20.20 13.26 -3.82
CA LYS B 700 -18.78 13.55 -3.59
C LYS B 700 -17.98 12.27 -3.44
N ILE B 701 -18.55 11.26 -2.76
CA ILE B 701 -17.86 9.99 -2.60
C ILE B 701 -17.73 9.28 -3.94
N LEU B 702 -18.76 9.35 -4.78
CA LEU B 702 -18.66 8.77 -6.12
C LEU B 702 -17.59 9.47 -6.94
N GLU B 703 -17.53 10.80 -6.86
CA GLU B 703 -16.48 11.54 -7.57
C GLU B 703 -15.10 11.16 -7.06
N GLU B 704 -14.96 11.00 -5.74
CA GLU B 704 -13.69 10.59 -5.16
C GLU B 704 -13.31 9.19 -5.62
N LEU B 705 -14.28 8.28 -5.70
CA LEU B 705 -14.02 6.93 -6.18
C LEU B 705 -13.59 6.95 -7.64
N ASP B 706 -14.24 7.77 -8.46
CA ASP B 706 -13.83 7.90 -9.85
C ASP B 706 -12.41 8.45 -9.96
N PHE B 707 -12.10 9.47 -9.15
CA PHE B 707 -10.75 10.02 -9.15
C PHE B 707 -9.74 8.99 -8.70
N VAL B 708 -10.09 8.18 -7.71
CA VAL B 708 -9.19 7.14 -7.23
C VAL B 708 -8.96 6.08 -8.30
N ARG B 709 -10.02 5.71 -9.03
CA ARG B 709 -9.87 4.77 -10.13
C ARG B 709 -8.98 5.34 -11.22
N ASN B 710 -9.17 6.62 -11.55
CA ASN B 710 -8.32 7.27 -12.55
C ASN B 710 -6.87 7.30 -12.08
N GLU B 711 -6.65 7.60 -10.80
CA GLU B 711 -5.29 7.63 -10.27
C GLU B 711 -4.66 6.25 -10.29
N LEU B 712 -5.45 5.21 -9.98
CA LEU B 712 -4.93 3.85 -10.04
C LEU B 712 -4.58 3.46 -11.47
N ASN B 713 -5.42 3.85 -12.43
CA ASN B 713 -5.10 3.58 -13.83
C ASN B 713 -3.84 4.31 -14.25
N ASP B 714 -3.70 5.57 -13.83
CA ASP B 714 -2.49 6.33 -14.17
C ASP B 714 -1.26 5.71 -13.52
N ILE B 715 -1.39 5.22 -12.29
CA ILE B 715 -0.26 4.59 -11.62
C ILE B 715 0.12 3.29 -12.32
N ASP B 716 -0.88 2.51 -12.73
CA ASP B 716 -0.59 1.29 -13.48
C ASP B 716 0.10 1.61 -14.80
N THR B 717 -0.38 2.64 -15.50
CA THR B 717 0.24 3.03 -16.75
C THR B 717 1.68 3.49 -16.53
N LYS B 718 1.91 4.27 -15.47
CA LYS B 718 3.25 4.73 -15.16
C LYS B 718 4.17 3.56 -14.80
N ILE B 719 3.66 2.59 -14.04
CA ILE B 719 4.46 1.42 -13.70
C ILE B 719 4.80 0.62 -14.95
N ASP B 720 3.83 0.45 -15.84
CA ASP B 720 4.09 -0.26 -17.09
C ASP B 720 5.10 0.49 -17.94
N GLN B 721 4.98 1.82 -18.02
CA GLN B 721 5.94 2.61 -18.78
C GLN B 721 7.34 2.52 -18.19
N VAL B 722 7.43 2.56 -16.86
CA VAL B 722 8.74 2.44 -16.20
C VAL B 722 9.34 1.08 -16.45
N ASN B 723 8.53 0.02 -16.35
CA ASN B 723 9.03 -1.32 -16.63
C ASN B 723 9.49 -1.45 -18.08
N GLY B 724 8.72 -0.90 -19.01
CA GLY B 724 9.11 -0.97 -20.41
C GLY B 724 10.38 -0.18 -20.69
N ASN B 725 10.51 1.00 -20.08
CA ASN B 725 11.73 1.79 -20.25
C ASN B 725 12.93 1.07 -19.65
N ILE B 726 12.75 0.46 -18.48
CA ILE B 726 13.84 -0.29 -17.86
C ILE B 726 14.23 -1.48 -18.74
N ARG B 727 13.24 -2.19 -19.29
CA ARG B 727 13.54 -3.32 -20.16
C ARG B 727 14.26 -2.86 -21.43
N LYS B 728 13.81 -1.74 -22.02
CA LYS B 728 14.46 -1.23 -23.22
C LYS B 728 15.89 -0.78 -22.92
N VAL B 729 16.10 -0.11 -21.79
CA VAL B 729 17.45 0.31 -21.42
C VAL B 729 18.33 -0.91 -21.19
N SER B 730 17.81 -1.93 -20.51
CA SER B 730 18.57 -3.13 -20.27
C SER B 730 18.91 -3.84 -21.58
N ASN B 731 17.97 -3.90 -22.51
CA ASN B 731 18.22 -4.54 -23.80
C ASN B 731 19.27 -3.76 -24.60
N ASP B 732 19.17 -2.43 -24.60
CA ASP B 732 20.16 -1.61 -25.30
C ASP B 732 21.53 -1.78 -24.67
N ARG B 733 21.60 -1.79 -23.33
CA ARG B 733 22.87 -1.98 -22.66
C ARG B 733 23.44 -3.36 -22.95
N GLU B 734 22.59 -4.39 -22.99
CA GLU B 734 23.05 -5.73 -23.30
C GLU B 734 23.57 -5.81 -24.72
N SER B 735 22.87 -5.19 -25.67
CA SER B 735 23.36 -5.17 -27.05
C SER B 735 24.67 -4.43 -27.17
N VAL B 736 24.79 -3.29 -26.49
CA VAL B 736 26.04 -2.52 -26.53
C VAL B 736 27.17 -3.33 -25.90
N LEU B 737 26.89 -4.00 -24.79
CA LEU B 737 27.90 -4.82 -24.13
C LEU B 737 28.30 -6.00 -24.98
N THR B 738 27.35 -6.64 -25.67
CA THR B 738 27.69 -7.74 -26.56
C THR B 738 28.54 -7.26 -27.72
N ASN B 739 28.19 -6.10 -28.31
CA ASN B 739 29.01 -5.55 -29.37
C ASN B 739 30.41 -5.20 -28.87
N ILE B 740 30.50 -4.63 -27.66
CA ILE B 740 31.79 -4.26 -27.10
C ILE B 740 32.62 -5.50 -26.79
N GLU B 741 31.98 -6.57 -26.32
CA GLU B 741 32.69 -7.80 -26.03
C GLU B 741 33.18 -8.46 -27.31
N VAL B 742 32.36 -8.45 -28.36
CA VAL B 742 32.80 -8.98 -29.65
C VAL B 742 33.96 -8.16 -30.18
N TYR B 743 33.87 -6.83 -30.07
CA TYR B 743 34.96 -5.97 -30.52
C TYR B 743 36.22 -6.21 -29.71
N ARG B 744 36.09 -6.43 -28.40
CA ARG B 744 37.25 -6.67 -27.55
C ARG B 744 37.89 -8.01 -27.84
N THR B 745 37.09 -9.05 -28.06
CA THR B 745 37.63 -10.34 -28.45
C THR B 745 38.34 -10.26 -29.80
N SER B 746 37.72 -9.56 -30.75
CA SER B 746 38.37 -9.36 -32.05
C SER B 746 39.65 -8.58 -31.90
N LEU B 747 39.65 -7.55 -31.05
CA LEU B 747 40.84 -6.75 -30.81
C LEU B 747 41.95 -7.59 -30.19
N ASN B 748 41.60 -8.44 -29.23
CA ASN B 748 42.60 -9.31 -28.59
C ASN B 748 43.18 -10.29 -29.61
N THR B 749 42.32 -10.91 -30.41
CA THR B 749 42.80 -11.86 -31.42
C THR B 749 43.68 -11.15 -32.45
N LYS B 750 43.24 -9.99 -32.92
CA LYS B 750 44.01 -9.24 -33.91
C LYS B 750 45.30 -8.70 -33.32
N LYS B 751 45.32 -8.39 -32.02
CA LYS B 751 46.55 -7.95 -31.37
C LYS B 751 47.53 -9.09 -31.20
N ASN B 752 47.05 -10.28 -30.86
CA ASN B 752 47.93 -11.45 -30.84
C ASN B 752 48.48 -11.73 -32.23
N GLU B 753 47.62 -11.66 -33.25
CA GLU B 753 48.08 -11.88 -34.61
C GLU B 753 49.09 -10.82 -35.04
N LYS B 754 48.86 -9.56 -34.66
CA LYS B 754 49.77 -8.48 -35.01
C LYS B 754 51.09 -8.61 -34.26
N LEU B 755 51.05 -9.07 -33.01
CA LEU B 755 52.30 -9.33 -32.29
C LEU B 755 53.08 -10.46 -32.95
N ILE B 756 52.38 -11.52 -33.39
CA ILE B 756 53.05 -12.60 -34.11
C ILE B 756 53.64 -12.07 -35.40
N LEU B 757 52.89 -11.24 -36.13
CA LEU B 757 53.38 -10.67 -37.37
C LEU B 757 54.56 -9.74 -37.14
N GLU B 758 54.55 -8.97 -36.06
CA GLU B 758 55.67 -8.09 -35.75
C GLU B 758 56.90 -8.89 -35.36
N GLU B 759 56.72 -9.98 -34.62
CA GLU B 759 57.85 -10.87 -34.33
C GLU B 759 58.40 -11.48 -35.62
N SER B 760 57.51 -11.89 -36.52
CA SER B 760 57.96 -12.42 -37.80
C SER B 760 58.69 -11.35 -38.62
N LEU B 761 58.20 -10.12 -38.57
CA LEU B 761 58.87 -9.03 -39.28
C LEU B 761 60.24 -8.74 -38.70
N ASN B 762 60.36 -8.78 -37.37
CA ASN B 762 61.67 -8.61 -36.74
C ASN B 762 62.61 -9.74 -37.13
N ALA B 763 62.10 -10.98 -37.15
CA ALA B 763 62.92 -12.10 -37.60
C ALA B 763 63.34 -11.94 -39.04
N ILE B 764 62.44 -11.43 -39.90
CA ILE B 764 62.76 -11.22 -41.30
C ILE B 764 63.79 -10.11 -41.44
N ILE B 765 63.71 -9.08 -40.60
CA ILE B 765 64.69 -8.01 -40.63
C ILE B 765 66.06 -8.55 -40.20
N LEU B 766 66.09 -9.38 -39.16
CA LEU B 766 67.34 -10.00 -38.75
C LEU B 766 67.90 -10.88 -39.85
N LYS B 767 67.04 -11.65 -40.53
CA LYS B 767 67.49 -12.49 -41.62
C LYS B 767 68.01 -11.65 -42.79
N LEU B 768 67.37 -10.52 -43.08
CA LEU B 768 67.85 -9.63 -44.14
C LEU B 768 69.20 -9.03 -43.77
N GLU B 769 69.37 -8.65 -42.50
CA GLU B 769 70.67 -8.15 -42.06
C GLU B 769 71.74 -9.23 -42.19
N LYS B 770 71.40 -10.47 -41.82
CA LYS B 770 72.34 -11.57 -41.97
C LYS B 770 72.68 -11.81 -43.44
N LEU B 771 71.68 -11.73 -44.31
CA LEU B 771 71.92 -11.91 -45.74
C LEU B 771 72.80 -10.80 -46.29
N ASN B 772 72.57 -9.56 -45.86
CA ASN B 772 73.42 -8.45 -46.29
C ASN B 772 74.84 -8.63 -45.80
N THR B 773 75.01 -9.09 -44.55
CA THR B 773 76.35 -9.35 -44.03
C THR B 773 77.02 -10.47 -44.83
N ASN B 774 76.28 -11.52 -45.17
CA ASN B 774 76.84 -12.60 -45.95
C ASN B 774 77.24 -12.12 -47.34
N ARG B 775 76.41 -11.28 -47.95
CA ARG B 775 76.75 -10.74 -49.27
C ARG B 775 78.00 -9.87 -49.20
N THR B 776 78.11 -9.04 -48.16
CA THR B 776 79.31 -8.23 -47.98
C THR B 776 80.54 -9.12 -47.78
N PHE B 777 80.40 -10.16 -46.95
CA PHE B 777 81.52 -11.07 -46.74
C PHE B 777 81.93 -11.77 -48.03
N ALA B 778 80.95 -12.17 -48.84
CA ALA B 778 81.26 -12.79 -50.12
C ALA B 778 82.00 -11.81 -51.02
N GLN B 779 81.46 -10.60 -51.17
CA GLN B 779 82.10 -9.61 -52.04
C GLN B 779 83.49 -9.24 -51.54
N GLU B 780 83.74 -9.38 -50.24
CA GLU B 780 85.04 -9.04 -49.68
C GLU B 780 86.03 -10.18 -49.75
N LYS B 781 85.58 -11.43 -49.68
CA LYS B 781 86.47 -12.59 -49.70
C LYS B 781 86.60 -13.18 -51.10
N LEU B 782 85.49 -13.66 -51.68
CA LEU B 782 85.57 -14.32 -52.98
C LEU B 782 85.87 -13.32 -54.08
N ASN B 783 85.18 -12.17 -54.07
CA ASN B 783 85.43 -11.15 -55.08
C ASN B 783 86.85 -10.61 -54.97
N THR B 784 87.32 -10.38 -53.74
CA THR B 784 88.69 -9.90 -53.55
C THR B 784 89.71 -10.94 -54.03
N PHE B 785 89.48 -12.21 -53.74
CA PHE B 785 90.39 -13.26 -54.20
C PHE B 785 90.39 -13.33 -55.72
N GLU B 786 89.22 -13.24 -56.35
CA GLU B 786 89.17 -13.25 -57.81
C GLU B 786 89.91 -12.05 -58.40
N ASN B 787 89.74 -10.87 -57.81
CA ASN B 787 90.43 -9.69 -58.30
C ASN B 787 91.93 -9.81 -58.15
N ASP B 788 92.39 -10.30 -56.99
CA ASP B 788 93.83 -10.40 -56.75
C ASP B 788 94.46 -11.46 -57.64
N LEU B 789 93.86 -12.66 -57.68
CA LEU B 789 94.40 -13.73 -58.51
C LEU B 789 94.20 -13.47 -60.00
N LEU B 790 93.24 -12.62 -60.36
CA LEU B 790 93.05 -12.29 -61.77
C LEU B 790 94.29 -11.65 -62.37
N GLN B 791 95.05 -10.91 -61.56
CA GLN B 791 96.27 -10.27 -62.02
C GLN B 791 97.45 -11.24 -61.90
N SER B 795 100.91 -18.28 -59.62
CA SER B 795 102.01 -18.13 -58.67
C SER B 795 102.19 -19.41 -57.85
N GLU B 796 101.09 -19.90 -57.28
CA GLU B 796 101.12 -21.12 -56.48
C GLU B 796 102.13 -20.98 -55.33
N LEU B 797 102.15 -19.80 -54.72
CA LEU B 797 103.04 -19.52 -53.60
C LEU B 797 102.24 -18.89 -52.47
N SER B 798 102.65 -19.21 -51.23
CA SER B 798 101.95 -18.73 -50.05
C SER B 798 102.91 -18.23 -48.98
N LYS B 799 103.96 -17.51 -49.38
CA LYS B 799 104.89 -16.94 -48.39
C LYS B 799 104.16 -15.97 -47.47
N GLU B 800 103.62 -14.90 -48.05
CA GLU B 800 102.78 -13.99 -47.27
C GLU B 800 101.57 -14.72 -46.72
N GLU B 801 101.02 -15.66 -47.49
CA GLU B 801 99.92 -16.47 -46.99
C GLU B 801 100.35 -17.32 -45.81
N LYS B 802 101.56 -17.88 -45.85
CA LYS B 802 102.05 -18.68 -44.72
C LYS B 802 102.25 -17.80 -43.48
N GLU B 803 102.79 -16.60 -43.66
CA GLU B 803 102.93 -15.69 -42.53
C GLU B 803 101.57 -15.32 -41.95
N ARG B 804 100.59 -15.06 -42.82
CA ARG B 804 99.25 -14.76 -42.34
C ARG B 804 98.65 -15.94 -41.59
N LEU B 805 98.88 -17.16 -42.08
CA LEU B 805 98.37 -18.34 -41.40
C LEU B 805 99.00 -18.51 -40.02
N GLU B 806 100.31 -18.30 -39.92
CA GLU B 806 100.97 -18.38 -38.62
C GLU B 806 100.44 -17.33 -37.66
N SER B 807 100.27 -16.10 -38.15
CA SER B 807 99.70 -15.04 -37.31
C SER B 807 98.28 -15.38 -36.89
N LEU B 808 97.50 -15.98 -37.79
CA LEU B 808 96.14 -16.38 -37.45
C LEU B 808 96.13 -17.47 -36.40
N THR B 809 97.05 -18.43 -36.49
CA THR B 809 97.14 -19.47 -35.46
C THR B 809 97.49 -18.88 -34.10
N LYS B 810 98.47 -17.96 -34.08
CA LYS B 810 98.83 -17.32 -32.83
C LYS B 810 97.66 -16.53 -32.26
N GLU B 811 96.95 -15.79 -33.12
CA GLU B 811 95.79 -15.03 -32.67
C GLU B 811 94.68 -15.95 -32.19
N ILE B 812 94.54 -17.13 -32.80
CA ILE B 812 93.51 -18.08 -32.36
C ILE B 812 93.85 -18.59 -30.97
N SER B 813 95.12 -18.92 -30.73
CA SER B 813 95.51 -19.35 -29.39
C SER B 813 95.26 -18.24 -28.36
N ALA B 814 95.66 -17.02 -28.70
CA ALA B 814 95.45 -15.90 -27.79
C ALA B 814 93.96 -15.67 -27.53
N ALA B 815 93.14 -15.77 -28.57
CA ALA B 815 91.70 -15.60 -28.42
C ALA B 815 91.11 -16.69 -27.57
N HIS B 816 91.57 -17.93 -27.72
CA HIS B 816 91.09 -19.01 -26.88
C HIS B 816 91.41 -18.73 -25.42
N ASN B 817 92.64 -18.31 -25.13
CA ASN B 817 93.01 -18.00 -23.75
C ASN B 817 92.16 -16.86 -23.19
N LYS B 818 92.01 -15.79 -23.98
CA LYS B 818 91.23 -14.64 -23.54
C LYS B 818 89.77 -15.01 -23.31
N LEU B 819 89.22 -15.85 -24.21
CA LEU B 819 87.84 -16.29 -24.05
C LEU B 819 87.68 -17.14 -22.80
N ASN B 820 88.64 -18.01 -22.51
CA ASN B 820 88.59 -18.79 -21.28
C ASN B 820 88.57 -17.86 -20.07
N ILE B 821 89.49 -16.89 -20.03
CA ILE B 821 89.56 -15.99 -18.88
C ILE B 821 88.27 -15.20 -18.74
N THR B 822 87.77 -14.67 -19.86
CA THR B 822 86.52 -13.92 -19.86
C THR B 822 85.42 -14.80 -19.32
N SER B 823 85.08 -15.87 -20.04
CA SER B 823 84.04 -16.80 -19.61
C SER B 823 84.13 -17.08 -18.11
N ASP B 824 85.33 -17.34 -17.59
CA ASP B 824 85.47 -17.61 -16.16
C ASP B 824 85.00 -16.42 -15.33
N ALA B 825 85.53 -15.23 -15.61
CA ALA B 825 85.18 -14.05 -14.82
C ALA B 825 83.70 -13.74 -14.94
N LEU B 826 83.16 -13.82 -16.15
CA LEU B 826 81.75 -13.53 -16.40
C LEU B 826 80.86 -14.52 -15.66
N GLU B 827 81.21 -15.80 -15.68
CA GLU B 827 80.42 -16.80 -14.96
C GLU B 827 80.47 -16.55 -13.46
N GLY B 828 81.64 -16.20 -12.94
CA GLY B 828 81.73 -15.88 -11.53
C GLY B 828 80.85 -14.70 -11.16
N ILE B 829 80.93 -13.63 -11.94
CA ILE B 829 80.12 -12.43 -11.67
C ILE B 829 78.64 -12.78 -11.77
N THR B 830 78.26 -13.58 -12.76
CA THR B 830 76.87 -13.96 -12.92
C THR B 830 76.39 -14.74 -11.70
N THR B 831 77.11 -15.79 -11.32
CA THR B 831 76.72 -16.56 -10.13
C THR B 831 76.64 -15.66 -8.90
N THR B 832 77.49 -14.64 -8.84
CA THR B 832 77.49 -13.76 -7.67
C THR B 832 76.25 -12.87 -7.64
N ILE B 833 75.91 -12.25 -8.77
CA ILE B 833 74.93 -11.17 -8.79
C ILE B 833 73.60 -11.59 -9.40
N ASP B 834 73.64 -12.17 -10.60
CA ASP B 834 72.41 -12.43 -11.34
C ASP B 834 71.47 -13.37 -10.59
N SER B 835 72.02 -14.27 -9.77
CA SER B 835 71.15 -15.14 -8.98
C SER B 835 70.26 -14.33 -8.05
N LEU B 836 70.88 -13.44 -7.26
CA LEU B 836 70.10 -12.59 -6.38
C LEU B 836 69.19 -11.65 -7.16
N ASN B 837 69.67 -11.15 -8.31
CA ASN B 837 68.84 -10.26 -9.11
C ASN B 837 67.57 -10.96 -9.58
N ALA B 838 67.71 -12.19 -10.07
CA ALA B 838 66.56 -12.95 -10.52
C ALA B 838 65.65 -13.31 -9.35
N GLU B 839 66.23 -13.64 -8.19
CA GLU B 839 65.41 -13.92 -7.02
C GLU B 839 64.57 -12.70 -6.64
N LEU B 840 65.20 -11.52 -6.65
CA LEU B 840 64.47 -10.28 -6.33
C LEU B 840 63.38 -10.02 -7.36
N GLU B 841 63.69 -10.24 -8.65
CA GLU B 841 62.70 -10.04 -9.69
C GLU B 841 61.50 -10.96 -9.50
N SER B 842 61.77 -12.23 -9.21
CA SER B 842 60.69 -13.18 -8.99
C SER B 842 59.85 -12.79 -7.78
N LYS B 843 60.51 -12.38 -6.70
CA LYS B 843 59.77 -11.94 -5.52
C LYS B 843 58.90 -10.74 -5.83
N LEU B 844 59.43 -9.78 -6.60
CA LEU B 844 58.66 -8.59 -6.95
C LEU B 844 57.50 -8.94 -7.85
N ILE B 845 57.65 -9.97 -8.69
CA ILE B 845 56.59 -10.38 -9.60
C ILE B 845 55.35 -10.74 -8.78
N PRO B 846 55.39 -11.79 -7.96
CA PRO B 846 54.25 -12.06 -7.08
C PRO B 846 53.95 -10.90 -6.15
N GLN B 847 54.98 -10.21 -5.66
CA GLN B 847 54.77 -9.03 -4.83
C GLN B 847 54.05 -7.95 -5.61
N GLU B 848 54.42 -7.76 -6.88
CA GLU B 848 53.77 -6.75 -7.70
C GLU B 848 52.30 -7.10 -7.93
N ASN B 849 52.02 -8.39 -8.19
CA ASN B 849 50.63 -8.80 -8.38
C ASN B 849 49.82 -8.58 -7.11
N ASP B 850 50.39 -8.94 -5.95
CA ASP B 850 49.69 -8.72 -4.69
C ASP B 850 49.45 -7.24 -4.45
N LEU B 851 50.44 -6.41 -4.75
CA LEU B 851 50.27 -4.97 -4.57
C LEU B 851 49.19 -4.42 -5.49
N GLU B 852 49.14 -4.88 -6.74
CA GLU B 852 48.11 -4.43 -7.65
C GLU B 852 46.72 -4.83 -7.16
N SER B 853 46.59 -6.08 -6.71
CA SER B 853 45.30 -6.53 -6.17
C SER B 853 44.90 -5.70 -4.96
N LYS B 854 45.86 -5.44 -4.06
CA LYS B 854 45.56 -4.66 -2.87
C LYS B 854 45.14 -3.23 -3.25
N MET B 855 45.82 -2.64 -4.24
CA MET B 855 45.47 -1.28 -4.65
C MET B 855 44.08 -1.24 -5.25
N SER B 856 43.74 -2.22 -6.10
CA SER B 856 42.40 -2.27 -6.67
C SER B 856 41.35 -2.42 -5.57
N GLU B 857 41.61 -3.31 -4.62
CA GLU B 857 40.67 -3.51 -3.53
C GLU B 857 40.53 -2.23 -2.70
N VAL B 858 41.63 -1.53 -2.45
CA VAL B 858 41.59 -0.31 -1.66
C VAL B 858 40.79 0.77 -2.38
N GLY B 859 40.99 0.90 -3.69
CA GLY B 859 40.22 1.89 -4.44
C GLY B 859 38.73 1.58 -4.43
N ASP B 860 38.39 0.31 -4.65
CA ASP B 860 36.98 -0.08 -4.62
C ASP B 860 36.39 0.18 -3.24
N ALA B 861 37.14 -0.16 -2.18
CA ALA B 861 36.65 0.05 -0.82
C ALA B 861 36.46 1.53 -0.52
N PHE B 862 37.38 2.38 -1.00
CA PHE B 862 37.24 3.82 -0.77
C PHE B 862 36.01 4.37 -1.48
N ILE B 863 35.79 3.96 -2.74
CA ILE B 863 34.62 4.42 -3.47
C ILE B 863 33.35 3.96 -2.76
N PHE B 864 33.31 2.69 -2.35
CA PHE B 864 32.14 2.16 -1.67
C PHE B 864 31.92 2.88 -0.34
N GLY B 865 32.99 3.21 0.36
CA GLY B 865 32.86 3.90 1.63
C GLY B 865 32.31 5.30 1.46
N LEU B 866 32.79 6.03 0.45
CA LEU B 866 32.25 7.36 0.19
C LEU B 866 30.77 7.27 -0.15
N GLN B 867 30.40 6.33 -1.03
CA GLN B 867 28.99 6.18 -1.40
C GLN B 867 28.15 5.81 -0.18
N ASP B 868 28.66 4.91 0.66
CA ASP B 868 27.91 4.49 1.85
C ASP B 868 27.77 5.63 2.84
N GLU B 869 28.81 6.46 2.98
CA GLU B 869 28.72 7.61 3.88
C GLU B 869 27.65 8.58 3.40
N LEU B 870 27.63 8.87 2.10
CA LEU B 870 26.60 9.75 1.56
C LEU B 870 25.21 9.17 1.78
N LYS B 871 25.05 7.87 1.49
CA LYS B 871 23.75 7.23 1.66
C LYS B 871 23.34 7.24 3.12
N GLU B 872 24.28 6.99 4.03
CA GLU B 872 23.96 6.99 5.45
C GLU B 872 23.54 8.37 5.93
N LEU B 873 24.22 9.42 5.45
CA LEU B 873 23.81 10.77 5.83
C LEU B 873 22.39 11.06 5.33
N GLN B 874 22.11 10.72 4.08
CA GLN B 874 20.77 10.96 3.55
C GLN B 874 19.73 10.16 4.33
N LEU B 875 20.03 8.90 4.64
CA LEU B 875 19.08 8.06 5.36
C LEU B 875 18.86 8.59 6.78
N GLU B 876 19.92 9.07 7.43
CA GLU B 876 19.77 9.64 8.76
C GLU B 876 18.89 10.87 8.74
N LYS B 877 19.08 11.75 7.75
CA LYS B 877 18.24 12.93 7.64
C LYS B 877 16.77 12.53 7.42
N GLU B 878 16.54 11.58 6.50
CA GLU B 878 15.18 11.13 6.23
C GLU B 878 14.55 10.50 7.47
N SER B 879 15.33 9.70 8.19
CA SER B 879 14.80 9.05 9.40
C SER B 879 14.46 10.08 10.47
N VAL B 880 15.31 11.10 10.63
CA VAL B 880 15.01 12.15 11.61
C VAL B 880 13.71 12.86 11.24
N GLU B 881 13.56 13.21 9.96
CA GLU B 881 12.34 13.88 9.53
C GLU B 881 11.12 12.99 9.75
N LYS B 882 11.22 11.71 9.40
CA LYS B 882 10.10 10.79 9.58
C LYS B 882 9.75 10.62 11.05
N GLN B 883 10.77 10.52 11.91
CA GLN B 883 10.51 10.38 13.34
C GLN B 883 9.82 11.62 13.89
N HIS B 884 10.27 12.81 13.48
CA HIS B 884 9.61 14.03 13.93
C HIS B 884 8.16 14.06 13.48
N GLU B 885 7.90 13.72 12.21
CA GLU B 885 6.53 13.72 11.71
C GLU B 885 5.67 12.71 12.45
N ASN B 886 6.21 11.51 12.71
CA ASN B 886 5.46 10.48 13.41
C ASN B 886 5.14 10.91 14.84
N ALA B 887 6.12 11.53 15.51
CA ALA B 887 5.87 12.01 16.87
C ALA B 887 4.79 13.08 16.88
N VAL B 888 4.83 14.01 15.92
CA VAL B 888 3.81 15.05 15.86
C VAL B 888 2.44 14.43 15.63
N LEU B 889 2.36 13.47 14.70
CA LEU B 889 1.08 12.84 14.41
C LEU B 889 0.56 12.08 15.61
N GLU B 890 1.43 11.35 16.31
CA GLU B 890 1.01 10.61 17.48
C GLU B 890 0.51 11.54 18.58
N LEU B 891 1.23 12.64 18.80
CA LEU B 891 0.78 13.61 19.80
C LEU B 891 -0.58 14.18 19.45
N GLY B 892 -0.77 14.54 18.17
CA GLY B 892 -2.07 15.06 17.75
C GLY B 892 -3.19 14.05 17.94
N THR B 893 -2.94 12.80 17.55
CA THR B 893 -3.95 11.76 17.71
C THR B 893 -4.29 11.53 19.18
N VAL B 894 -3.27 11.50 20.05
CA VAL B 894 -3.51 11.29 21.47
C VAL B 894 -4.33 12.45 22.04
N GLN B 895 -3.98 13.68 21.66
CA GLN B 895 -4.73 14.84 22.15
C GLN B 895 -6.18 14.77 21.67
N ARG B 896 -6.39 14.41 20.41
CA ARG B 896 -7.75 14.31 19.88
C ARG B 896 -8.55 13.25 20.62
N GLU B 897 -7.93 12.08 20.87
CA GLU B 897 -8.62 11.02 21.58
C GLU B 897 -8.97 11.44 23.00
N ILE B 898 -8.05 12.10 23.69
CA ILE B 898 -8.31 12.55 25.06
C ILE B 898 -9.45 13.56 25.06
N GLU B 899 -9.42 14.51 24.12
CA GLU B 899 -10.48 15.51 24.04
C GLU B 899 -11.83 14.85 23.76
N SER B 900 -11.85 13.87 22.86
CA SER B 900 -13.11 13.19 22.54
C SER B 900 -13.64 12.45 23.76
N LEU B 901 -12.76 11.76 24.49
CA LEU B 901 -13.20 11.04 25.68
C LEU B 901 -13.74 12.00 26.74
N ILE B 902 -13.05 13.12 26.95
CA ILE B 902 -13.51 14.09 27.94
C ILE B 902 -14.86 14.66 27.54
N ALA B 903 -15.02 14.98 26.25
CA ALA B 903 -16.29 15.52 25.78
C ALA B 903 -17.40 14.50 25.94
N GLU B 904 -17.12 13.23 25.65
CA GLU B 904 -18.14 12.20 25.81
C GLU B 904 -18.55 12.05 27.28
N GLU B 905 -17.58 12.05 28.19
CA GLU B 905 -17.92 11.94 29.60
C GLU B 905 -18.74 13.13 30.08
N THR B 906 -18.34 14.35 29.67
CA THR B 906 -19.08 15.53 30.06
C THR B 906 -20.50 15.50 29.50
N ASN B 907 -20.64 15.07 28.24
CA ASN B 907 -21.97 14.98 27.63
C ASN B 907 -22.83 13.97 28.35
N ASN B 908 -22.26 12.83 28.74
CA ASN B 908 -23.04 11.83 29.47
C ASN B 908 -23.50 12.37 30.80
N LYS B 909 -22.60 13.04 31.54
CA LYS B 909 -22.99 13.61 32.83
C LYS B 909 -24.09 14.66 32.66
N LYS B 910 -23.93 15.54 31.66
CA LYS B 910 -24.93 16.57 31.43
C LYS B 910 -26.26 15.94 31.04
N LEU B 911 -26.24 14.89 30.23
CA LEU B 911 -27.47 14.22 29.83
C LEU B 911 -28.16 13.59 31.03
N LEU B 912 -27.40 12.96 31.93
CA LEU B 912 -28.00 12.38 33.12
C LEU B 912 -28.63 13.46 33.99
N GLU B 913 -27.92 14.57 34.20
CA GLU B 913 -28.47 15.66 35.00
C GLU B 913 -29.73 16.23 34.36
N LYS B 914 -29.70 16.41 33.04
CA LYS B 914 -30.87 16.95 32.34
C LYS B 914 -32.05 15.98 32.43
N ALA B 915 -31.79 14.67 32.34
CA ALA B 915 -32.87 13.71 32.48
C ALA B 915 -33.49 13.77 33.86
N ASN B 916 -32.66 13.87 34.90
CA ASN B 916 -33.20 13.97 36.25
C ASN B 916 -34.03 15.25 36.41
N ASN B 917 -33.51 16.37 35.92
CA ASN B 917 -34.24 17.62 36.01
C ASN B 917 -35.55 17.56 35.24
N GLN B 918 -35.54 16.95 34.06
CA GLN B 918 -36.76 16.81 33.28
C GLN B 918 -37.78 15.94 33.97
N GLN B 919 -37.32 14.85 34.62
CA GLN B 919 -38.25 14.01 35.37
C GLN B 919 -38.89 14.80 36.50
N ARG B 920 -38.08 15.56 37.24
CA ARG B 920 -38.63 16.36 38.33
C ARG B 920 -39.63 17.40 37.80
N LEU B 921 -39.28 18.07 36.70
CA LEU B 921 -40.17 19.07 36.13
C LEU B 921 -41.47 18.44 35.63
N LEU B 922 -41.38 17.25 35.04
CA LEU B 922 -42.58 16.56 34.57
C LEU B 922 -43.47 16.19 35.74
N LEU B 923 -42.88 15.71 36.84
CA LEU B 923 -43.69 15.40 38.02
C LEU B 923 -44.38 16.65 38.54
N LYS B 924 -43.64 17.76 38.63
CA LYS B 924 -44.24 19.01 39.11
C LYS B 924 -45.36 19.47 38.18
N LYS B 925 -45.15 19.37 36.87
CA LYS B 925 -46.17 19.79 35.91
C LYS B 925 -47.40 18.90 36.01
N LEU B 926 -47.22 17.59 36.21
CA LEU B 926 -48.35 16.70 36.39
C LEU B 926 -49.14 17.06 37.63
N ASP B 927 -48.44 17.35 38.74
CA ASP B 927 -49.14 17.76 39.96
C ASP B 927 -49.91 19.05 39.73
N ASN B 928 -49.30 20.03 39.05
CA ASN B 928 -49.98 21.28 38.78
C ASN B 928 -51.20 21.07 37.89
N PHE B 929 -51.08 20.20 36.89
CA PHE B 929 -52.21 19.92 36.01
C PHE B 929 -53.34 19.25 36.77
N GLN B 930 -53.02 18.31 37.66
CA GLN B 930 -54.04 17.67 38.47
C GLN B 930 -54.74 18.69 39.36
N LYS B 931 -53.97 19.60 39.97
CA LYS B 931 -54.58 20.63 40.80
C LYS B 931 -55.49 21.53 39.97
N SER B 932 -55.05 21.90 38.76
CA SER B 932 -55.87 22.74 37.89
C SER B 932 -57.15 22.03 37.50
N VAL B 933 -57.07 20.73 37.20
CA VAL B 933 -58.25 19.97 36.84
C VAL B 933 -59.24 19.91 38.00
N GLU B 934 -58.72 19.68 39.21
CA GLU B 934 -59.58 19.66 40.39
C GLU B 934 -60.25 21.02 40.59
N LYS B 935 -59.49 22.11 40.42
CA LYS B 935 -60.05 23.44 40.56
C LYS B 935 -61.14 23.69 39.51
N THR B 936 -60.90 23.25 38.27
CA THR B 936 -61.90 23.43 37.22
C THR B 936 -63.16 22.66 37.53
N MET B 937 -63.02 21.43 38.02
CA MET B 937 -64.20 20.64 38.40
C MET B 937 -64.96 21.32 39.53
N ILE B 938 -64.25 21.83 40.52
CA ILE B 938 -64.91 22.54 41.62
C ILE B 938 -65.64 23.77 41.10
N LYS B 939 -65.02 24.51 40.18
CA LYS B 939 -65.66 25.69 39.62
C LYS B 939 -66.91 25.31 38.85
N LYS B 940 -66.86 24.22 38.08
CA LYS B 940 -68.03 23.78 37.34
C LYS B 940 -69.16 23.39 38.30
N THR B 941 -68.83 22.67 39.37
CA THR B 941 -69.85 22.31 40.35
C THR B 941 -70.46 23.55 41.00
N THR B 942 -69.61 24.52 41.34
CA THR B 942 -70.11 25.76 41.95
C THR B 942 -71.02 26.51 40.98
N LEU B 943 -70.63 26.56 39.70
CA LEU B 943 -71.47 27.24 38.71
C LEU B 943 -72.81 26.53 38.55
N VAL B 944 -72.81 25.19 38.55
CA VAL B 944 -74.06 24.44 38.45
C VAL B 944 -74.95 24.74 39.65
N THR B 945 -74.35 24.74 40.85
CA THR B 945 -75.12 25.04 42.06
C THR B 945 -75.68 26.45 42.01
N ARG B 946 -74.88 27.42 41.55
CA ARG B 946 -75.36 28.79 41.48
C ARG B 946 -76.51 28.92 40.49
N ARG B 947 -76.41 28.25 39.34
CA ARG B 947 -77.49 28.28 38.37
C ARG B 947 -78.76 27.66 38.95
N GLU B 948 -78.61 26.52 39.65
CA GLU B 948 -79.78 25.90 40.26
C GLU B 948 -80.42 26.81 41.29
N GLU B 949 -79.60 27.48 42.11
CA GLU B 949 -80.15 28.41 43.11
C GLU B 949 -80.86 29.58 42.44
N LEU B 950 -80.25 30.13 41.38
CA LEU B 950 -80.86 31.25 40.68
C LEU B 950 -82.12 30.84 39.91
N GLN B 951 -82.30 29.54 39.64
CA GLN B 951 -83.50 29.09 38.96
C GLN B 951 -84.76 29.49 39.71
N GLN B 952 -84.68 29.60 41.04
CA GLN B 952 -85.81 30.00 41.86
C GLN B 952 -85.91 31.52 41.94
#